data_8QMF
#
_entry.id   8QMF
#
_cell.length_a   69.230
_cell.length_b   75.480
_cell.length_c   130.390
_cell.angle_alpha   90.000
_cell.angle_beta   99.870
_cell.angle_gamma   90.000
#
_symmetry.space_group_name_H-M   'P 1 21 1'
#
loop_
_entity.id
_entity.type
_entity.pdbx_description
1 polymer 'Transketolase 2'
2 non-polymer 'THIAMINE DIPHOSPHATE'
3 non-polymer 1,2-ETHANEDIOL
4 non-polymer 'MAGNESIUM ION'
5 non-polymer 'NICKEL (II) ION'
6 water water
#
_entity_poly.entity_id   1
_entity_poly.type   'polypeptide(L)'
_entity_poly.pdbx_seq_one_letter_code
;MDRKHLANAIRALSMDGVQKANSGHPGAPMGMADIAEVLWRGHLNHNPSNPEWADRDRFVLSNGHGSMLIYSLLHLSGYE
LSIDDLKNFRQLHSKTPGHPEYGYAPGIETTTGPLGQGITNAVGMAMAEKALAAQFNKEGHDIVDHFTYVFMGDGCLMEG
ISHEACSLAGTLGLGKLIAFWDDNGISIDGHVEGWFSDDTPKRFEAYGWHVIPAVDGHNAEAINAAIEAAKADPRPTLIC
TKTIIGFGSPNKSGSHDCHGAPLGAEEIAATRKELGWEHGPFEIPQEVYAEWSAKEAGAAKEAAWNEKFAAYEAAYPELA
AEFKRRVNGELPAQWEEKANQIIADLQANPANIASRKASQNALEAFGKMLPEFMGGSADLAPSNLTMWSGSKSLEASDFS
GNYIHYGVREFGMTAIMNGIALHGGFVPYGATFLMFMEYARNAMRMAALMKVQNIQVYTHDSIGLGEDGPTHQPVEQIAS
LRLTPNMSTWRPCDQVESAVAWKLAIERKDGPSALIFSRQNLAQQERTAEQVADIAKGGYILKDSDGKPELILIATGSEV
ELAVKAAEQLTAEGKKVRVVSMPATDAFDKQDAAYRESVLPSDVTARIAIEAGITDFWYKYVGFDGRIIGMTTFGESAPA
DQLFEMFGFTVENVVNTAKELLAENLYFQGLEHHHHHH
;
_entity_poly.pdbx_strand_id   A,B
#
loop_
_chem_comp.id
_chem_comp.type
_chem_comp.name
_chem_comp.formula
EDO non-polymer 1,2-ETHANEDIOL 'C2 H6 O2'
MG non-polymer 'MAGNESIUM ION' 'Mg 2'
NI non-polymer 'NICKEL (II) ION' 'Ni 2'
TPP non-polymer 'THIAMINE DIPHOSPHATE' 'C12 H19 N4 O7 P2 S 1'
#
# COMPACT_ATOMS: atom_id res chain seq x y z
N MET A 1 -37.69 -29.61 -10.82
CA MET A 1 -37.52 -28.37 -11.56
C MET A 1 -36.37 -28.41 -12.54
N ASP A 2 -36.50 -27.64 -13.63
CA ASP A 2 -35.36 -27.38 -14.49
C ASP A 2 -34.28 -26.61 -13.71
N ARG A 3 -33.03 -27.01 -13.93
CA ARG A 3 -31.89 -26.36 -13.28
C ARG A 3 -31.85 -24.86 -13.57
N LYS A 4 -32.10 -24.47 -14.83
CA LYS A 4 -31.99 -23.08 -15.25
C LYS A 4 -32.94 -22.17 -14.47
N HIS A 5 -34.09 -22.70 -14.06
CA HIS A 5 -35.08 -21.90 -13.33
C HIS A 5 -34.58 -21.56 -11.93
N LEU A 6 -33.91 -22.50 -11.27
CA LEU A 6 -33.34 -22.23 -9.96
C LEU A 6 -32.23 -21.19 -10.07
N ALA A 7 -31.43 -21.26 -11.14
CA ALA A 7 -30.41 -20.23 -11.36
C ALA A 7 -31.04 -18.89 -11.62
N ASN A 8 -32.14 -18.86 -12.38
CA ASN A 8 -32.76 -17.59 -12.72
C ASN A 8 -33.37 -16.91 -11.52
N ALA A 9 -33.71 -17.67 -10.47
CA ALA A 9 -34.11 -17.05 -9.22
C ALA A 9 -33.00 -16.16 -8.67
N ILE A 10 -31.74 -16.53 -8.90
CA ILE A 10 -30.63 -15.65 -8.51
C ILE A 10 -30.66 -14.38 -9.35
N ARG A 11 -30.82 -14.54 -10.66
CA ARG A 11 -30.82 -13.39 -11.56
C ARG A 11 -31.95 -12.44 -11.22
N ALA A 12 -33.14 -12.99 -10.95
CA ALA A 12 -34.28 -12.14 -10.65
C ALA A 12 -34.05 -11.32 -9.38
N LEU A 13 -33.72 -11.99 -8.27
CA LEU A 13 -33.48 -11.31 -7.00
C LEU A 13 -32.36 -10.28 -7.10
N SER A 14 -31.30 -10.61 -7.85
CA SER A 14 -30.16 -9.71 -7.98
C SER A 14 -30.54 -8.43 -8.70
N MET A 15 -31.21 -8.54 -9.86
CA MET A 15 -31.54 -7.34 -10.60
C MET A 15 -32.65 -6.56 -9.90
N ASP A 16 -33.57 -7.24 -9.22
CA ASP A 16 -34.60 -6.53 -8.47
C ASP A 16 -34.01 -5.83 -7.25
N GLY A 17 -33.02 -6.45 -6.61
CA GLY A 17 -32.41 -5.81 -5.46
C GLY A 17 -31.61 -4.57 -5.84
N VAL A 18 -30.92 -4.65 -6.97
CA VAL A 18 -30.19 -3.49 -7.49
C VAL A 18 -31.17 -2.40 -7.88
N GLN A 19 -32.28 -2.76 -8.54
CA GLN A 19 -33.21 -1.74 -9.01
C GLN A 19 -33.85 -1.00 -7.87
N LYS A 20 -34.28 -1.72 -6.82
CA LYS A 20 -34.89 -1.04 -5.69
C LYS A 20 -33.93 -0.08 -5.03
N ALA A 21 -32.65 -0.47 -4.91
CA ALA A 21 -31.65 0.41 -4.33
C ALA A 21 -31.25 1.54 -5.27
N ASN A 22 -31.54 1.41 -6.57
CA ASN A 22 -31.02 2.32 -7.59
C ASN A 22 -29.51 2.44 -7.49
N SER A 23 -28.85 1.31 -7.28
CA SER A 23 -27.42 1.30 -6.99
C SER A 23 -26.95 -0.14 -6.92
N GLY A 24 -25.75 -0.40 -7.42
CA GLY A 24 -25.17 -1.72 -7.34
C GLY A 24 -24.94 -2.35 -8.71
N HIS A 25 -24.45 -3.58 -8.67
CA HIS A 25 -23.82 -4.24 -9.81
C HIS A 25 -24.57 -5.51 -10.15
N PRO A 26 -25.46 -5.48 -11.14
CA PRO A 26 -26.21 -6.69 -11.50
C PRO A 26 -25.49 -7.59 -12.46
N GLY A 27 -24.47 -7.09 -13.15
CA GLY A 27 -23.84 -7.86 -14.21
C GLY A 27 -23.24 -9.19 -13.78
N ALA A 28 -22.33 -9.17 -12.81
CA ALA A 28 -21.64 -10.39 -12.43
C ALA A 28 -22.56 -11.41 -11.76
N PRO A 29 -23.51 -11.01 -10.90
CA PRO A 29 -24.48 -11.99 -10.40
C PRO A 29 -25.20 -12.74 -11.50
N MET A 30 -25.71 -11.99 -12.49
CA MET A 30 -26.39 -12.62 -13.62
C MET A 30 -25.43 -13.49 -14.44
N GLY A 31 -24.17 -13.08 -14.53
CA GLY A 31 -23.20 -13.87 -15.26
C GLY A 31 -22.88 -15.19 -14.60
N MET A 32 -22.79 -15.21 -13.27
CA MET A 32 -22.35 -16.42 -12.58
C MET A 32 -23.48 -17.22 -11.93
N ALA A 33 -24.74 -16.89 -12.23
CA ALA A 33 -25.84 -17.57 -11.54
C ALA A 33 -25.82 -19.08 -11.79
N ASP A 34 -25.46 -19.53 -13.02
CA ASP A 34 -25.44 -20.97 -13.27
C ASP A 34 -24.33 -21.67 -12.50
N ILE A 35 -23.14 -21.06 -12.45
CA ILE A 35 -22.04 -21.65 -11.69
C ILE A 35 -22.43 -21.75 -10.23
N ALA A 36 -23.05 -20.70 -9.70
CA ALA A 36 -23.41 -20.67 -8.29
C ALA A 36 -24.45 -21.74 -7.97
N GLU A 37 -25.44 -21.92 -8.84
CA GLU A 37 -26.47 -22.93 -8.59
C GLU A 37 -25.87 -24.32 -8.53
N VAL A 38 -25.01 -24.65 -9.48
CA VAL A 38 -24.37 -25.97 -9.48
C VAL A 38 -23.51 -26.15 -8.22
N LEU A 39 -22.69 -25.16 -7.89
CA LEU A 39 -21.83 -25.29 -6.73
C LEU A 39 -22.64 -25.41 -5.46
N TRP A 40 -23.58 -24.49 -5.25
CA TRP A 40 -24.26 -24.44 -3.97
C TRP A 40 -25.20 -25.64 -3.81
N ARG A 41 -26.02 -25.93 -4.83
CA ARG A 41 -27.01 -26.99 -4.68
C ARG A 41 -26.41 -28.39 -4.88
N GLY A 42 -25.31 -28.50 -5.62
CA GLY A 42 -24.77 -29.82 -5.94
C GLY A 42 -23.51 -30.25 -5.21
N HIS A 43 -22.82 -29.33 -4.53
CA HIS A 43 -21.53 -29.65 -3.91
C HIS A 43 -21.26 -28.98 -2.56
N LEU A 44 -21.73 -27.77 -2.32
CA LEU A 44 -21.37 -27.04 -1.11
C LEU A 44 -21.92 -27.74 0.12
N ASN A 45 -21.03 -28.07 1.06
CA ASN A 45 -21.44 -28.65 2.34
C ASN A 45 -21.46 -27.56 3.40
N HIS A 46 -22.66 -27.20 3.84
CA HIS A 46 -22.87 -26.08 4.74
C HIS A 46 -24.21 -26.28 5.44
N ASN A 47 -24.39 -25.60 6.58
CA ASN A 47 -25.62 -25.66 7.35
C ASN A 47 -26.16 -24.26 7.56
N PRO A 48 -27.20 -23.85 6.82
CA PRO A 48 -27.83 -22.54 7.03
C PRO A 48 -28.20 -22.25 8.47
N SER A 49 -28.48 -23.28 9.27
CA SER A 49 -28.89 -23.04 10.66
C SER A 49 -27.71 -22.82 11.59
N ASN A 50 -26.51 -23.21 11.18
CA ASN A 50 -25.29 -22.93 11.93
C ASN A 50 -24.19 -22.48 10.97
N PRO A 51 -24.17 -21.19 10.62
CA PRO A 51 -23.09 -20.66 9.78
C PRO A 51 -21.71 -20.80 10.42
N GLU A 52 -21.64 -21.17 11.69
CA GLU A 52 -20.37 -21.31 12.38
C GLU A 52 -19.89 -22.75 12.45
N TRP A 53 -20.65 -23.71 11.91
CA TRP A 53 -20.21 -25.10 11.91
C TRP A 53 -18.77 -25.21 11.44
N ALA A 54 -17.94 -25.89 12.26
CA ALA A 54 -16.50 -25.87 12.05
C ALA A 54 -16.08 -26.54 10.75
N ASP A 55 -16.80 -27.57 10.29
CA ASP A 55 -16.34 -28.31 9.13
C ASP A 55 -17.08 -27.92 7.85
N ARG A 56 -17.80 -26.80 7.85
CA ARG A 56 -18.45 -26.31 6.65
C ARG A 56 -17.42 -25.94 5.58
N ASP A 57 -17.79 -26.15 4.33
CA ASP A 57 -17.04 -25.54 3.25
C ASP A 57 -17.07 -24.02 3.39
N ARG A 58 -16.02 -23.37 2.91
CA ARG A 58 -15.92 -21.92 2.87
C ARG A 58 -16.12 -21.45 1.44
N PHE A 59 -17.04 -20.50 1.26
CA PHE A 59 -17.25 -19.82 -0.02
C PHE A 59 -16.86 -18.35 0.12
N VAL A 60 -16.16 -17.84 -0.89
CA VAL A 60 -15.69 -16.46 -0.91
C VAL A 60 -16.04 -15.86 -2.26
N LEU A 61 -16.74 -14.73 -2.23
CA LEU A 61 -17.00 -13.93 -3.42
C LEU A 61 -15.91 -12.87 -3.50
N SER A 62 -14.86 -13.13 -4.30
CA SER A 62 -13.77 -12.18 -4.41
C SER A 62 -14.11 -10.98 -5.29
N ASN A 63 -14.95 -11.17 -6.33
CA ASN A 63 -15.50 -10.04 -7.07
C ASN A 63 -16.66 -9.44 -6.28
N GLY A 64 -16.33 -8.81 -5.15
CA GLY A 64 -17.32 -8.47 -4.14
C GLY A 64 -18.43 -7.55 -4.62
N HIS A 65 -18.22 -6.79 -5.69
CA HIS A 65 -19.25 -5.86 -6.13
C HIS A 65 -20.52 -6.56 -6.57
N GLY A 66 -20.43 -7.83 -6.99
CA GLY A 66 -21.61 -8.61 -7.31
C GLY A 66 -22.28 -9.15 -6.05
N SER A 67 -22.40 -8.29 -5.04
CA SER A 67 -22.85 -8.73 -3.72
C SER A 67 -24.25 -9.33 -3.73
N MET A 68 -25.11 -8.91 -4.66
CA MET A 68 -26.44 -9.53 -4.71
C MET A 68 -26.38 -11.01 -5.03
N LEU A 69 -25.26 -11.51 -5.58
CA LEU A 69 -25.13 -12.95 -5.81
C LEU A 69 -25.08 -13.69 -4.48
N ILE A 70 -24.22 -13.24 -3.55
CA ILE A 70 -24.11 -14.00 -2.31
C ILE A 70 -25.33 -13.78 -1.44
N TYR A 71 -25.94 -12.58 -1.49
CA TYR A 71 -27.17 -12.37 -0.72
C TYR A 71 -28.32 -13.21 -1.27
N SER A 72 -28.38 -13.39 -2.59
CA SER A 72 -29.38 -14.27 -3.17
C SER A 72 -29.17 -15.70 -2.70
N LEU A 73 -27.92 -16.17 -2.79
CA LEU A 73 -27.59 -17.54 -2.38
C LEU A 73 -27.97 -17.78 -0.92
N LEU A 74 -27.61 -16.84 -0.05
CA LEU A 74 -27.90 -17.02 1.37
C LEU A 74 -29.40 -17.08 1.62
N HIS A 75 -30.16 -16.17 1.03
CA HIS A 75 -31.61 -16.16 1.23
C HIS A 75 -32.24 -17.40 0.62
N LEU A 76 -31.91 -17.69 -0.65
CA LEU A 76 -32.49 -18.85 -1.33
C LEU A 76 -32.22 -20.16 -0.59
N SER A 77 -31.03 -20.32 -0.02
CA SER A 77 -30.68 -21.61 0.57
C SER A 77 -31.12 -21.75 2.03
N GLY A 78 -31.67 -20.71 2.64
CA GLY A 78 -32.28 -20.84 3.95
C GLY A 78 -31.58 -20.16 5.11
N TYR A 79 -30.63 -19.28 4.84
CA TYR A 79 -30.01 -18.53 5.93
C TYR A 79 -30.95 -17.48 6.47
N GLU A 80 -30.63 -16.97 7.66
CA GLU A 80 -31.40 -15.90 8.26
C GLU A 80 -31.14 -14.57 7.57
N LEU A 81 -31.44 -14.53 6.28
CA LEU A 81 -31.39 -13.30 5.50
C LEU A 81 -32.70 -13.27 4.71
N SER A 82 -33.59 -12.34 5.04
CA SER A 82 -34.97 -12.35 4.59
C SER A 82 -35.14 -11.62 3.26
N ILE A 83 -36.33 -11.74 2.70
CA ILE A 83 -36.69 -10.91 1.54
C ILE A 83 -36.60 -9.44 1.92
N ASP A 84 -37.05 -9.10 3.12
CA ASP A 84 -36.94 -7.70 3.56
C ASP A 84 -35.49 -7.23 3.60
N ASP A 85 -34.57 -8.12 3.99
CA ASP A 85 -33.15 -7.74 3.95
C ASP A 85 -32.71 -7.42 2.53
N LEU A 86 -33.09 -8.27 1.56
CA LEU A 86 -32.74 -8.01 0.17
C LEU A 86 -33.37 -6.72 -0.34
N LYS A 87 -34.57 -6.39 0.15
CA LYS A 87 -35.21 -5.12 -0.19
C LYS A 87 -34.52 -3.94 0.45
N ASN A 88 -33.54 -4.17 1.34
CA ASN A 88 -32.79 -3.10 1.98
C ASN A 88 -31.34 -3.07 1.52
N PHE A 89 -31.03 -3.71 0.40
CA PHE A 89 -29.74 -3.60 -0.25
C PHE A 89 -29.23 -2.17 -0.27
N ARG A 90 -28.03 -1.97 0.27
CA ARG A 90 -27.30 -0.71 0.21
C ARG A 90 -27.93 0.39 1.05
N GLN A 91 -28.84 0.04 1.95
CA GLN A 91 -29.54 1.01 2.77
C GLN A 91 -28.96 1.02 4.18
N LEU A 92 -29.06 2.17 4.84
CA LEU A 92 -28.39 2.40 6.12
C LEU A 92 -28.79 1.35 7.16
N HIS A 93 -27.78 0.72 7.76
CA HIS A 93 -27.88 -0.28 8.81
C HIS A 93 -28.47 -1.60 8.35
N SER A 94 -28.56 -1.82 7.04
CA SER A 94 -29.09 -3.10 6.57
C SER A 94 -28.06 -4.22 6.71
N LYS A 95 -28.57 -5.45 6.67
CA LYS A 95 -27.71 -6.64 6.63
C LYS A 95 -27.10 -6.87 5.26
N THR A 96 -27.41 -6.01 4.28
CA THR A 96 -27.02 -6.21 2.89
C THR A 96 -26.30 -4.96 2.37
N PRO A 97 -25.11 -4.64 2.92
CA PRO A 97 -24.36 -3.50 2.40
C PRO A 97 -23.88 -3.73 0.97
N GLY A 98 -23.50 -2.62 0.31
CA GLY A 98 -23.17 -2.66 -1.11
C GLY A 98 -22.04 -3.62 -1.45
N HIS A 99 -21.12 -3.83 -0.53
CA HIS A 99 -20.15 -4.91 -0.63
C HIS A 99 -20.26 -5.77 0.61
N PRO A 100 -20.10 -7.09 0.51
CA PRO A 100 -20.47 -7.95 1.64
C PRO A 100 -19.51 -7.78 2.79
N GLU A 101 -20.07 -7.76 4.01
CA GLU A 101 -19.30 -7.47 5.22
C GLU A 101 -19.41 -8.64 6.19
N TYR A 102 -18.27 -9.23 6.53
CA TYR A 102 -18.23 -10.24 7.57
C TYR A 102 -18.60 -9.65 8.92
N GLY A 103 -19.39 -10.41 9.68
CA GLY A 103 -19.65 -10.09 11.08
C GLY A 103 -21.11 -9.81 11.37
N TYR A 104 -21.87 -9.37 10.37
CA TYR A 104 -23.28 -9.08 10.53
C TYR A 104 -24.11 -10.13 9.82
N ALA A 105 -24.14 -10.12 8.48
CA ALA A 105 -24.96 -11.08 7.75
C ALA A 105 -24.45 -12.50 7.94
N PRO A 106 -25.32 -13.46 8.28
CA PRO A 106 -24.89 -14.85 8.43
C PRO A 106 -24.45 -15.44 7.10
N GLY A 107 -23.35 -16.17 7.11
CA GLY A 107 -22.84 -16.79 5.91
C GLY A 107 -21.76 -16.00 5.19
N ILE A 108 -21.58 -14.72 5.51
CA ILE A 108 -20.55 -13.92 4.86
C ILE A 108 -19.21 -14.27 5.53
N GLU A 109 -18.34 -14.97 4.78
CA GLU A 109 -17.09 -15.47 5.35
C GLU A 109 -15.97 -14.43 5.40
N THR A 110 -16.05 -13.38 4.60
CA THR A 110 -15.05 -12.31 4.65
C THR A 110 -15.68 -11.07 4.02
N THR A 111 -15.05 -9.94 4.28
CA THR A 111 -15.45 -8.68 3.66
C THR A 111 -14.64 -8.51 2.38
N THR A 112 -15.33 -8.29 1.25
CA THR A 112 -14.63 -8.10 -0.01
C THR A 112 -15.06 -6.79 -0.63
N GLY A 113 -14.53 -6.51 -1.83
CA GLY A 113 -14.75 -5.24 -2.48
C GLY A 113 -13.45 -4.69 -3.06
N PRO A 114 -12.44 -4.60 -2.23
CA PRO A 114 -11.08 -4.36 -2.76
C PRO A 114 -10.57 -5.58 -3.53
N LEU A 115 -10.46 -5.44 -4.85
CA LEU A 115 -10.15 -6.58 -5.71
C LEU A 115 -8.84 -7.26 -5.33
N GLY A 116 -8.82 -8.58 -5.49
CA GLY A 116 -7.67 -9.40 -5.21
C GLY A 116 -7.59 -9.92 -3.80
N GLN A 117 -8.21 -9.26 -2.83
CA GLN A 117 -8.03 -9.71 -1.46
C GLN A 117 -8.91 -10.91 -1.10
N GLY A 118 -10.07 -11.04 -1.74
CA GLY A 118 -10.92 -12.20 -1.48
C GLY A 118 -10.25 -13.52 -1.79
N ILE A 119 -9.70 -13.66 -3.01
CA ILE A 119 -8.98 -14.87 -3.38
C ILE A 119 -7.80 -15.08 -2.44
N THR A 120 -7.12 -13.99 -2.06
CA THR A 120 -6.02 -14.12 -1.12
C THR A 120 -6.52 -14.58 0.25
N ASN A 121 -7.64 -14.03 0.73
CA ASN A 121 -8.25 -14.54 1.95
C ASN A 121 -8.53 -16.04 1.84
N ALA A 122 -9.01 -16.47 0.68
CA ALA A 122 -9.36 -17.88 0.53
C ALA A 122 -8.14 -18.76 0.57
N VAL A 123 -7.03 -18.32 -0.02
CA VAL A 123 -5.75 -19.03 0.11
C VAL A 123 -5.45 -19.29 1.59
N GLY A 124 -5.56 -18.24 2.42
CA GLY A 124 -5.33 -18.42 3.85
C GLY A 124 -6.34 -19.35 4.49
N MET A 125 -7.60 -19.27 4.07
CA MET A 125 -8.61 -20.19 4.60
C MET A 125 -8.28 -21.64 4.24
N ALA A 126 -7.89 -21.89 2.99
CA ALA A 126 -7.45 -23.23 2.61
C ALA A 126 -6.18 -23.63 3.35
N MET A 127 -5.30 -22.66 3.62
CA MET A 127 -4.10 -22.97 4.41
C MET A 127 -4.49 -23.38 5.83
N ALA A 128 -5.45 -22.67 6.43
CA ALA A 128 -5.90 -23.02 7.77
C ALA A 128 -6.52 -24.41 7.82
N GLU A 129 -7.41 -24.73 6.88
CA GLU A 129 -7.99 -26.08 6.85
C GLU A 129 -6.89 -27.14 6.76
N LYS A 130 -5.94 -26.95 5.84
CA LYS A 130 -4.93 -27.97 5.63
C LYS A 130 -4.02 -28.14 6.84
N ALA A 131 -3.74 -27.05 7.56
CA ALA A 131 -2.91 -27.16 8.75
C ALA A 131 -3.68 -27.76 9.92
N LEU A 132 -4.94 -27.35 10.07
CA LEU A 132 -5.76 -27.91 11.13
C LEU A 132 -5.97 -29.42 10.91
N ALA A 133 -6.11 -29.83 9.64
CA ALA A 133 -6.19 -31.25 9.34
C ALA A 133 -4.91 -31.97 9.73
N ALA A 134 -3.75 -31.41 9.35
CA ALA A 134 -2.47 -32.04 9.66
C ALA A 134 -2.24 -32.10 11.17
N GLN A 135 -2.66 -31.07 11.90
CA GLN A 135 -2.41 -31.08 13.34
C GLN A 135 -3.39 -31.97 14.10
N PHE A 136 -4.58 -32.24 13.59
CA PHE A 136 -5.59 -32.92 14.39
C PHE A 136 -6.10 -34.24 13.82
N ASN A 137 -6.14 -34.41 12.50
CA ASN A 137 -6.72 -35.62 11.94
C ASN A 137 -5.90 -36.84 12.37
N LYS A 138 -6.60 -37.94 12.63
CA LYS A 138 -6.00 -39.23 12.97
C LYS A 138 -6.60 -40.32 12.08
N GLU A 139 -5.99 -41.50 12.09
CA GLU A 139 -6.50 -42.61 11.28
C GLU A 139 -7.96 -42.90 11.65
N GLY A 140 -8.80 -42.96 10.63
CA GLY A 140 -10.22 -43.16 10.86
C GLY A 140 -10.94 -42.02 11.56
N HIS A 141 -10.25 -40.88 11.81
CA HIS A 141 -10.86 -39.73 12.49
C HIS A 141 -10.39 -38.45 11.82
N ASP A 142 -10.91 -38.18 10.62
CA ASP A 142 -10.60 -36.96 9.90
C ASP A 142 -11.67 -35.92 10.22
N ILE A 143 -11.52 -35.28 11.39
CA ILE A 143 -12.53 -34.32 11.83
C ILE A 143 -12.46 -33.00 11.07
N VAL A 144 -11.39 -32.73 10.34
CA VAL A 144 -11.22 -31.53 9.53
C VAL A 144 -11.19 -31.96 8.08
N ASP A 145 -12.22 -31.59 7.32
CA ASP A 145 -12.26 -31.98 5.91
C ASP A 145 -13.27 -31.12 5.16
N HIS A 146 -12.85 -29.95 4.72
CA HIS A 146 -13.73 -29.10 3.94
C HIS A 146 -12.92 -28.41 2.85
N PHE A 147 -13.65 -27.83 1.90
CA PHE A 147 -13.08 -27.19 0.74
C PHE A 147 -13.25 -25.68 0.84
N THR A 148 -12.47 -24.97 0.03
CA THR A 148 -12.51 -23.52 -0.04
C THR A 148 -12.79 -23.17 -1.49
N TYR A 149 -13.95 -22.58 -1.74
CA TYR A 149 -14.41 -22.18 -3.07
C TYR A 149 -14.37 -20.66 -3.19
N VAL A 150 -13.90 -20.17 -4.33
CA VAL A 150 -13.79 -18.74 -4.58
C VAL A 150 -14.29 -18.45 -5.98
N PHE A 151 -15.13 -17.42 -6.10
CA PHE A 151 -15.45 -16.77 -7.37
C PHE A 151 -14.59 -15.52 -7.50
N MET A 152 -14.00 -15.32 -8.68
CA MET A 152 -13.23 -14.10 -8.88
C MET A 152 -13.32 -13.67 -10.34
N GLY A 153 -13.09 -12.38 -10.58
CA GLY A 153 -13.21 -11.81 -11.90
C GLY A 153 -11.87 -11.40 -12.46
N ASP A 154 -11.93 -10.72 -13.61
CA ASP A 154 -10.70 -10.25 -14.24
C ASP A 154 -9.97 -9.24 -13.37
N GLY A 155 -10.71 -8.41 -12.63
CA GLY A 155 -10.05 -7.43 -11.78
C GLY A 155 -9.14 -8.08 -10.76
N CYS A 156 -9.60 -9.18 -10.14
CA CYS A 156 -8.78 -9.88 -9.16
C CYS A 156 -7.54 -10.48 -9.81
N LEU A 157 -7.64 -10.92 -11.05
CA LEU A 157 -6.47 -11.52 -11.72
C LEU A 157 -5.49 -10.47 -12.22
N MET A 158 -5.96 -9.28 -12.61
CA MET A 158 -4.99 -8.25 -12.96
C MET A 158 -4.21 -7.79 -11.73
N GLU A 159 -4.84 -7.81 -10.55
CA GLU A 159 -4.17 -7.29 -9.36
C GLU A 159 -2.93 -8.10 -9.02
N GLY A 160 -1.88 -7.40 -8.60
CA GLY A 160 -0.65 -8.08 -8.25
C GLY A 160 -0.79 -9.07 -7.11
N ILE A 161 -1.70 -8.80 -6.17
CA ILE A 161 -1.84 -9.68 -5.02
C ILE A 161 -2.28 -11.08 -5.45
N SER A 162 -2.98 -11.21 -6.58
CA SER A 162 -3.35 -12.55 -7.03
C SER A 162 -2.11 -13.35 -7.40
N HIS A 163 -1.09 -12.68 -7.94
CA HIS A 163 0.19 -13.33 -8.18
C HIS A 163 0.82 -13.82 -6.87
N GLU A 164 0.82 -12.98 -5.83
CA GLU A 164 1.41 -13.40 -4.57
C GLU A 164 0.65 -14.59 -3.97
N ALA A 165 -0.68 -14.48 -3.90
CA ALA A 165 -1.47 -15.51 -3.26
C ALA A 165 -1.45 -16.83 -4.03
N CYS A 166 -1.57 -16.76 -5.36
CA CYS A 166 -1.72 -18.00 -6.10
C CYS A 166 -0.38 -18.68 -6.35
N SER A 167 0.69 -17.91 -6.49
CA SER A 167 2.02 -18.52 -6.57
C SER A 167 2.32 -19.32 -5.32
N LEU A 168 2.09 -18.73 -4.14
CA LEU A 168 2.37 -19.43 -2.89
C LEU A 168 1.44 -20.62 -2.70
N ALA A 169 0.16 -20.44 -3.05
CA ALA A 169 -0.81 -21.53 -2.95
C ALA A 169 -0.42 -22.71 -3.82
N GLY A 170 0.20 -22.45 -4.97
CA GLY A 170 0.74 -23.54 -5.78
C GLY A 170 1.88 -24.24 -5.09
N THR A 171 2.86 -23.46 -4.60
CA THR A 171 4.00 -24.01 -3.87
C THR A 171 3.56 -24.86 -2.70
N LEU A 172 2.44 -24.51 -2.06
CA LEU A 172 2.04 -25.21 -0.85
C LEU A 172 1.06 -26.36 -1.12
N GLY A 173 0.68 -26.57 -2.39
CA GLY A 173 -0.18 -27.67 -2.74
C GLY A 173 -1.54 -27.64 -2.08
N LEU A 174 -2.22 -26.49 -2.16
CA LEU A 174 -3.55 -26.34 -1.54
C LEU A 174 -4.62 -26.93 -2.47
N GLY A 175 -4.65 -28.26 -2.52
CA GLY A 175 -5.56 -28.96 -3.43
C GLY A 175 -7.04 -28.79 -3.13
N LYS A 176 -7.39 -28.39 -1.92
CA LYS A 176 -8.79 -28.19 -1.58
C LYS A 176 -9.26 -26.76 -1.83
N LEU A 177 -8.42 -25.95 -2.45
CA LEU A 177 -8.82 -24.62 -2.91
C LEU A 177 -9.32 -24.74 -4.34
N ILE A 178 -10.54 -24.30 -4.60
CA ILE A 178 -11.13 -24.42 -5.94
C ILE A 178 -11.67 -23.04 -6.32
N ALA A 179 -11.01 -22.41 -7.29
CA ALA A 179 -11.33 -21.05 -7.69
C ALA A 179 -11.99 -21.06 -9.06
N PHE A 180 -13.07 -20.30 -9.19
CA PHE A 180 -13.78 -20.09 -10.44
C PHE A 180 -13.47 -18.69 -10.92
N TRP A 181 -12.87 -18.58 -12.11
CA TRP A 181 -12.59 -17.29 -12.72
C TRP A 181 -13.74 -16.94 -13.65
N ASP A 182 -14.39 -15.80 -13.39
CA ASP A 182 -15.49 -15.31 -14.22
C ASP A 182 -14.93 -14.67 -15.48
N ASP A 183 -14.73 -15.49 -16.50
CA ASP A 183 -14.04 -15.05 -17.71
C ASP A 183 -15.09 -14.51 -18.68
N ASN A 184 -15.40 -13.22 -18.53
CA ASN A 184 -16.47 -12.61 -19.33
C ASN A 184 -15.95 -11.52 -20.26
N GLY A 185 -14.64 -11.32 -20.35
CA GLY A 185 -14.06 -10.40 -21.31
C GLY A 185 -14.33 -8.94 -21.07
N ILE A 186 -14.88 -8.57 -19.93
CA ILE A 186 -15.32 -7.20 -19.66
C ILE A 186 -14.75 -6.75 -18.32
N SER A 187 -14.32 -5.48 -18.27
CA SER A 187 -14.11 -4.76 -17.00
C SER A 187 -14.71 -3.37 -17.17
N ILE A 188 -14.44 -2.47 -16.22
CA ILE A 188 -15.13 -1.19 -16.20
C ILE A 188 -14.81 -0.35 -17.44
N ASP A 189 -13.54 -0.33 -17.86
CA ASP A 189 -13.19 0.44 -19.04
C ASP A 189 -13.81 -0.13 -20.33
N GLY A 190 -14.28 -1.38 -20.31
CA GLY A 190 -14.90 -1.98 -21.48
C GLY A 190 -14.34 -3.34 -21.85
N HIS A 191 -14.17 -3.62 -23.14
CA HIS A 191 -13.58 -4.89 -23.56
C HIS A 191 -12.10 -4.93 -23.18
N VAL A 192 -11.69 -5.97 -22.46
CA VAL A 192 -10.41 -5.91 -21.75
C VAL A 192 -9.18 -6.13 -22.62
N GLU A 193 -9.35 -6.43 -23.92
CA GLU A 193 -8.22 -6.87 -24.74
C GLU A 193 -7.10 -5.83 -24.81
N GLY A 194 -7.44 -4.54 -24.74
CA GLY A 194 -6.43 -3.49 -24.73
C GLY A 194 -5.59 -3.41 -23.46
N TRP A 195 -6.01 -4.04 -22.37
CA TRP A 195 -5.25 -3.94 -21.14
C TRP A 195 -5.09 -5.25 -20.38
N PHE A 196 -5.73 -6.34 -20.81
CA PHE A 196 -5.65 -7.61 -20.11
C PHE A 196 -5.63 -8.70 -21.18
N SER A 197 -4.42 -9.22 -21.46
CA SER A 197 -4.29 -10.23 -22.51
C SER A 197 -3.40 -11.40 -22.10
N ASP A 198 -3.23 -11.66 -20.80
CA ASP A 198 -2.47 -12.84 -20.38
C ASP A 198 -3.07 -14.11 -20.96
N ASP A 199 -2.21 -15.12 -21.13
CA ASP A 199 -2.66 -16.50 -21.21
C ASP A 199 -2.90 -16.97 -19.78
N THR A 200 -4.11 -16.74 -19.28
CA THR A 200 -4.37 -16.98 -17.86
C THR A 200 -4.23 -18.45 -17.47
N PRO A 201 -4.76 -19.42 -18.26
CA PRO A 201 -4.48 -20.84 -17.93
C PRO A 201 -2.99 -21.16 -17.84
N LYS A 202 -2.19 -20.65 -18.79
CA LYS A 202 -0.75 -20.91 -18.74
C LYS A 202 -0.12 -20.25 -17.52
N ARG A 203 -0.57 -19.03 -17.19
CA ARG A 203 -0.07 -18.36 -15.99
C ARG A 203 -0.23 -19.25 -14.76
N PHE A 204 -1.43 -19.81 -14.58
CA PHE A 204 -1.70 -20.61 -13.39
C PHE A 204 -1.05 -21.97 -13.47
N GLU A 205 -0.91 -22.51 -14.68
CA GLU A 205 -0.09 -23.70 -14.83
C GLU A 205 1.31 -23.45 -14.30
N ALA A 206 1.87 -22.28 -14.62
CA ALA A 206 3.19 -21.91 -14.11
C ALA A 206 3.23 -21.85 -12.60
N TYR A 207 2.09 -21.63 -11.94
CA TYR A 207 2.03 -21.67 -10.49
C TYR A 207 1.91 -23.09 -9.94
N GLY A 208 1.93 -24.11 -10.78
CA GLY A 208 1.69 -25.45 -10.28
C GLY A 208 0.24 -25.74 -9.97
N TRP A 209 -0.69 -24.98 -10.55
CA TRP A 209 -2.10 -25.22 -10.33
C TRP A 209 -2.63 -26.24 -11.33
N HIS A 210 -3.73 -26.88 -10.96
CA HIS A 210 -4.56 -27.65 -11.87
C HIS A 210 -5.52 -26.69 -12.58
N VAL A 211 -5.45 -26.63 -13.91
CA VAL A 211 -6.24 -25.66 -14.67
C VAL A 211 -7.23 -26.39 -15.57
N ILE A 212 -8.49 -25.97 -15.51
CA ILE A 212 -9.55 -26.46 -16.39
C ILE A 212 -9.99 -25.33 -17.30
N PRO A 213 -9.46 -25.22 -18.51
CA PRO A 213 -9.77 -24.07 -19.36
C PRO A 213 -11.12 -24.22 -20.05
N ALA A 214 -11.61 -23.08 -20.53
CA ALA A 214 -12.74 -23.01 -21.44
C ALA A 214 -13.95 -23.82 -20.95
N VAL A 215 -14.32 -23.63 -19.69
CA VAL A 215 -15.55 -24.22 -19.18
C VAL A 215 -16.71 -23.31 -19.53
N ASP A 216 -17.75 -23.87 -20.14
CA ASP A 216 -18.96 -23.10 -20.42
C ASP A 216 -19.69 -22.84 -19.11
N GLY A 217 -19.59 -21.59 -18.61
CA GLY A 217 -20.22 -21.21 -17.37
C GLY A 217 -21.73 -21.15 -17.37
N HIS A 218 -22.37 -21.48 -18.50
CA HIS A 218 -23.81 -21.64 -18.54
C HIS A 218 -24.20 -23.06 -18.91
N ASN A 219 -23.31 -24.02 -18.69
CA ASN A 219 -23.58 -25.44 -18.93
C ASN A 219 -23.42 -26.19 -17.61
N ALA A 220 -24.56 -26.53 -16.98
CA ALA A 220 -24.51 -27.17 -15.66
C ALA A 220 -23.65 -28.42 -15.68
N GLU A 221 -23.79 -29.24 -16.72
CA GLU A 221 -23.03 -30.48 -16.83
C GLU A 221 -21.52 -30.20 -16.88
N ALA A 222 -21.10 -29.22 -17.68
CA ALA A 222 -19.67 -28.90 -17.74
C ALA A 222 -19.17 -28.33 -16.42
N ILE A 223 -19.92 -27.38 -15.83
CA ILE A 223 -19.57 -26.83 -14.53
C ILE A 223 -19.43 -27.94 -13.50
N ASN A 224 -20.39 -28.86 -13.50
CA ASN A 224 -20.37 -29.99 -12.56
C ASN A 224 -19.16 -30.90 -12.79
N ALA A 225 -18.86 -31.21 -14.04
CA ALA A 225 -17.70 -32.05 -14.32
C ALA A 225 -16.43 -31.36 -13.84
N ALA A 226 -16.34 -30.05 -14.05
CA ALA A 226 -15.17 -29.30 -13.63
C ALA A 226 -14.96 -29.38 -12.13
N ILE A 227 -16.04 -29.26 -11.35
CA ILE A 227 -15.91 -29.28 -9.89
C ILE A 227 -15.41 -30.64 -9.43
N GLU A 228 -16.01 -31.72 -9.96
CA GLU A 228 -15.56 -33.07 -9.60
C GLU A 228 -14.09 -33.28 -9.95
N ALA A 229 -13.67 -32.84 -11.14
CA ALA A 229 -12.26 -32.90 -11.49
C ALA A 229 -11.43 -32.08 -10.51
N ALA A 230 -11.92 -30.88 -10.14
CA ALA A 230 -11.19 -30.04 -9.20
C ALA A 230 -10.95 -30.79 -7.89
N LYS A 231 -12.01 -31.36 -7.32
CA LYS A 231 -11.88 -31.99 -6.00
C LYS A 231 -10.99 -33.22 -6.03
N ALA A 232 -10.88 -33.89 -7.17
CA ALA A 232 -9.98 -35.02 -7.30
C ALA A 232 -8.52 -34.61 -7.47
N ASP A 233 -8.26 -33.41 -7.92
CA ASP A 233 -6.87 -33.07 -8.19
C ASP A 233 -6.22 -32.50 -6.94
N PRO A 234 -5.02 -32.99 -6.55
CA PRO A 234 -4.36 -32.51 -5.33
C PRO A 234 -3.72 -31.13 -5.45
N ARG A 235 -3.68 -30.56 -6.62
CA ARG A 235 -3.25 -29.18 -6.74
C ARG A 235 -4.44 -28.26 -6.60
N PRO A 236 -4.21 -26.98 -6.24
CA PRO A 236 -5.29 -26.01 -6.33
C PRO A 236 -5.79 -25.92 -7.76
N THR A 237 -7.09 -25.75 -7.93
CA THR A 237 -7.73 -25.79 -9.23
C THR A 237 -8.30 -24.43 -9.62
N LEU A 238 -7.95 -23.98 -10.83
CA LEU A 238 -8.57 -22.84 -11.46
C LEU A 238 -9.54 -23.32 -12.53
N ILE A 239 -10.81 -23.03 -12.36
CA ILE A 239 -11.85 -23.41 -13.31
C ILE A 239 -12.17 -22.16 -14.13
N CYS A 240 -11.85 -22.18 -15.42
CA CYS A 240 -11.98 -21.00 -16.27
C CYS A 240 -13.37 -21.01 -16.88
N THR A 241 -14.31 -20.38 -16.20
CA THR A 241 -15.72 -20.39 -16.59
C THR A 241 -15.99 -19.17 -17.45
N LYS A 242 -16.10 -19.39 -18.76
CA LYS A 242 -16.59 -18.33 -19.66
C LYS A 242 -18.06 -18.06 -19.38
N THR A 243 -18.41 -16.79 -19.17
CA THR A 243 -19.79 -16.38 -18.96
C THR A 243 -20.07 -15.13 -19.77
N ILE A 244 -21.35 -14.81 -19.93
CA ILE A 244 -21.79 -13.52 -20.45
C ILE A 244 -22.19 -12.67 -19.27
N ILE A 245 -21.55 -11.51 -19.11
CA ILE A 245 -21.93 -10.63 -18.01
C ILE A 245 -23.36 -10.16 -18.23
N GLY A 246 -24.12 -10.12 -17.13
CA GLY A 246 -25.52 -9.74 -17.27
C GLY A 246 -26.36 -10.67 -18.11
N PHE A 247 -25.92 -11.93 -18.31
CA PHE A 247 -26.68 -12.98 -18.96
C PHE A 247 -28.19 -12.86 -18.75
N GLY A 248 -28.94 -12.75 -19.84
CA GLY A 248 -30.37 -12.60 -19.82
C GLY A 248 -30.86 -11.26 -20.30
N SER A 249 -30.06 -10.22 -20.12
CA SER A 249 -30.48 -8.88 -20.49
C SER A 249 -30.26 -8.69 -21.99
N PRO A 250 -31.30 -8.41 -22.77
CA PRO A 250 -31.10 -8.36 -24.23
C PRO A 250 -30.17 -7.26 -24.69
N ASN A 251 -30.21 -6.08 -24.05
CA ASN A 251 -29.51 -4.91 -24.57
C ASN A 251 -28.24 -4.54 -23.81
N LYS A 252 -28.05 -5.04 -22.58
CA LYS A 252 -26.88 -4.68 -21.79
C LYS A 252 -25.93 -5.85 -21.53
N SER A 253 -26.30 -7.07 -21.91
CA SER A 253 -25.43 -8.22 -21.66
C SER A 253 -24.17 -8.14 -22.51
N GLY A 254 -23.09 -8.70 -21.98
CA GLY A 254 -21.81 -8.67 -22.66
C GLY A 254 -21.22 -7.28 -22.82
N SER A 255 -21.65 -6.31 -22.01
CA SER A 255 -21.24 -4.93 -22.13
C SER A 255 -20.96 -4.35 -20.75
N HIS A 256 -20.05 -3.38 -20.69
CA HIS A 256 -19.73 -2.76 -19.40
C HIS A 256 -20.87 -1.90 -18.87
N ASP A 257 -21.96 -1.74 -19.62
CA ASP A 257 -23.08 -0.93 -19.15
C ASP A 257 -23.82 -1.60 -18.01
N CYS A 258 -23.90 -2.93 -18.01
CA CYS A 258 -24.53 -3.65 -16.92
C CYS A 258 -23.58 -3.93 -15.77
N HIS A 259 -22.34 -3.44 -15.83
CA HIS A 259 -21.40 -3.77 -14.76
C HIS A 259 -21.85 -3.19 -13.43
N GLY A 260 -22.03 -1.87 -13.37
CA GLY A 260 -22.18 -1.20 -12.08
C GLY A 260 -23.30 -0.21 -11.97
N ALA A 261 -24.34 -0.40 -12.79
CA ALA A 261 -25.51 0.46 -12.81
C ALA A 261 -26.77 -0.40 -12.84
N PRO A 262 -27.87 0.08 -12.23
CA PRO A 262 -29.16 -0.61 -12.38
C PRO A 262 -29.53 -0.77 -13.85
N LEU A 263 -30.17 -1.90 -14.17
CA LEU A 263 -30.54 -2.17 -15.55
C LEU A 263 -31.58 -1.20 -16.06
N GLY A 264 -32.52 -0.78 -15.20
CA GLY A 264 -33.66 -0.01 -15.64
C GLY A 264 -34.93 -0.84 -15.76
N ALA A 265 -36.07 -0.26 -15.37
CA ALA A 265 -37.31 -1.01 -15.29
C ALA A 265 -37.67 -1.68 -16.61
N GLU A 266 -37.46 -1.00 -17.74
CA GLU A 266 -37.84 -1.59 -19.01
C GLU A 266 -36.90 -2.73 -19.39
N GLU A 267 -35.60 -2.56 -19.19
CA GLU A 267 -34.66 -3.65 -19.45
C GLU A 267 -34.94 -4.87 -18.57
N ILE A 268 -35.36 -4.64 -17.32
CA ILE A 268 -35.63 -5.76 -16.41
C ILE A 268 -36.84 -6.57 -16.90
N ALA A 269 -37.87 -5.88 -17.39
CA ALA A 269 -39.02 -6.60 -17.96
C ALA A 269 -38.60 -7.41 -19.18
N ALA A 270 -37.81 -6.81 -20.08
CA ALA A 270 -37.32 -7.56 -21.22
C ALA A 270 -36.46 -8.74 -20.75
N THR A 271 -35.68 -8.54 -19.69
CA THR A 271 -34.85 -9.62 -19.19
C THR A 271 -35.68 -10.76 -18.62
N ARG A 272 -36.74 -10.43 -17.87
CA ARG A 272 -37.65 -11.45 -17.36
C ARG A 272 -38.20 -12.28 -18.51
N LYS A 273 -38.70 -11.61 -19.56
CA LYS A 273 -39.20 -12.33 -20.73
C LYS A 273 -38.11 -13.20 -21.34
N GLU A 274 -36.89 -12.64 -21.48
CA GLU A 274 -35.80 -13.39 -22.08
C GLU A 274 -35.43 -14.63 -21.25
N LEU A 275 -35.52 -14.53 -19.93
CA LEU A 275 -35.21 -15.66 -19.06
C LEU A 275 -36.40 -16.57 -18.83
N GLY A 276 -37.60 -16.16 -19.25
CA GLY A 276 -38.79 -16.91 -18.88
C GLY A 276 -39.04 -16.93 -17.40
N TRP A 277 -38.81 -15.81 -16.73
CA TRP A 277 -39.07 -15.68 -15.30
C TRP A 277 -40.34 -14.86 -15.13
N GLU A 278 -41.43 -15.51 -14.71
CA GLU A 278 -42.73 -14.86 -14.67
C GLU A 278 -43.15 -14.53 -13.25
N HIS A 279 -42.27 -13.90 -12.48
CA HIS A 279 -42.61 -13.54 -11.10
C HIS A 279 -42.17 -12.11 -10.81
N GLY A 280 -42.98 -11.40 -10.03
CA GLY A 280 -42.76 -10.00 -9.78
C GLY A 280 -41.59 -9.75 -8.84
N PRO A 281 -41.32 -8.48 -8.57
CA PRO A 281 -40.15 -8.12 -7.78
C PRO A 281 -40.14 -8.82 -6.43
N PHE A 282 -39.03 -9.52 -6.15
CA PHE A 282 -38.77 -10.20 -4.89
C PHE A 282 -39.74 -11.35 -4.61
N GLU A 283 -40.46 -11.84 -5.63
CA GLU A 283 -41.44 -12.91 -5.48
C GLU A 283 -40.80 -14.23 -5.92
N ILE A 284 -40.65 -15.16 -4.98
CA ILE A 284 -39.98 -16.43 -5.22
C ILE A 284 -40.99 -17.54 -4.97
N PRO A 285 -41.37 -18.32 -5.99
CA PRO A 285 -42.35 -19.40 -5.79
C PRO A 285 -41.89 -20.43 -4.77
N GLN A 286 -42.87 -21.14 -4.22
CA GLN A 286 -42.59 -22.06 -3.12
C GLN A 286 -41.74 -23.23 -3.56
N GLU A 287 -41.97 -23.76 -4.75
CA GLU A 287 -41.17 -24.89 -5.17
C GLU A 287 -39.72 -24.50 -5.46
N VAL A 288 -39.45 -23.22 -5.73
CA VAL A 288 -38.06 -22.77 -5.87
C VAL A 288 -37.38 -22.75 -4.50
N TYR A 289 -38.06 -22.20 -3.50
CA TYR A 289 -37.54 -22.22 -2.14
C TYR A 289 -37.28 -23.66 -1.68
N ALA A 290 -38.20 -24.59 -1.99
CA ALA A 290 -38.02 -25.97 -1.53
C ALA A 290 -36.84 -26.64 -2.21
N GLU A 291 -36.61 -26.35 -3.50
CA GLU A 291 -35.50 -26.94 -4.21
C GLU A 291 -34.15 -26.33 -3.80
N TRP A 292 -34.15 -25.07 -3.35
CA TRP A 292 -32.93 -24.35 -2.97
C TRP A 292 -32.55 -24.56 -1.51
N SER A 293 -33.52 -24.89 -0.66
CA SER A 293 -33.26 -25.05 0.77
C SER A 293 -32.14 -26.04 1.04
N ALA A 294 -31.14 -25.60 1.79
CA ALA A 294 -30.09 -26.48 2.30
C ALA A 294 -30.30 -26.84 3.76
N LYS A 295 -31.49 -26.55 4.31
CA LYS A 295 -31.68 -26.69 5.75
C LYS A 295 -31.65 -28.14 6.20
N GLU A 296 -32.29 -29.04 5.46
CA GLU A 296 -32.36 -30.45 5.87
C GLU A 296 -31.04 -31.16 5.59
N ALA A 297 -30.51 -31.03 4.37
CA ALA A 297 -29.20 -31.59 4.08
C ALA A 297 -28.16 -31.03 5.04
N GLY A 298 -28.26 -29.74 5.35
CA GLY A 298 -27.23 -29.11 6.17
C GLY A 298 -27.28 -29.58 7.60
N ALA A 299 -28.48 -29.72 8.17
CA ALA A 299 -28.62 -30.23 9.52
C ALA A 299 -28.14 -31.67 9.62
N ALA A 300 -28.42 -32.48 8.60
CA ALA A 300 -27.92 -33.85 8.59
C ALA A 300 -26.39 -33.87 8.54
N LYS A 301 -25.79 -33.03 7.69
CA LYS A 301 -24.35 -33.04 7.53
C LYS A 301 -23.64 -32.68 8.83
N GLU A 302 -24.11 -31.63 9.50
CA GLU A 302 -23.50 -31.24 10.78
C GLU A 302 -23.74 -32.29 11.85
N ALA A 303 -24.95 -32.86 11.91
CA ALA A 303 -25.21 -33.94 12.86
C ALA A 303 -24.22 -35.09 12.64
N ALA A 304 -23.96 -35.44 11.39
CA ALA A 304 -22.96 -36.45 11.09
C ALA A 304 -21.58 -36.04 11.58
N TRP A 305 -21.21 -34.77 11.39
CA TRP A 305 -19.90 -34.32 11.87
C TRP A 305 -19.82 -34.30 13.39
N ASN A 306 -20.92 -33.98 14.05
CA ASN A 306 -20.91 -34.01 15.51
C ASN A 306 -20.63 -35.41 16.03
N GLU A 307 -21.23 -36.41 15.40
CA GLU A 307 -20.94 -37.80 15.77
C GLU A 307 -19.49 -38.16 15.49
N LYS A 308 -18.96 -37.71 14.35
CA LYS A 308 -17.54 -37.95 14.06
C LYS A 308 -16.65 -37.33 15.12
N PHE A 309 -17.02 -36.15 15.63
CA PHE A 309 -16.21 -35.52 16.67
C PHE A 309 -16.38 -36.21 18.02
N ALA A 310 -17.58 -36.70 18.32
CA ALA A 310 -17.76 -37.51 19.53
C ALA A 310 -16.87 -38.75 19.49
N ALA A 311 -16.79 -39.40 18.32
CA ALA A 311 -15.90 -40.55 18.15
C ALA A 311 -14.44 -40.13 18.31
N TYR A 312 -14.04 -39.02 17.67
CA TYR A 312 -12.70 -38.49 17.85
C TYR A 312 -12.41 -38.22 19.32
N GLU A 313 -13.34 -37.56 20.00
CA GLU A 313 -13.08 -37.20 21.39
C GLU A 313 -12.92 -38.43 22.28
N ALA A 314 -13.73 -39.47 22.03
CA ALA A 314 -13.58 -40.71 22.79
C ALA A 314 -12.20 -41.32 22.58
N ALA A 315 -11.71 -41.29 21.34
CA ALA A 315 -10.41 -41.88 21.03
C ALA A 315 -9.25 -41.00 21.44
N TYR A 316 -9.41 -39.67 21.37
CA TYR A 316 -8.28 -38.74 21.51
C TYR A 316 -8.71 -37.54 22.34
N PRO A 317 -9.04 -37.76 23.61
CA PRO A 317 -9.64 -36.67 24.41
C PRO A 317 -8.76 -35.43 24.53
N GLU A 318 -7.43 -35.57 24.61
CA GLU A 318 -6.61 -34.37 24.79
C GLU A 318 -6.54 -33.54 23.51
N LEU A 319 -6.37 -34.20 22.36
CA LEU A 319 -6.44 -33.51 21.09
C LEU A 319 -7.80 -32.85 20.87
N ALA A 320 -8.87 -33.51 21.30
CA ALA A 320 -10.21 -32.98 21.07
C ALA A 320 -10.48 -31.74 21.91
N ALA A 321 -10.04 -31.74 23.17
CA ALA A 321 -10.16 -30.53 23.98
C ALA A 321 -9.32 -29.41 23.41
N GLU A 322 -8.17 -29.74 22.81
CA GLU A 322 -7.36 -28.71 22.17
C GLU A 322 -8.06 -28.13 20.95
N PHE A 323 -8.54 -29.01 20.07
CA PHE A 323 -9.34 -28.56 18.92
C PHE A 323 -10.47 -27.62 19.36
N LYS A 324 -11.26 -28.03 20.34
CA LYS A 324 -12.39 -27.20 20.79
C LYS A 324 -11.89 -25.88 21.37
N ARG A 325 -10.79 -25.91 22.12
CA ARG A 325 -10.25 -24.68 22.68
C ARG A 325 -9.86 -23.70 21.58
N ARG A 326 -9.11 -24.19 20.58
CA ARG A 326 -8.59 -23.32 19.54
C ARG A 326 -9.69 -22.88 18.58
N VAL A 327 -10.63 -23.77 18.28
CA VAL A 327 -11.72 -23.39 17.39
C VAL A 327 -12.63 -22.36 18.07
N ASN A 328 -12.76 -22.42 19.40
CA ASN A 328 -13.53 -21.44 20.15
C ASN A 328 -12.75 -20.18 20.49
N GLY A 329 -11.55 -20.00 19.95
CA GLY A 329 -10.77 -18.81 20.21
C GLY A 329 -10.32 -18.60 21.64
N GLU A 330 -10.26 -19.65 22.47
CA GLU A 330 -9.85 -19.48 23.86
C GLU A 330 -8.34 -19.63 24.02
N LEU A 331 -7.80 -18.88 24.96
CA LEU A 331 -6.39 -18.92 25.34
C LEU A 331 -6.12 -20.09 26.28
N PRO A 332 -4.86 -20.55 26.37
CA PRO A 332 -4.57 -21.73 27.19
C PRO A 332 -4.90 -21.50 28.66
N ALA A 333 -5.10 -22.62 29.37
CA ALA A 333 -5.63 -22.62 30.72
C ALA A 333 -4.97 -21.56 31.61
N GLN A 334 -3.65 -21.57 31.70
CA GLN A 334 -2.97 -20.70 32.66
C GLN A 334 -2.32 -19.50 31.99
N TRP A 335 -2.89 -19.03 30.88
CA TRP A 335 -2.25 -17.99 30.07
C TRP A 335 -1.91 -16.75 30.90
N GLU A 336 -2.87 -16.21 31.64
CA GLU A 336 -2.67 -14.91 32.29
C GLU A 336 -1.54 -14.94 33.31
N GLU A 337 -1.52 -15.93 34.22
CA GLU A 337 -0.50 -15.95 35.26
C GLU A 337 0.86 -16.31 34.69
N LYS A 338 0.89 -17.19 33.69
CA LYS A 338 2.17 -17.59 33.12
C LYS A 338 2.78 -16.47 32.30
N ALA A 339 1.94 -15.76 31.54
CA ALA A 339 2.44 -14.63 30.75
C ALA A 339 2.87 -13.49 31.64
N ASN A 340 2.09 -13.20 32.69
CA ASN A 340 2.51 -12.17 33.64
C ASN A 340 3.81 -12.54 34.35
N GLN A 341 4.05 -13.84 34.59
CA GLN A 341 5.32 -14.24 35.20
C GLN A 341 6.48 -14.00 34.26
N ILE A 342 6.30 -14.33 32.97
CA ILE A 342 7.31 -14.01 31.98
C ILE A 342 7.62 -12.53 31.99
N ILE A 343 6.58 -11.68 32.01
CA ILE A 343 6.80 -10.24 31.97
C ILE A 343 7.47 -9.77 33.26
N ALA A 344 7.01 -10.24 34.42
CA ALA A 344 7.64 -9.85 35.68
C ALA A 344 9.10 -10.28 35.72
N ASP A 345 9.42 -11.45 35.14
CA ASP A 345 10.81 -11.89 35.08
C ASP A 345 11.68 -10.94 34.25
N LEU A 346 11.13 -10.40 33.15
CA LEU A 346 11.90 -9.47 32.32
C LEU A 346 12.14 -8.16 33.04
N GLN A 347 11.12 -7.62 33.71
CA GLN A 347 11.34 -6.43 34.51
C GLN A 347 12.39 -6.68 35.58
N ALA A 348 12.37 -7.87 36.18
CA ALA A 348 13.34 -8.16 37.25
C ALA A 348 14.74 -8.39 36.71
N ASN A 349 14.90 -8.75 35.45
CA ASN A 349 16.19 -9.17 34.90
C ASN A 349 16.52 -8.34 33.68
N PRO A 350 17.12 -7.16 33.88
CA PRO A 350 17.24 -6.19 32.79
C PRO A 350 18.19 -6.66 31.71
N ALA A 351 17.85 -6.31 30.47
CA ALA A 351 18.69 -6.63 29.33
C ALA A 351 18.53 -5.51 28.31
N ASN A 352 19.65 -5.01 27.78
CA ASN A 352 19.63 -3.96 26.76
C ASN A 352 19.78 -4.67 25.42
N ILE A 353 18.64 -4.97 24.80
CA ILE A 353 18.59 -5.71 23.55
C ILE A 353 17.64 -4.98 22.61
N ALA A 354 17.80 -5.23 21.32
CA ALA A 354 16.88 -4.65 20.35
C ALA A 354 15.48 -5.18 20.61
N SER A 355 14.48 -4.33 20.42
CA SER A 355 13.12 -4.82 20.67
C SER A 355 12.73 -5.92 19.68
N ARG A 356 13.40 -6.00 18.52
CA ARG A 356 13.18 -7.15 17.64
C ARG A 356 13.72 -8.43 18.24
N LYS A 357 14.80 -8.36 19.00
CA LYS A 357 15.25 -9.55 19.71
C LYS A 357 14.29 -9.88 20.84
N ALA A 358 13.83 -8.85 21.56
CA ALA A 358 12.81 -9.06 22.59
C ALA A 358 11.56 -9.67 21.99
N SER A 359 11.22 -9.30 20.75
CA SER A 359 10.11 -9.95 20.05
C SER A 359 10.36 -11.45 19.90
N GLN A 360 11.53 -11.81 19.39
CA GLN A 360 11.91 -13.22 19.31
C GLN A 360 11.85 -13.91 20.67
N ASN A 361 12.33 -13.24 21.73
CA ASN A 361 12.27 -13.83 23.07
C ASN A 361 10.83 -14.05 23.52
N ALA A 362 9.92 -13.13 23.15
CA ALA A 362 8.52 -13.31 23.52
C ALA A 362 7.90 -14.46 22.76
N LEU A 363 8.22 -14.57 21.46
CA LEU A 363 7.74 -15.70 20.64
C LEU A 363 8.13 -17.02 21.29
N GLU A 364 9.41 -17.14 21.67
CA GLU A 364 9.90 -18.33 22.34
C GLU A 364 9.14 -18.59 23.64
N ALA A 365 9.03 -17.58 24.50
CA ALA A 365 8.44 -17.80 25.82
C ALA A 365 6.95 -18.07 25.72
N PHE A 366 6.23 -17.25 24.94
CA PHE A 366 4.79 -17.45 24.78
C PHE A 366 4.47 -18.61 23.85
N GLY A 367 5.32 -18.86 22.83
CA GLY A 367 5.02 -19.88 21.84
C GLY A 367 4.96 -21.28 22.41
N LYS A 368 5.74 -21.55 23.47
CA LYS A 368 5.66 -22.85 24.13
C LYS A 368 4.25 -23.15 24.63
N MET A 369 3.50 -22.12 25.02
CA MET A 369 2.14 -22.28 25.51
C MET A 369 1.09 -22.20 24.42
N LEU A 370 1.47 -21.91 23.18
CA LEU A 370 0.51 -21.59 22.12
C LEU A 370 0.74 -22.47 20.90
N PRO A 371 0.29 -23.73 20.94
CA PRO A 371 0.35 -24.55 19.73
C PRO A 371 -0.51 -24.00 18.60
N GLU A 372 -1.42 -23.08 18.88
CA GLU A 372 -2.21 -22.43 17.84
C GLU A 372 -1.45 -21.37 17.07
N PHE A 373 -0.21 -21.03 17.47
CA PHE A 373 0.58 -20.06 16.73
C PHE A 373 0.74 -20.49 15.27
N MET A 374 0.61 -19.53 14.36
CA MET A 374 0.88 -19.73 12.93
C MET A 374 1.63 -18.49 12.45
N GLY A 375 2.96 -18.52 12.57
CA GLY A 375 3.80 -17.38 12.29
C GLY A 375 4.35 -17.39 10.88
N GLY A 376 5.20 -16.41 10.62
CA GLY A 376 5.76 -16.26 9.30
C GLY A 376 6.52 -14.97 9.19
N SER A 377 7.10 -14.78 8.02
CA SER A 377 7.78 -13.54 7.67
C SER A 377 7.86 -13.50 6.16
N ALA A 378 7.86 -12.29 5.60
CA ALA A 378 7.93 -12.12 4.15
C ALA A 378 9.40 -12.10 3.73
N ASP A 379 10.02 -13.28 3.84
CA ASP A 379 11.42 -13.49 3.45
C ASP A 379 12.38 -12.71 4.33
N LEU A 380 12.05 -12.51 5.61
CA LEU A 380 12.97 -11.76 6.48
C LEU A 380 13.11 -12.42 7.85
N ALA A 381 12.96 -13.75 7.89
CA ALA A 381 13.12 -14.47 9.14
C ALA A 381 14.37 -14.10 9.92
N PRO A 382 15.57 -13.99 9.31
CA PRO A 382 16.76 -13.64 10.10
C PRO A 382 16.89 -12.16 10.44
N SER A 383 16.07 -11.28 9.88
CA SER A 383 16.07 -9.87 10.29
C SER A 383 14.91 -9.52 11.19
N ASN A 384 13.72 -10.04 10.89
CA ASN A 384 12.57 -9.82 11.75
C ASN A 384 12.65 -10.64 13.03
N LEU A 385 13.40 -11.75 13.01
CA LEU A 385 13.57 -12.67 14.15
C LEU A 385 12.27 -13.39 14.51
N THR A 386 11.59 -13.91 13.49
CA THR A 386 10.26 -14.49 13.68
C THR A 386 10.28 -15.98 13.99
N MET A 387 11.44 -16.62 13.92
CA MET A 387 11.52 -18.05 14.16
C MET A 387 12.07 -18.29 15.55
N TRP A 388 11.43 -19.16 16.31
CA TRP A 388 11.97 -19.62 17.58
C TRP A 388 12.26 -21.12 17.46
N SER A 389 12.66 -21.74 18.58
CA SER A 389 13.11 -23.13 18.55
C SER A 389 11.98 -24.07 18.13
N GLY A 390 10.75 -23.76 18.53
CA GLY A 390 9.57 -24.52 18.16
C GLY A 390 8.98 -24.19 16.81
N SER A 391 9.62 -23.33 16.01
CA SER A 391 9.11 -23.01 14.68
C SER A 391 9.37 -24.17 13.73
N LYS A 392 8.34 -24.58 12.98
CA LYS A 392 8.47 -25.66 12.00
C LYS A 392 7.75 -25.22 10.72
N SER A 393 8.48 -25.14 9.62
CA SER A 393 7.93 -24.58 8.37
C SER A 393 6.85 -25.47 7.77
N LEU A 394 5.81 -24.84 7.24
CA LEU A 394 4.84 -25.56 6.44
C LEU A 394 5.46 -25.98 5.11
N GLU A 395 5.08 -27.16 4.66
CA GLU A 395 5.55 -27.78 3.43
C GLU A 395 4.35 -28.40 2.75
N ALA A 396 4.33 -28.41 1.40
CA ALA A 396 3.23 -29.03 0.67
C ALA A 396 2.91 -30.41 1.23
N SER A 397 3.95 -31.20 1.51
CA SER A 397 3.81 -32.56 2.01
C SER A 397 3.69 -32.66 3.54
N ASP A 398 3.86 -31.57 4.28
CA ASP A 398 3.73 -31.62 5.76
C ASP A 398 3.26 -30.27 6.26
N PHE A 399 1.95 -30.18 6.56
CA PHE A 399 1.34 -28.96 7.09
C PHE A 399 1.12 -29.02 8.60
N SER A 400 1.81 -29.92 9.31
CA SER A 400 1.67 -30.02 10.75
C SER A 400 2.40 -28.89 11.50
N GLY A 401 3.18 -28.06 10.80
CA GLY A 401 4.00 -27.05 11.42
C GLY A 401 3.23 -25.81 11.84
N ASN A 402 4.00 -24.73 12.05
CA ASN A 402 3.44 -23.51 12.62
C ASN A 402 4.09 -22.25 12.08
N TYR A 403 4.76 -22.32 10.94
CA TYR A 403 5.54 -21.21 10.43
C TYR A 403 5.47 -21.24 8.92
N ILE A 404 5.31 -20.07 8.32
CA ILE A 404 5.16 -19.94 6.87
C ILE A 404 6.28 -19.05 6.36
N HIS A 405 7.04 -19.58 5.39
CA HIS A 405 7.93 -18.73 4.61
C HIS A 405 7.09 -18.11 3.51
N TYR A 406 6.67 -16.86 3.71
CA TYR A 406 5.78 -16.22 2.75
C TYR A 406 6.48 -15.75 1.49
N GLY A 407 7.81 -15.75 1.44
CA GLY A 407 8.45 -15.16 0.27
C GLY A 407 8.32 -13.65 0.31
N VAL A 408 8.77 -13.01 -0.77
CA VAL A 408 8.71 -11.54 -0.77
C VAL A 408 7.33 -11.10 -1.24
N ARG A 409 6.32 -11.25 -0.36
CA ARG A 409 4.89 -11.09 -0.65
C ARG A 409 4.16 -10.46 0.55
N GLU A 410 4.44 -9.18 0.83
CA GLU A 410 3.87 -8.51 2.00
C GLU A 410 2.34 -8.44 1.91
N PHE A 411 1.81 -7.94 0.78
CA PHE A 411 0.35 -7.81 0.63
C PHE A 411 -0.32 -9.18 0.70
N GLY A 412 0.20 -10.15 -0.05
CA GLY A 412 -0.38 -11.49 -0.02
C GLY A 412 -0.32 -12.13 1.35
N MET A 413 0.83 -11.99 2.03
CA MET A 413 0.96 -12.53 3.39
C MET A 413 -0.10 -11.94 4.32
N THR A 414 -0.26 -10.63 4.27
CA THR A 414 -1.17 -9.95 5.21
C THR A 414 -2.63 -10.32 4.95
N ALA A 415 -3.03 -10.42 3.68
CA ALA A 415 -4.42 -10.80 3.37
C ALA A 415 -4.64 -12.30 3.53
N ILE A 416 -3.61 -13.13 3.30
CA ILE A 416 -3.71 -14.56 3.64
C ILE A 416 -4.00 -14.71 5.13
N MET A 417 -3.34 -13.88 5.94
CA MET A 417 -3.48 -13.99 7.39
C MET A 417 -4.87 -13.64 7.85
N ASN A 418 -5.50 -12.65 7.20
CA ASN A 418 -6.91 -12.37 7.47
C ASN A 418 -7.76 -13.61 7.22
N GLY A 419 -7.48 -14.30 6.12
CA GLY A 419 -8.14 -15.58 5.86
C GLY A 419 -7.89 -16.60 6.96
N ILE A 420 -6.64 -16.71 7.43
CA ILE A 420 -6.34 -17.65 8.51
C ILE A 420 -7.12 -17.27 9.75
N ALA A 421 -7.15 -15.98 10.10
CA ALA A 421 -7.83 -15.56 11.31
C ALA A 421 -9.32 -15.77 11.19
N LEU A 422 -9.88 -15.52 10.01
CA LEU A 422 -11.31 -15.73 9.82
C LEU A 422 -11.67 -17.22 9.90
N HIS A 423 -10.78 -18.10 9.44
CA HIS A 423 -11.09 -19.53 9.41
C HIS A 423 -11.28 -20.09 10.83
N GLY A 424 -10.41 -19.70 11.75
CA GLY A 424 -10.44 -20.15 13.12
C GLY A 424 -9.43 -21.26 13.38
N GLY A 425 -8.95 -21.31 14.63
CA GLY A 425 -8.05 -22.36 15.04
C GLY A 425 -6.63 -21.90 15.29
N PHE A 426 -6.28 -20.67 14.91
CA PHE A 426 -4.90 -20.20 14.92
C PHE A 426 -4.81 -18.78 15.47
N VAL A 427 -3.61 -18.46 15.93
CA VAL A 427 -3.22 -17.07 16.22
C VAL A 427 -2.11 -16.75 15.22
N PRO A 428 -2.43 -16.08 14.11
CA PRO A 428 -1.42 -15.82 13.07
C PRO A 428 -0.60 -14.57 13.31
N TYR A 429 0.66 -14.65 12.91
CA TYR A 429 1.52 -13.48 12.92
C TYR A 429 2.39 -13.52 11.66
N GLY A 430 2.69 -12.33 11.15
CA GLY A 430 3.55 -12.18 9.99
C GLY A 430 4.56 -11.10 10.28
N ALA A 431 5.42 -10.83 9.29
CA ALA A 431 6.49 -9.89 9.60
C ALA A 431 7.12 -9.36 8.33
N THR A 432 7.55 -8.10 8.39
CA THR A 432 8.40 -7.48 7.39
C THR A 432 9.00 -6.25 8.05
N PHE A 433 9.90 -5.59 7.32
CA PHE A 433 10.35 -4.26 7.71
C PHE A 433 9.15 -3.33 7.73
N LEU A 434 9.11 -2.43 8.72
CA LEU A 434 7.99 -1.50 8.85
C LEU A 434 7.73 -0.76 7.55
N MET A 435 8.78 -0.38 6.82
CA MET A 435 8.56 0.31 5.56
C MET A 435 7.61 -0.45 4.65
N PHE A 436 7.80 -1.77 4.55
CA PHE A 436 7.05 -2.54 3.56
C PHE A 436 5.70 -3.00 4.09
N MET A 437 5.30 -2.50 5.25
CA MET A 437 3.88 -2.41 5.59
C MET A 437 3.12 -1.66 4.51
N GLU A 438 3.74 -0.63 3.90
CA GLU A 438 3.06 0.12 2.85
C GLU A 438 2.62 -0.77 1.70
N TYR A 439 3.38 -1.83 1.39
CA TYR A 439 2.96 -2.76 0.34
C TYR A 439 1.67 -3.49 0.71
N ALA A 440 1.41 -3.65 2.01
CA ALA A 440 0.34 -4.50 2.53
C ALA A 440 -0.76 -3.66 3.16
N ARG A 441 -0.73 -2.36 2.93
CA ARG A 441 -1.45 -1.39 3.74
C ARG A 441 -2.94 -1.70 3.78
N ASN A 442 -3.54 -1.94 2.62
CA ASN A 442 -4.99 -2.07 2.62
C ASN A 442 -5.47 -3.39 3.22
N ALA A 443 -4.61 -4.44 3.24
CA ALA A 443 -4.97 -5.65 3.96
C ALA A 443 -4.97 -5.43 5.47
N MET A 444 -4.07 -4.57 5.95
CA MET A 444 -4.14 -4.15 7.36
C MET A 444 -5.44 -3.39 7.63
N ARG A 445 -5.83 -2.48 6.72
CA ARG A 445 -7.10 -1.79 6.87
C ARG A 445 -8.27 -2.76 6.90
N MET A 446 -8.26 -3.77 6.01
CA MET A 446 -9.36 -4.73 5.99
C MET A 446 -9.44 -5.51 7.29
N ALA A 447 -8.29 -5.88 7.88
CA ALA A 447 -8.32 -6.53 9.18
C ALA A 447 -9.00 -5.65 10.22
N ALA A 448 -8.70 -4.34 10.20
CA ALA A 448 -9.29 -3.42 11.16
C ALA A 448 -10.78 -3.25 10.91
N LEU A 449 -11.17 -3.17 9.64
CA LEU A 449 -12.58 -3.05 9.31
C LEU A 449 -13.34 -4.30 9.71
N MET A 450 -12.76 -5.48 9.47
CA MET A 450 -13.42 -6.73 9.79
C MET A 450 -13.36 -7.08 11.26
N LYS A 451 -12.48 -6.42 12.02
CA LYS A 451 -12.27 -6.73 13.44
C LYS A 451 -11.76 -8.17 13.63
N VAL A 452 -10.72 -8.51 12.91
CA VAL A 452 -10.10 -9.82 13.03
C VAL A 452 -8.67 -9.65 13.49
N GLN A 453 -8.19 -10.65 14.20
CA GLN A 453 -6.80 -10.67 14.63
C GLN A 453 -5.87 -10.73 13.43
N ASN A 454 -4.80 -9.93 13.47
CA ASN A 454 -3.76 -9.95 12.46
C ASN A 454 -2.54 -9.28 13.11
N ILE A 455 -1.58 -10.07 13.51
CA ILE A 455 -0.45 -9.55 14.27
C ILE A 455 0.72 -9.40 13.32
N GLN A 456 1.28 -8.19 13.23
CA GLN A 456 2.38 -7.93 12.34
C GLN A 456 3.60 -7.51 13.13
N VAL A 457 4.71 -8.21 12.90
CA VAL A 457 6.01 -7.86 13.46
C VAL A 457 6.68 -6.94 12.45
N TYR A 458 6.66 -5.64 12.72
CA TYR A 458 7.30 -4.66 11.85
C TYR A 458 8.60 -4.22 12.52
N THR A 459 9.74 -4.62 11.94
CA THR A 459 11.04 -4.31 12.52
C THR A 459 11.71 -3.21 11.70
N HIS A 460 12.79 -2.67 12.27
CA HIS A 460 13.60 -1.66 11.60
C HIS A 460 12.78 -0.39 11.37
N ASP A 461 12.44 0.22 12.50
CA ASP A 461 11.32 1.12 12.65
C ASP A 461 11.67 2.59 12.48
N SER A 462 12.94 2.94 12.32
CA SER A 462 13.28 4.36 12.22
C SER A 462 14.61 4.48 11.48
N ILE A 463 15.12 5.72 11.39
CA ILE A 463 16.48 5.96 10.93
C ILE A 463 17.51 5.16 11.72
N GLY A 464 17.12 4.59 12.88
CA GLY A 464 17.97 3.68 13.61
C GLY A 464 18.46 2.48 12.81
N LEU A 465 17.78 2.10 11.73
CA LEU A 465 18.29 1.00 10.93
C LEU A 465 19.57 1.37 10.17
N GLY A 466 19.80 2.65 9.91
CA GLY A 466 21.10 3.11 9.46
C GLY A 466 21.28 3.07 7.94
N GLU A 467 22.34 2.37 7.50
CA GLU A 467 22.91 2.57 6.17
C GLU A 467 21.99 2.21 5.00
N ASP A 468 20.97 1.38 5.21
CA ASP A 468 20.10 1.02 4.10
C ASP A 468 19.42 2.24 3.49
N GLY A 469 19.20 3.29 4.28
CA GLY A 469 18.82 4.56 3.72
C GLY A 469 17.31 4.76 3.60
N PRO A 470 16.92 5.85 2.93
CA PRO A 470 15.55 6.36 3.09
C PRO A 470 14.49 5.58 2.36
N THR A 471 14.86 4.71 1.41
CA THR A 471 13.84 3.79 0.89
C THR A 471 13.40 2.78 1.93
N HIS A 472 14.23 2.54 2.95
CA HIS A 472 13.93 1.61 4.02
C HIS A 472 13.52 2.27 5.34
N GLN A 473 14.00 3.49 5.61
CA GLN A 473 13.89 4.15 6.92
C GLN A 473 12.50 4.74 7.13
N PRO A 474 11.69 4.16 8.02
CA PRO A 474 10.33 4.67 8.19
C PRO A 474 10.35 6.07 8.78
N VAL A 475 9.39 6.90 8.36
CA VAL A 475 9.24 8.22 8.93
C VAL A 475 7.78 8.42 9.31
N GLU A 476 6.90 8.30 8.33
CA GLU A 476 5.48 8.60 8.50
C GLU A 476 4.62 7.36 8.68
N GLN A 477 5.22 6.16 8.74
CA GLN A 477 4.43 4.92 8.71
C GLN A 477 3.74 4.66 10.03
N ILE A 478 4.40 4.92 11.16
CA ILE A 478 3.74 4.70 12.45
C ILE A 478 2.49 5.57 12.57
N ALA A 479 2.60 6.82 12.14
CA ALA A 479 1.49 7.76 12.24
C ALA A 479 0.33 7.35 11.33
N SER A 480 0.64 6.72 10.20
CA SER A 480 -0.41 6.23 9.33
C SER A 480 -1.18 5.08 9.97
N LEU A 481 -0.45 4.18 10.65
CA LEU A 481 -1.12 3.15 11.42
C LEU A 481 -1.95 3.74 12.55
N ARG A 482 -1.43 4.78 13.22
CA ARG A 482 -2.16 5.33 14.36
C ARG A 482 -3.44 6.04 13.92
N LEU A 483 -3.49 6.56 12.70
CA LEU A 483 -4.72 7.21 12.26
C LEU A 483 -5.77 6.22 11.75
N THR A 484 -5.46 4.93 11.66
CA THR A 484 -6.42 3.97 11.11
C THR A 484 -7.38 3.51 12.19
N PRO A 485 -8.70 3.67 12.00
CA PRO A 485 -9.65 3.17 13.01
C PRO A 485 -9.45 1.68 13.28
N ASN A 486 -9.56 1.30 14.57
CA ASN A 486 -9.40 -0.08 15.04
C ASN A 486 -8.05 -0.69 14.64
N MET A 487 -7.02 0.14 14.55
CA MET A 487 -5.64 -0.32 14.49
C MET A 487 -5.06 -0.16 15.90
N SER A 488 -4.36 -1.17 16.39
CA SER A 488 -3.60 -1.06 17.64
C SER A 488 -2.12 -1.08 17.28
N THR A 489 -1.44 0.03 17.52
CA THR A 489 -0.06 0.23 17.12
C THR A 489 0.79 0.37 18.37
N TRP A 490 1.78 -0.50 18.52
CA TRP A 490 2.59 -0.57 19.73
C TRP A 490 4.06 -0.38 19.39
N ARG A 491 4.71 0.58 20.04
CA ARG A 491 6.13 0.88 19.81
C ARG A 491 6.88 0.72 21.13
N PRO A 492 7.13 -0.52 21.56
CA PRO A 492 7.69 -0.75 22.90
C PRO A 492 9.09 -0.19 23.03
N CYS A 493 9.41 0.31 24.22
CA CYS A 493 10.68 0.99 24.45
C CYS A 493 11.78 0.10 25.01
N ASP A 494 11.46 -1.13 25.40
CA ASP A 494 12.44 -2.06 25.94
C ASP A 494 11.83 -3.45 25.90
N GLN A 495 12.55 -4.44 26.44
CA GLN A 495 12.07 -5.81 26.36
C GLN A 495 10.81 -6.04 27.19
N VAL A 496 10.56 -5.22 28.22
CA VAL A 496 9.37 -5.40 29.03
C VAL A 496 8.13 -4.91 28.29
N GLU A 497 8.14 -3.68 27.78
CA GLU A 497 7.04 -3.23 26.93
C GLU A 497 6.87 -4.17 25.73
N SER A 498 7.97 -4.73 25.22
CA SER A 498 7.87 -5.65 24.10
C SER A 498 7.06 -6.88 24.46
N ALA A 499 7.29 -7.47 25.64
CA ALA A 499 6.53 -8.65 26.01
C ALA A 499 5.08 -8.30 26.33
N VAL A 500 4.83 -7.12 26.91
CA VAL A 500 3.45 -6.73 27.17
C VAL A 500 2.72 -6.54 25.85
N ALA A 501 3.37 -5.90 24.87
CA ALA A 501 2.72 -5.70 23.58
C ALA A 501 2.37 -7.03 22.93
N TRP A 502 3.27 -8.01 23.01
CA TRP A 502 2.99 -9.34 22.45
C TRP A 502 1.86 -10.04 23.20
N LYS A 503 1.86 -9.93 24.52
CA LYS A 503 0.78 -10.52 25.29
C LYS A 503 -0.57 -9.97 24.87
N LEU A 504 -0.66 -8.63 24.76
CA LEU A 504 -1.93 -8.00 24.39
C LEU A 504 -2.32 -8.27 22.94
N ALA A 505 -1.33 -8.38 22.04
CA ALA A 505 -1.63 -8.69 20.65
C ALA A 505 -2.19 -10.11 20.50
N ILE A 506 -1.62 -11.05 21.25
CA ILE A 506 -2.11 -12.43 21.24
C ILE A 506 -3.55 -12.49 21.75
N GLU A 507 -3.90 -11.63 22.72
CA GLU A 507 -5.26 -11.54 23.24
C GLU A 507 -6.19 -10.72 22.36
N ARG A 508 -5.66 -9.91 21.44
CA ARG A 508 -6.44 -8.95 20.67
C ARG A 508 -7.04 -9.69 19.49
N LYS A 509 -8.26 -10.19 19.67
CA LYS A 509 -8.90 -11.00 18.66
C LYS A 509 -9.94 -10.23 17.86
N ASP A 510 -10.16 -8.94 18.16
CA ASP A 510 -11.15 -8.14 17.44
C ASP A 510 -10.52 -7.04 16.58
N GLY A 511 -9.25 -7.18 16.25
CA GLY A 511 -8.57 -6.16 15.49
C GLY A 511 -7.10 -6.49 15.29
N PRO A 512 -6.48 -5.86 14.29
CA PRO A 512 -5.07 -6.11 14.01
C PRO A 512 -4.18 -5.45 15.06
N SER A 513 -2.97 -5.99 15.18
CA SER A 513 -1.91 -5.42 16.02
C SER A 513 -0.68 -5.19 15.17
N ALA A 514 -0.22 -3.95 15.14
CA ALA A 514 1.04 -3.57 14.50
C ALA A 514 2.07 -3.38 15.59
N LEU A 515 3.05 -4.29 15.67
CA LEU A 515 4.08 -4.28 16.70
C LEU A 515 5.39 -3.76 16.10
N ILE A 516 5.83 -2.61 16.59
CA ILE A 516 6.88 -1.82 15.97
C ILE A 516 8.17 -2.04 16.76
N PHE A 517 9.16 -2.69 16.15
CA PHE A 517 10.36 -3.16 16.83
C PHE A 517 11.61 -2.51 16.22
N SER A 518 12.61 -2.30 17.05
CA SER A 518 13.81 -1.60 16.65
C SER A 518 14.85 -2.58 16.08
N ARG A 519 15.71 -2.06 15.21
CA ARG A 519 16.90 -2.82 14.84
C ARG A 519 17.92 -2.83 15.96
N GLN A 520 18.06 -1.72 16.67
CA GLN A 520 19.17 -1.47 17.57
C GLN A 520 18.77 -1.67 19.04
N ASN A 521 19.80 -1.86 19.87
CA ASN A 521 19.61 -2.18 21.28
C ASN A 521 18.86 -1.07 22.00
N LEU A 522 18.00 -1.45 22.94
CA LEU A 522 17.22 -0.49 23.69
C LEU A 522 17.48 -0.69 25.18
N ALA A 523 17.69 0.41 25.88
CA ALA A 523 17.95 0.34 27.33
C ALA A 523 16.67 0.01 28.09
N GLN A 524 16.75 -0.97 28.97
CA GLN A 524 15.59 -1.29 29.80
C GLN A 524 15.38 -0.22 30.86
N GLN A 525 14.13 0.14 31.06
CA GLN A 525 13.76 1.12 32.06
C GLN A 525 13.30 0.43 33.33
N GLU A 526 13.45 1.12 34.46
CA GLU A 526 12.99 0.61 35.74
C GLU A 526 11.51 0.86 35.90
N ARG A 527 10.79 -0.09 36.50
CA ARG A 527 9.36 0.06 36.72
C ARG A 527 8.94 -0.63 38.00
N THR A 528 8.05 0.03 38.75
CA THR A 528 7.31 -0.66 39.80
C THR A 528 6.34 -1.66 39.17
N ALA A 529 5.75 -2.50 40.01
CA ALA A 529 4.75 -3.44 39.50
C ALA A 529 3.53 -2.73 38.95
N GLU A 530 3.13 -1.60 39.56
CA GLU A 530 2.02 -0.82 39.01
C GLU A 530 2.36 -0.25 37.63
N GLN A 531 3.60 0.21 37.44
CA GLN A 531 4.00 0.74 36.15
C GLN A 531 4.00 -0.35 35.09
N VAL A 532 4.47 -1.55 35.46
CA VAL A 532 4.39 -2.69 34.55
C VAL A 532 2.94 -2.93 34.13
N ALA A 533 2.01 -2.86 35.08
CA ALA A 533 0.61 -3.09 34.74
C ALA A 533 0.06 -1.98 33.87
N ASP A 534 0.54 -0.74 34.04
CA ASP A 534 0.05 0.37 33.25
C ASP A 534 0.66 0.47 31.84
N ILE A 535 1.66 -0.35 31.49
CA ILE A 535 2.08 -0.42 30.09
C ILE A 535 0.88 -0.72 29.20
N ALA A 536 0.00 -1.61 29.65
CA ALA A 536 -1.18 -2.03 28.89
C ALA A 536 -2.17 -0.90 28.69
N LYS A 537 -2.05 0.19 29.41
CA LYS A 537 -2.91 1.35 29.19
C LYS A 537 -2.39 2.25 28.08
N GLY A 538 -1.31 1.86 27.40
CA GLY A 538 -0.89 2.58 26.21
C GLY A 538 -0.03 3.80 26.46
N GLY A 539 -0.23 4.45 27.61
CA GLY A 539 0.56 5.58 28.03
C GLY A 539 0.54 5.71 29.54
N TYR A 540 1.68 5.97 30.17
CA TYR A 540 1.78 5.96 31.63
C TYR A 540 3.01 6.77 32.04
N ILE A 541 3.03 7.12 33.33
CA ILE A 541 4.14 7.86 33.91
C ILE A 541 5.28 6.89 34.17
N LEU A 542 6.38 7.04 33.44
CA LEU A 542 7.59 6.26 33.63
C LEU A 542 8.48 6.88 34.70
N LYS A 543 8.67 8.20 34.61
CA LYS A 543 9.47 8.97 35.55
C LYS A 543 8.63 10.17 35.97
N ASP A 544 8.29 10.24 37.26
CA ASP A 544 7.56 11.39 37.76
C ASP A 544 8.52 12.37 38.43
N SER A 545 8.06 13.61 38.57
CA SER A 545 8.80 14.62 39.31
C SER A 545 8.35 14.65 40.76
N ASP A 546 9.13 15.36 41.58
CA ASP A 546 8.84 15.57 43.00
C ASP A 546 7.93 16.78 43.11
N GLY A 547 6.64 16.53 43.26
CA GLY A 547 5.67 17.60 43.09
C GLY A 547 5.18 17.68 41.66
N LYS A 548 4.24 18.58 41.44
CA LYS A 548 3.61 18.72 40.13
C LYS A 548 4.67 19.04 39.06
N PRO A 549 4.67 18.33 37.93
CA PRO A 549 5.67 18.63 36.89
C PRO A 549 5.41 19.97 36.24
N GLU A 550 6.49 20.66 35.89
CA GLU A 550 6.42 21.86 35.07
C GLU A 550 6.72 21.57 33.60
N LEU A 551 7.09 20.34 33.28
CA LEU A 551 7.46 19.99 31.91
C LEU A 551 7.21 18.50 31.76
N ILE A 552 6.57 18.10 30.66
CA ILE A 552 6.32 16.70 30.39
C ILE A 552 7.01 16.30 29.09
N LEU A 553 7.79 15.23 29.15
CA LEU A 553 8.41 14.65 27.98
C LEU A 553 7.63 13.38 27.64
N ILE A 554 7.13 13.32 26.40
CA ILE A 554 6.34 12.17 25.93
C ILE A 554 7.18 11.46 24.86
N ALA A 555 7.46 10.17 25.07
CA ALA A 555 8.33 9.48 24.14
C ALA A 555 7.85 8.06 23.93
N THR A 556 8.28 7.49 22.80
CA THR A 556 7.93 6.13 22.39
C THR A 556 9.19 5.39 21.98
N GLY A 557 9.12 4.06 22.08
CA GLY A 557 10.11 3.21 21.44
C GLY A 557 11.53 3.58 21.79
N SER A 558 12.39 3.64 20.76
CA SER A 558 13.80 3.91 20.96
C SER A 558 14.07 5.29 21.54
N GLU A 559 13.12 6.21 21.50
CA GLU A 559 13.41 7.55 22.03
C GLU A 559 13.06 7.72 23.51
N VAL A 560 12.59 6.68 24.19
CA VAL A 560 12.31 6.85 25.62
C VAL A 560 13.60 7.08 26.40
N GLU A 561 14.67 6.34 26.08
CA GLU A 561 15.94 6.54 26.77
C GLU A 561 16.40 7.98 26.66
N LEU A 562 16.34 8.54 25.45
CA LEU A 562 16.66 9.94 25.23
C LEU A 562 15.88 10.86 26.15
N ALA A 563 14.58 10.61 26.33
CA ALA A 563 13.78 11.46 27.20
C ALA A 563 14.18 11.30 28.66
N VAL A 564 14.48 10.07 29.08
CA VAL A 564 14.90 9.83 30.47
C VAL A 564 16.19 10.59 30.75
N LYS A 565 17.17 10.50 29.85
CA LYS A 565 18.43 11.20 30.07
C LYS A 565 18.25 12.71 30.11
N ALA A 566 17.44 13.25 29.19
CA ALA A 566 17.22 14.70 29.18
C ALA A 566 16.55 15.16 30.46
N ALA A 567 15.54 14.42 30.93
CA ALA A 567 14.89 14.76 32.19
C ALA A 567 15.90 14.74 33.35
N GLU A 568 16.73 13.70 33.40
CA GLU A 568 17.77 13.62 34.43
C GLU A 568 18.61 14.90 34.47
N GLN A 569 19.05 15.36 33.31
CA GLN A 569 19.84 16.58 33.29
C GLN A 569 19.01 17.79 33.69
N LEU A 570 17.77 17.88 33.19
CA LEU A 570 16.93 19.01 33.56
C LEU A 570 16.63 19.00 35.06
N THR A 571 16.42 17.81 35.63
CA THR A 571 16.18 17.72 37.07
C THR A 571 17.41 18.13 37.86
N ALA A 572 18.60 17.77 37.37
CA ALA A 572 19.83 18.21 38.02
C ALA A 572 19.96 19.73 37.99
N GLU A 573 19.45 20.37 36.95
CA GLU A 573 19.45 21.83 36.88
C GLU A 573 18.24 22.46 37.54
N GLY A 574 17.48 21.69 38.32
CA GLY A 574 16.42 22.24 39.14
C GLY A 574 15.01 22.18 38.58
N LYS A 575 14.81 21.66 37.37
CA LYS A 575 13.46 21.62 36.82
C LYS A 575 12.69 20.39 37.30
N LYS A 576 11.37 20.48 37.25
CA LYS A 576 10.49 19.38 37.62
C LYS A 576 9.96 18.74 36.34
N VAL A 577 10.46 17.54 36.02
CA VAL A 577 10.23 16.93 34.71
C VAL A 577 9.56 15.57 34.88
N ARG A 578 8.53 15.32 34.07
CA ARG A 578 7.85 14.03 34.02
C ARG A 578 8.12 13.37 32.67
N VAL A 579 8.42 12.07 32.70
CA VAL A 579 8.62 11.30 31.47
C VAL A 579 7.43 10.37 31.31
N VAL A 580 6.71 10.50 30.19
CA VAL A 580 5.60 9.62 29.87
C VAL A 580 6.03 8.72 28.72
N SER A 581 5.96 7.42 28.94
CA SER A 581 6.13 6.43 27.88
C SER A 581 4.79 6.17 27.23
N MET A 582 4.73 6.30 25.90
CA MET A 582 3.47 6.17 25.17
C MET A 582 3.62 5.06 24.13
N PRO A 583 3.73 3.80 24.58
CA PRO A 583 3.88 2.71 23.61
C PRO A 583 2.72 2.57 22.63
N ALA A 584 1.50 2.93 23.03
CA ALA A 584 0.37 2.79 22.11
C ALA A 584 -0.61 3.91 22.37
N THR A 585 -0.68 4.88 21.45
CA THR A 585 -1.60 5.99 21.63
C THR A 585 -3.05 5.54 21.61
N ASP A 586 -3.39 4.55 20.76
CA ASP A 586 -4.77 4.10 20.64
C ASP A 586 -5.26 3.47 21.95
N ALA A 587 -4.39 2.75 22.65
CA ALA A 587 -4.80 2.26 23.98
C ALA A 587 -4.93 3.42 24.97
N PHE A 588 -4.03 4.39 24.91
CA PHE A 588 -4.13 5.52 25.83
C PHE A 588 -5.42 6.31 25.59
N ASP A 589 -5.76 6.53 24.32
CA ASP A 589 -6.98 7.24 23.97
C ASP A 589 -8.22 6.56 24.56
N LYS A 590 -8.19 5.24 24.78
CA LYS A 590 -9.37 4.54 25.28
C LYS A 590 -9.46 4.53 26.81
N GLN A 591 -8.45 5.05 27.51
CA GLN A 591 -8.52 5.12 28.96
C GLN A 591 -9.51 6.21 29.40
N ASP A 592 -9.99 6.11 30.64
CA ASP A 592 -10.99 7.08 31.07
C ASP A 592 -10.33 8.44 31.31
N ALA A 593 -11.18 9.46 31.47
CA ALA A 593 -10.69 10.84 31.54
C ALA A 593 -9.82 11.05 32.76
N ALA A 594 -10.13 10.38 33.87
CA ALA A 594 -9.31 10.51 35.07
C ALA A 594 -7.91 9.98 34.85
N TYR A 595 -7.79 8.81 34.20
CA TYR A 595 -6.46 8.26 34.00
C TYR A 595 -5.64 9.14 33.07
N ARG A 596 -6.23 9.54 31.94
CA ARG A 596 -5.49 10.37 30.99
C ARG A 596 -5.10 11.70 31.61
N GLU A 597 -6.00 12.31 32.39
CA GLU A 597 -5.65 13.55 33.06
C GLU A 597 -4.53 13.33 34.07
N SER A 598 -4.47 12.15 34.68
CA SER A 598 -3.40 11.85 35.64
C SER A 598 -2.05 11.69 34.96
N VAL A 599 -2.04 11.22 33.71
CA VAL A 599 -0.79 11.09 32.98
C VAL A 599 -0.44 12.42 32.31
N LEU A 600 -1.40 13.04 31.64
CA LEU A 600 -1.21 14.31 30.93
C LEU A 600 -2.18 15.35 31.48
N PRO A 601 -1.84 16.00 32.59
CA PRO A 601 -2.77 17.00 33.16
C PRO A 601 -2.88 18.23 32.28
N SER A 602 -4.11 18.73 32.15
CA SER A 602 -4.36 19.91 31.33
C SER A 602 -3.68 21.17 31.83
N ASP A 603 -3.30 21.23 33.12
CA ASP A 603 -2.58 22.39 33.65
C ASP A 603 -1.18 22.49 33.08
N VAL A 604 -0.56 21.37 32.75
CA VAL A 604 0.84 21.32 32.37
C VAL A 604 0.90 21.30 30.84
N THR A 605 1.13 22.46 30.24
CA THR A 605 1.12 22.61 28.80
C THR A 605 2.52 22.59 28.18
N ALA A 606 3.57 22.70 28.98
CA ALA A 606 4.93 22.59 28.50
C ALA A 606 5.23 21.11 28.28
N ARG A 607 4.91 20.62 27.09
CA ARG A 607 5.12 19.23 26.74
C ARG A 607 6.03 19.15 25.52
N ILE A 608 6.84 18.10 25.45
CA ILE A 608 7.65 17.82 24.27
C ILE A 608 7.46 16.37 23.92
N ALA A 609 7.07 16.11 22.67
CA ALA A 609 6.96 14.74 22.15
C ALA A 609 8.23 14.41 21.41
N ILE A 610 8.78 13.23 21.67
CA ILE A 610 10.06 12.81 21.13
C ILE A 610 9.90 11.45 20.49
N GLU A 611 10.14 11.38 19.18
CA GLU A 611 9.94 10.15 18.43
C GLU A 611 10.63 10.31 17.09
N ALA A 612 11.35 9.29 16.65
CA ALA A 612 12.01 9.31 15.34
C ALA A 612 11.00 8.97 14.25
N GLY A 613 9.99 9.83 14.13
CA GLY A 613 8.91 9.69 13.17
C GLY A 613 8.38 11.06 12.82
N ILE A 614 7.38 11.10 11.92
CA ILE A 614 6.88 12.36 11.41
C ILE A 614 6.32 13.21 12.55
N THR A 615 6.66 14.52 12.54
CA THR A 615 6.38 15.36 13.72
C THR A 615 4.90 15.64 13.88
N ASP A 616 4.18 15.92 12.78
CA ASP A 616 2.88 16.58 12.88
C ASP A 616 1.82 15.70 13.56
N PHE A 617 2.04 14.39 13.67
CA PHE A 617 1.10 13.57 14.41
C PHE A 617 0.96 14.05 15.86
N TRP A 618 2.03 14.55 16.45
CA TRP A 618 2.07 14.74 17.89
C TRP A 618 1.33 15.99 18.37
N TYR A 619 0.80 16.80 17.47
CA TYR A 619 0.00 17.95 17.89
C TYR A 619 -1.19 17.51 18.72
N LYS A 620 -1.68 16.28 18.52
CA LYS A 620 -2.78 15.81 19.35
C LYS A 620 -2.41 15.80 20.83
N TYR A 621 -1.15 15.55 21.16
CA TYR A 621 -0.76 15.41 22.56
C TYR A 621 0.03 16.58 23.12
N VAL A 622 0.53 17.48 22.26
CA VAL A 622 1.26 18.66 22.74
C VAL A 622 0.55 19.96 22.42
N GLY A 623 -0.44 19.97 21.51
CA GLY A 623 -1.11 21.25 21.27
C GLY A 623 -0.17 22.32 20.69
N PHE A 624 -0.64 23.57 20.76
CA PHE A 624 0.13 24.71 20.26
C PHE A 624 1.24 25.14 21.22
N ASP A 625 1.18 24.78 22.49
CA ASP A 625 2.11 25.28 23.48
C ASP A 625 3.25 24.32 23.80
N GLY A 626 3.24 23.12 23.23
CA GLY A 626 4.33 22.19 23.38
C GLY A 626 5.30 22.26 22.22
N ARG A 627 6.26 21.34 22.22
CA ARG A 627 7.18 21.18 21.11
C ARG A 627 7.19 19.71 20.70
N ILE A 628 7.68 19.47 19.49
CA ILE A 628 7.83 18.13 18.96
C ILE A 628 9.25 17.97 18.47
N ILE A 629 9.92 16.93 18.92
CA ILE A 629 11.23 16.56 18.40
C ILE A 629 11.04 15.29 17.59
N GLY A 630 10.94 15.44 16.27
CA GLY A 630 10.76 14.30 15.40
C GLY A 630 11.33 14.54 14.01
N MET A 631 10.86 13.78 13.03
CA MET A 631 11.35 13.92 11.67
C MET A 631 10.39 14.77 10.85
N THR A 632 10.96 15.57 9.95
CA THR A 632 10.20 16.39 9.02
C THR A 632 10.64 16.14 7.57
N THR A 633 11.47 15.13 7.34
CA THR A 633 12.02 14.80 6.05
C THR A 633 12.11 13.30 5.94
N PHE A 634 12.39 12.84 4.73
CA PHE A 634 12.91 11.48 4.59
C PHE A 634 14.26 11.39 5.29
N GLY A 635 14.74 10.15 5.49
CA GLY A 635 16.05 9.92 6.08
C GLY A 635 17.17 10.05 5.06
N GLU A 636 18.36 9.56 5.45
CA GLU A 636 19.53 9.55 4.57
C GLU A 636 20.35 8.32 4.88
N SER A 637 21.11 7.85 3.90
CA SER A 637 21.94 6.69 4.11
C SER A 637 23.20 7.11 4.86
N ALA A 638 23.33 6.63 6.09
CA ALA A 638 24.51 6.85 6.92
C ALA A 638 24.40 5.93 8.14
N PRO A 639 25.49 5.72 8.88
CA PRO A 639 25.39 4.96 10.12
C PRO A 639 24.35 5.54 11.08
N ALA A 640 23.68 4.66 11.81
CA ALA A 640 22.52 5.05 12.61
C ALA A 640 22.85 6.17 13.61
N ASP A 641 23.98 6.05 14.31
CA ASP A 641 24.28 7.05 15.34
C ASP A 641 24.56 8.42 14.74
N GLN A 642 25.13 8.49 13.54
CA GLN A 642 25.28 9.79 12.90
C GLN A 642 23.93 10.35 12.46
N LEU A 643 22.98 9.49 12.06
CA LEU A 643 21.65 9.97 11.69
C LEU A 643 20.93 10.55 12.91
N PHE A 644 20.91 9.81 14.02
CA PHE A 644 20.24 10.31 15.21
C PHE A 644 20.79 11.68 15.61
N GLU A 645 22.12 11.82 15.63
CA GLU A 645 22.72 13.11 15.96
C GLU A 645 22.33 14.17 14.94
N MET A 646 22.42 13.87 13.64
CA MET A 646 22.12 14.86 12.61
C MET A 646 20.66 15.33 12.65
N PHE A 647 19.73 14.44 13.00
CA PHE A 647 18.33 14.80 12.97
C PHE A 647 17.83 15.29 14.31
N GLY A 648 18.72 15.57 15.26
CA GLY A 648 18.34 16.22 16.50
C GLY A 648 17.95 15.32 17.64
N PHE A 649 18.17 14.01 17.52
CA PHE A 649 17.81 13.09 18.60
C PHE A 649 19.02 12.93 19.54
N THR A 650 19.34 14.04 20.22
CA THR A 650 20.42 14.12 21.19
C THR A 650 19.88 14.67 22.51
N VAL A 651 20.60 14.37 23.61
CA VAL A 651 20.24 14.94 24.90
C VAL A 651 20.34 16.45 24.86
N GLU A 652 21.40 16.98 24.23
CA GLU A 652 21.61 18.43 24.13
C GLU A 652 20.42 19.13 23.49
N ASN A 653 19.95 18.61 22.36
CA ASN A 653 18.82 19.26 21.69
C ASN A 653 17.55 19.17 22.53
N VAL A 654 17.28 18.01 23.13
CA VAL A 654 16.08 17.90 23.95
C VAL A 654 16.15 18.87 25.12
N VAL A 655 17.29 18.93 25.80
CA VAL A 655 17.48 19.82 26.96
C VAL A 655 17.35 21.29 26.53
N ASN A 656 17.98 21.65 25.41
CA ASN A 656 17.88 23.03 24.93
C ASN A 656 16.45 23.38 24.54
N THR A 657 15.74 22.44 23.93
CA THR A 657 14.35 22.69 23.56
C THR A 657 13.47 22.88 24.78
N ALA A 658 13.65 22.03 25.80
CA ALA A 658 12.89 22.17 27.03
C ALA A 658 13.13 23.52 27.69
N LYS A 659 14.40 23.96 27.73
CA LYS A 659 14.72 25.18 28.44
C LYS A 659 14.13 26.39 27.73
N GLU A 660 14.24 26.44 26.40
CA GLU A 660 13.55 27.48 25.65
C GLU A 660 12.05 27.43 25.91
N LEU A 661 11.46 26.23 25.82
CA LEU A 661 10.02 26.08 26.01
C LEU A 661 9.58 26.62 27.37
N LEU A 662 10.28 26.22 28.45
CA LEU A 662 9.94 26.70 29.78
C LEU A 662 10.12 28.21 29.89
N ALA A 663 11.20 28.76 29.34
CA ALA A 663 11.39 30.20 29.45
C ALA A 663 10.27 30.94 28.75
N GLU A 664 9.86 30.44 27.58
CA GLU A 664 8.73 31.00 26.86
C GLU A 664 7.44 30.90 27.67
N ASN A 665 7.16 29.72 28.22
CA ASN A 665 5.88 29.53 28.90
C ASN A 665 5.84 30.30 30.22
N LEU A 666 6.96 30.36 30.95
CA LEU A 666 7.02 31.19 32.14
C LEU A 666 6.87 32.67 31.81
N TYR A 667 7.34 33.09 30.63
CA TYR A 667 7.17 34.47 30.22
C TYR A 667 5.69 34.80 29.97
N PHE A 668 4.97 33.91 29.28
CA PHE A 668 3.56 34.19 28.98
C PHE A 668 2.69 34.05 30.22
N GLN A 669 3.00 33.09 31.08
CA GLN A 669 2.32 33.03 32.38
C GLN A 669 2.46 34.34 33.13
N GLY A 670 3.68 34.90 33.13
CA GLY A 670 3.93 36.12 33.87
C GLY A 670 3.08 37.29 33.42
N LEU A 671 2.85 37.42 32.10
CA LEU A 671 2.00 38.51 31.61
C LEU A 671 0.59 38.37 32.12
N GLU A 672 0.16 37.14 32.38
CA GLU A 672 -1.20 36.87 32.81
C GLU A 672 -1.35 36.83 34.33
N HIS A 673 -0.23 36.75 35.08
CA HIS A 673 -0.29 36.30 36.47
C HIS A 673 -1.16 37.22 37.32
N HIS A 674 -1.03 38.53 37.16
CA HIS A 674 -1.75 39.46 38.01
C HIS A 674 -3.19 39.71 37.57
N HIS A 675 -3.61 39.22 36.40
CA HIS A 675 -5.00 39.34 36.00
C HIS A 675 -5.89 38.59 37.01
N HIS A 676 -7.12 39.05 37.16
CA HIS A 676 -7.96 38.50 38.23
C HIS A 676 -8.88 37.37 37.77
N HIS A 677 -9.08 37.21 36.48
CA HIS A 677 -9.89 36.10 35.98
C HIS A 677 -9.16 34.78 36.20
N HIS A 678 -9.91 33.69 36.16
CA HIS A 678 -9.32 32.36 36.33
C HIS A 678 -8.33 32.07 35.19
N MET B 1 42.76 -7.20 -23.48
CA MET B 1 42.65 -7.87 -22.19
C MET B 1 41.49 -8.86 -22.14
N ASP B 2 41.69 -9.97 -21.41
CA ASP B 2 40.65 -10.97 -21.21
C ASP B 2 39.42 -10.37 -20.56
N ARG B 3 38.25 -10.87 -20.98
CA ARG B 3 36.96 -10.41 -20.46
C ARG B 3 36.85 -10.63 -18.95
N LYS B 4 37.29 -11.80 -18.47
CA LYS B 4 37.04 -12.17 -17.08
C LYS B 4 37.75 -11.24 -16.12
N HIS B 5 38.88 -10.65 -16.51
CA HIS B 5 39.52 -9.65 -15.67
C HIS B 5 38.64 -8.41 -15.54
N LEU B 6 38.00 -8.00 -16.62
CA LEU B 6 37.16 -6.81 -16.57
C LEU B 6 35.97 -7.05 -15.63
N ALA B 7 35.24 -8.15 -15.83
CA ALA B 7 34.17 -8.53 -14.91
C ALA B 7 34.69 -8.63 -13.48
N ASN B 8 35.92 -9.13 -13.29
CA ASN B 8 36.43 -9.30 -11.94
C ASN B 8 36.70 -7.96 -11.24
N ALA B 9 36.91 -6.88 -11.99
CA ALA B 9 37.06 -5.56 -11.38
C ALA B 9 35.78 -5.14 -10.66
N ILE B 10 34.61 -5.47 -11.23
CA ILE B 10 33.34 -5.21 -10.57
C ILE B 10 33.30 -5.93 -9.23
N ARG B 11 33.69 -7.20 -9.24
CA ARG B 11 33.63 -8.00 -8.01
C ARG B 11 34.55 -7.43 -6.93
N ALA B 12 35.72 -6.93 -7.32
CA ALA B 12 36.68 -6.45 -6.33
C ALA B 12 36.22 -5.13 -5.72
N LEU B 13 35.84 -4.17 -6.56
CA LEU B 13 35.28 -2.92 -6.04
C LEU B 13 34.03 -3.18 -5.17
N SER B 14 33.16 -4.09 -5.61
CA SER B 14 31.95 -4.38 -4.83
C SER B 14 32.28 -4.91 -3.44
N MET B 15 33.10 -5.98 -3.38
CA MET B 15 33.39 -6.59 -2.08
C MET B 15 34.27 -5.69 -1.24
N ASP B 16 35.12 -4.87 -1.86
CA ASP B 16 35.93 -3.91 -1.11
C ASP B 16 35.08 -2.75 -0.60
N GLY B 17 34.20 -2.23 -1.46
CA GLY B 17 33.28 -1.18 -1.01
C GLY B 17 32.40 -1.63 0.14
N VAL B 18 31.90 -2.86 0.08
CA VAL B 18 31.04 -3.33 1.17
C VAL B 18 31.88 -3.54 2.42
N GLN B 19 33.10 -4.06 2.27
CA GLN B 19 33.93 -4.34 3.43
C GLN B 19 34.35 -3.07 4.15
N LYS B 20 34.72 -2.02 3.40
CA LYS B 20 35.12 -0.78 4.06
C LYS B 20 33.94 -0.14 4.79
N ALA B 21 32.74 -0.23 4.20
CA ALA B 21 31.56 0.27 4.90
C ALA B 21 31.18 -0.63 6.08
N ASN B 22 31.63 -1.89 6.09
CA ASN B 22 31.13 -2.89 7.03
C ASN B 22 29.61 -2.96 7.00
N SER B 23 29.06 -2.81 5.80
CA SER B 23 27.63 -2.77 5.57
C SER B 23 27.41 -2.88 4.06
N GLY B 24 26.33 -3.54 3.68
CA GLY B 24 26.02 -3.68 2.27
C GLY B 24 25.99 -5.14 1.84
N HIS B 25 25.79 -5.32 0.54
CA HIS B 25 25.36 -6.59 -0.04
C HIS B 25 26.31 -6.97 -1.17
N PRO B 26 27.28 -7.86 -0.92
CA PRO B 26 28.21 -8.25 -2.00
C PRO B 26 27.71 -9.39 -2.89
N GLY B 27 26.68 -10.13 -2.48
CA GLY B 27 26.26 -11.32 -3.21
C GLY B 27 25.85 -11.08 -4.65
N ALA B 28 24.78 -10.30 -4.85
CA ALA B 28 24.30 -10.06 -6.21
C ALA B 28 25.30 -9.34 -7.09
N PRO B 29 26.05 -8.33 -6.63
CA PRO B 29 27.07 -7.74 -7.52
C PRO B 29 28.09 -8.74 -8.01
N MET B 30 28.48 -9.70 -7.16
CA MET B 30 29.45 -10.70 -7.59
C MET B 30 28.82 -11.73 -8.51
N GLY B 31 27.53 -12.04 -8.31
CA GLY B 31 26.87 -13.00 -9.17
C GLY B 31 26.56 -12.49 -10.56
N MET B 32 26.36 -11.17 -10.71
CA MET B 32 25.94 -10.60 -11.99
C MET B 32 27.06 -9.88 -12.72
N ALA B 33 28.29 -9.95 -12.20
CA ALA B 33 29.38 -9.18 -12.80
C ALA B 33 29.56 -9.51 -14.28
N ASP B 34 29.51 -10.80 -14.63
CA ASP B 34 29.72 -11.17 -16.03
C ASP B 34 28.64 -10.56 -16.91
N ILE B 35 27.37 -10.66 -16.48
CA ILE B 35 26.27 -10.12 -17.25
C ILE B 35 26.43 -8.61 -17.43
N ALA B 36 26.76 -7.92 -16.34
CA ALA B 36 26.97 -6.48 -16.42
C ALA B 36 28.07 -6.13 -17.42
N GLU B 37 29.17 -6.88 -17.38
CA GLU B 37 30.31 -6.59 -18.27
C GLU B 37 29.90 -6.76 -19.73
N VAL B 38 29.31 -7.91 -20.06
CA VAL B 38 28.83 -8.12 -21.42
C VAL B 38 27.88 -7.00 -21.84
N LEU B 39 26.87 -6.71 -21.01
CA LEU B 39 25.90 -5.68 -21.38
C LEU B 39 26.58 -4.33 -21.52
N TRP B 40 27.32 -3.92 -20.50
CA TRP B 40 27.83 -2.55 -20.48
C TRP B 40 28.96 -2.35 -21.50
N ARG B 41 29.92 -3.27 -21.56
CA ARG B 41 31.01 -3.09 -22.52
C ARG B 41 30.59 -3.41 -23.95
N GLY B 42 29.68 -4.38 -24.13
CA GLY B 42 29.35 -4.87 -25.45
C GLY B 42 28.15 -4.25 -26.14
N HIS B 43 27.18 -3.72 -25.38
CA HIS B 43 25.92 -3.33 -26.00
C HIS B 43 25.35 -2.00 -25.55
N LEU B 44 25.57 -1.56 -24.31
CA LEU B 44 24.91 -0.37 -23.80
C LEU B 44 25.39 0.87 -24.55
N ASN B 45 24.45 1.70 -24.99
CA ASN B 45 24.78 2.96 -25.66
C ASN B 45 24.55 4.10 -24.69
N HIS B 46 25.64 4.71 -24.22
CA HIS B 46 25.55 5.79 -23.26
C HIS B 46 26.81 6.63 -23.33
N ASN B 47 26.69 7.88 -22.90
CA ASN B 47 27.84 8.77 -22.82
C ASN B 47 28.12 9.17 -21.38
N PRO B 48 29.16 8.63 -20.74
CA PRO B 48 29.46 9.03 -19.35
C PRO B 48 29.69 10.52 -19.16
N SER B 49 30.02 11.26 -20.22
CA SER B 49 30.21 12.70 -20.10
C SER B 49 28.91 13.47 -20.14
N ASN B 50 27.81 12.84 -20.56
CA ASN B 50 26.49 13.46 -20.51
C ASN B 50 25.48 12.39 -20.10
N PRO B 51 25.24 12.25 -18.80
CA PRO B 51 24.26 11.25 -18.33
C PRO B 51 22.83 11.57 -18.73
N GLU B 52 22.57 12.75 -19.29
CA GLU B 52 21.23 13.14 -19.72
C GLU B 52 21.07 13.15 -21.23
N TRP B 53 21.99 12.55 -21.98
CA TRP B 53 21.79 12.37 -23.41
C TRP B 53 20.43 11.74 -23.66
N ALA B 54 19.58 12.45 -24.40
CA ALA B 54 18.20 12.02 -24.58
C ALA B 54 18.07 10.62 -25.15
N ASP B 55 18.98 10.20 -26.05
CA ASP B 55 18.83 8.92 -26.71
C ASP B 55 19.71 7.82 -26.12
N ARG B 56 20.26 8.03 -24.94
CA ARG B 56 20.97 6.95 -24.26
C ARG B 56 20.04 5.77 -24.01
N ASP B 57 20.61 4.57 -23.98
CA ASP B 57 19.94 3.45 -23.36
C ASP B 57 19.74 3.71 -21.86
N ARG B 58 18.74 3.07 -21.28
CA ARG B 58 18.44 3.20 -19.86
C ARG B 58 18.71 1.86 -19.20
N PHE B 59 19.54 1.87 -18.15
CA PHE B 59 19.78 0.69 -17.32
C PHE B 59 19.14 0.91 -15.96
N VAL B 60 18.40 -0.08 -15.48
CA VAL B 60 17.79 -0.04 -14.15
C VAL B 60 18.24 -1.26 -13.37
N LEU B 61 18.68 -1.04 -12.14
CA LEU B 61 19.07 -2.13 -11.26
C LEU B 61 17.92 -2.33 -10.27
N SER B 62 17.01 -3.25 -10.61
CA SER B 62 15.80 -3.47 -9.80
C SER B 62 16.10 -4.22 -8.50
N ASN B 63 17.07 -5.15 -8.51
CA ASN B 63 17.54 -5.72 -7.25
C ASN B 63 18.52 -4.72 -6.61
N GLY B 64 17.94 -3.62 -6.13
CA GLY B 64 18.69 -2.42 -5.75
C GLY B 64 19.66 -2.60 -4.60
N HIS B 65 19.49 -3.66 -3.80
CA HIS B 65 20.43 -3.90 -2.70
C HIS B 65 21.84 -4.19 -3.20
N GLY B 66 22.01 -4.67 -4.44
CA GLY B 66 23.33 -4.82 -5.02
C GLY B 66 23.88 -3.51 -5.56
N SER B 67 23.80 -2.45 -4.76
CA SER B 67 24.13 -1.11 -5.22
C SER B 67 25.58 -0.97 -5.65
N MET B 68 26.51 -1.68 -5.00
CA MET B 68 27.92 -1.62 -5.42
C MET B 68 28.09 -2.04 -6.87
N LEU B 69 27.18 -2.86 -7.41
CA LEU B 69 27.26 -3.24 -8.82
C LEU B 69 27.16 -2.02 -9.73
N ILE B 70 26.12 -1.20 -9.55
CA ILE B 70 25.95 -0.05 -10.45
C ILE B 70 27.00 1.02 -10.15
N TYR B 71 27.34 1.24 -8.87
CA TYR B 71 28.43 2.16 -8.55
C TYR B 71 29.74 1.71 -9.20
N SER B 72 30.00 0.40 -9.20
CA SER B 72 31.20 -0.12 -9.86
C SER B 72 31.15 0.16 -11.36
N LEU B 73 29.99 -0.08 -11.98
CA LEU B 73 29.82 0.16 -13.41
C LEU B 73 30.01 1.63 -13.77
N LEU B 74 29.45 2.53 -12.97
CA LEU B 74 29.53 3.94 -13.31
C LEU B 74 30.96 4.44 -13.19
N HIS B 75 31.66 4.02 -12.14
CA HIS B 75 33.05 4.44 -11.96
C HIS B 75 33.94 3.87 -13.06
N LEU B 76 33.86 2.56 -13.28
CA LEU B 76 34.74 1.93 -14.24
C LEU B 76 34.59 2.54 -15.62
N SER B 77 33.35 2.85 -16.03
CA SER B 77 33.12 3.27 -17.40
C SER B 77 33.36 4.76 -17.61
N GLY B 78 33.59 5.52 -16.56
CA GLY B 78 34.04 6.88 -16.69
C GLY B 78 33.06 7.97 -16.31
N TYR B 79 32.00 7.65 -15.57
CA TYR B 79 31.13 8.68 -15.02
C TYR B 79 31.85 9.44 -13.92
N GLU B 80 31.32 10.62 -13.59
CA GLU B 80 31.85 11.44 -12.51
C GLU B 80 31.53 10.83 -11.15
N LEU B 81 32.10 9.65 -10.88
CA LEU B 81 31.92 8.95 -9.61
C LEU B 81 33.26 8.30 -9.30
N SER B 82 33.94 8.80 -8.28
CA SER B 82 35.36 8.52 -8.09
C SER B 82 35.58 7.34 -7.15
N ILE B 83 36.86 6.92 -7.06
CA ILE B 83 37.24 5.90 -6.08
C ILE B 83 36.89 6.36 -4.68
N ASP B 84 37.07 7.66 -4.40
CA ASP B 84 36.74 8.14 -3.06
C ASP B 84 35.24 8.04 -2.81
N ASP B 85 34.43 8.24 -3.83
CA ASP B 85 32.99 8.02 -3.67
C ASP B 85 32.71 6.58 -3.26
N LEU B 86 33.33 5.62 -3.95
CA LEU B 86 33.17 4.21 -3.58
C LEU B 86 33.71 3.94 -2.18
N LYS B 87 34.80 4.61 -1.83
CA LYS B 87 35.32 4.52 -0.47
C LYS B 87 34.38 5.12 0.56
N ASN B 88 33.37 5.89 0.12
CA ASN B 88 32.40 6.50 1.02
C ASN B 88 31.01 5.85 0.92
N PHE B 89 30.92 4.67 0.31
CA PHE B 89 29.73 3.82 0.29
C PHE B 89 29.03 3.83 1.64
N ARG B 90 27.76 4.24 1.65
CA ARG B 90 26.88 4.14 2.82
C ARG B 90 27.27 5.10 3.94
N GLN B 91 28.09 6.10 3.65
CA GLN B 91 28.55 7.08 4.62
C GLN B 91 27.77 8.39 4.50
N LEU B 92 27.81 9.18 5.57
CA LEU B 92 27.09 10.45 5.68
C LEU B 92 27.29 11.36 4.46
N HIS B 93 26.18 11.67 3.78
CA HIS B 93 26.14 12.62 2.68
C HIS B 93 26.97 12.20 1.46
N SER B 94 27.17 10.90 1.25
CA SER B 94 27.98 10.49 0.12
C SER B 94 27.15 10.40 -1.16
N LYS B 95 27.83 10.31 -2.30
CA LYS B 95 27.15 10.07 -3.56
C LYS B 95 26.79 8.61 -3.75
N THR B 96 27.09 7.76 -2.77
CA THR B 96 26.89 6.32 -2.88
C THR B 96 26.09 5.79 -1.69
N PRO B 97 24.83 6.19 -1.58
CA PRO B 97 23.98 5.68 -0.50
C PRO B 97 23.78 4.18 -0.64
N GLY B 98 23.30 3.55 0.45
CA GLY B 98 23.19 2.10 0.52
C GLY B 98 22.31 1.50 -0.56
N HIS B 99 21.26 2.20 -0.95
CA HIS B 99 20.56 1.84 -2.16
C HIS B 99 20.70 2.98 -3.16
N PRO B 100 20.79 2.69 -4.45
CA PRO B 100 21.07 3.76 -5.41
C PRO B 100 19.93 4.76 -5.44
N GLU B 101 20.28 6.04 -5.47
CA GLU B 101 19.29 7.11 -5.41
C GLU B 101 19.45 8.06 -6.59
N TYR B 102 18.32 8.33 -7.25
CA TYR B 102 18.27 9.25 -8.36
C TYR B 102 18.80 10.61 -7.94
N GLY B 103 19.70 11.15 -8.76
CA GLY B 103 20.29 12.45 -8.49
C GLY B 103 21.33 12.47 -7.40
N TYR B 104 21.64 11.35 -6.78
CA TYR B 104 22.72 11.31 -5.81
C TYR B 104 24.06 11.02 -6.48
N ALA B 105 24.03 10.31 -7.60
CA ALA B 105 25.21 9.98 -8.36
C ALA B 105 24.86 10.09 -9.84
N PRO B 106 25.79 10.52 -10.69
CA PRO B 106 25.48 10.63 -12.13
C PRO B 106 25.27 9.27 -12.74
N GLY B 107 24.27 9.16 -13.60
CA GLY B 107 23.98 7.90 -14.25
C GLY B 107 23.01 6.99 -13.52
N ILE B 108 22.61 7.32 -12.30
CA ILE B 108 21.56 6.56 -11.61
C ILE B 108 20.23 7.01 -12.19
N GLU B 109 19.50 6.08 -12.81
CA GLU B 109 18.30 6.43 -13.58
C GLU B 109 17.03 6.48 -12.75
N THR B 110 17.04 5.86 -11.58
CA THR B 110 15.90 5.80 -10.68
C THR B 110 16.40 5.28 -9.34
N THR B 111 15.66 5.61 -8.28
CA THR B 111 15.95 5.05 -6.96
C THR B 111 15.33 3.67 -6.84
N THR B 112 16.11 2.68 -6.46
CA THR B 112 15.57 1.34 -6.22
C THR B 112 15.91 0.86 -4.82
N GLY B 113 15.32 -0.27 -4.45
CA GLY B 113 15.45 -0.78 -3.10
C GLY B 113 14.18 -1.49 -2.67
N PRO B 114 13.03 -0.82 -2.79
CA PRO B 114 11.75 -1.52 -2.64
C PRO B 114 11.54 -2.47 -3.81
N LEU B 115 11.52 -3.76 -3.51
CA LEU B 115 11.56 -4.76 -4.58
C LEU B 115 10.32 -4.68 -5.47
N GLY B 116 10.52 -4.94 -6.76
CA GLY B 116 9.47 -4.87 -7.75
C GLY B 116 9.32 -3.54 -8.44
N GLN B 117 9.77 -2.45 -7.84
CA GLN B 117 9.49 -1.16 -8.45
C GLN B 117 10.51 -0.81 -9.51
N GLY B 118 11.72 -1.37 -9.43
CA GLY B 118 12.70 -1.11 -10.48
C GLY B 118 12.21 -1.59 -11.84
N ILE B 119 11.83 -2.87 -11.92
CA ILE B 119 11.31 -3.38 -13.19
C ILE B 119 10.10 -2.57 -13.64
N THR B 120 9.26 -2.13 -12.68
CA THR B 120 8.06 -1.37 -13.05
C THR B 120 8.42 0.02 -13.57
N ASN B 121 9.37 0.71 -12.92
CA ASN B 121 9.89 1.95 -13.51
C ASN B 121 10.40 1.71 -14.92
N ALA B 122 11.12 0.59 -15.13
CA ALA B 122 11.69 0.29 -16.44
C ALA B 122 10.60 0.08 -17.47
N VAL B 123 9.50 -0.57 -17.09
CA VAL B 123 8.36 -0.68 -17.99
C VAL B 123 7.88 0.71 -18.40
N GLY B 124 7.82 1.63 -17.43
CA GLY B 124 7.47 3.00 -17.74
C GLY B 124 8.42 3.66 -18.72
N MET B 125 9.73 3.54 -18.48
CA MET B 125 10.70 4.17 -19.38
C MET B 125 10.61 3.56 -20.78
N ALA B 126 10.36 2.25 -20.87
CA ALA B 126 10.15 1.65 -22.19
C ALA B 126 8.90 2.21 -22.84
N MET B 127 7.85 2.46 -22.06
CA MET B 127 6.64 3.02 -22.65
C MET B 127 6.88 4.44 -23.12
N ALA B 128 7.69 5.21 -22.38
CA ALA B 128 8.00 6.57 -22.77
C ALA B 128 8.81 6.60 -24.07
N GLU B 129 9.85 5.78 -24.17
CA GLU B 129 10.61 5.67 -25.42
C GLU B 129 9.71 5.36 -26.60
N LYS B 130 8.86 4.34 -26.45
CA LYS B 130 8.03 3.90 -27.57
C LYS B 130 7.04 4.98 -27.99
N ALA B 131 6.46 5.69 -27.01
CA ALA B 131 5.51 6.75 -27.34
C ALA B 131 6.21 7.94 -27.97
N LEU B 132 7.36 8.34 -27.41
CA LEU B 132 8.12 9.42 -28.00
C LEU B 132 8.52 9.08 -29.44
N ALA B 133 9.00 7.84 -29.65
CA ALA B 133 9.35 7.39 -30.99
C ALA B 133 8.15 7.44 -31.92
N ALA B 134 6.97 7.01 -31.45
CA ALA B 134 5.78 7.06 -32.29
C ALA B 134 5.28 8.48 -32.50
N GLN B 135 5.58 9.38 -31.60
CA GLN B 135 5.10 10.74 -31.78
C GLN B 135 6.05 11.63 -32.57
N PHE B 136 7.33 11.26 -32.67
CA PHE B 136 8.34 12.16 -33.24
C PHE B 136 9.14 11.59 -34.40
N ASN B 137 9.28 10.27 -34.50
CA ASN B 137 10.14 9.70 -35.54
C ASN B 137 9.48 9.87 -36.91
N LYS B 138 10.27 10.32 -37.88
CA LYS B 138 9.80 10.45 -39.26
C LYS B 138 10.67 9.59 -40.16
N GLU B 139 10.15 9.31 -41.35
CA GLU B 139 10.85 8.49 -42.34
C GLU B 139 12.25 9.02 -42.55
N GLY B 140 13.25 8.18 -42.30
CA GLY B 140 14.64 8.56 -42.38
C GLY B 140 15.14 9.43 -41.25
N HIS B 141 14.37 9.61 -40.18
CA HIS B 141 14.81 10.46 -39.08
C HIS B 141 14.25 9.88 -37.78
N ASP B 142 14.83 8.74 -37.36
CA ASP B 142 14.39 8.06 -36.14
C ASP B 142 15.23 8.58 -34.99
N ILE B 143 14.82 9.73 -34.45
CA ILE B 143 15.61 10.38 -33.42
C ILE B 143 15.37 9.81 -32.04
N VAL B 144 14.40 8.91 -31.88
CA VAL B 144 14.15 8.21 -30.62
C VAL B 144 14.34 6.73 -30.89
N ASP B 145 15.36 6.14 -30.28
CA ASP B 145 15.73 4.77 -30.57
C ASP B 145 16.72 4.28 -29.53
N HIS B 146 16.21 3.85 -28.39
CA HIS B 146 17.10 3.30 -27.36
C HIS B 146 16.34 2.24 -26.59
N PHE B 147 17.10 1.39 -25.91
CA PHE B 147 16.60 0.22 -25.23
C PHE B 147 16.51 0.50 -23.74
N THR B 148 15.77 -0.37 -23.05
CA THR B 148 15.63 -0.33 -21.60
C THR B 148 16.06 -1.68 -21.06
N TYR B 149 17.16 -1.71 -20.32
CA TYR B 149 17.70 -2.92 -19.71
C TYR B 149 17.45 -2.91 -18.21
N VAL B 150 17.06 -4.07 -17.66
CA VAL B 150 16.76 -4.21 -16.24
C VAL B 150 17.38 -5.48 -15.71
N PHE B 151 18.04 -5.36 -14.57
CA PHE B 151 18.44 -6.52 -13.79
C PHE B 151 17.42 -6.69 -12.67
N MET B 152 16.94 -7.91 -12.48
CA MET B 152 16.06 -8.20 -11.34
C MET B 152 16.41 -9.54 -10.73
N GLY B 153 16.06 -9.70 -9.45
CA GLY B 153 16.24 -10.94 -8.75
C GLY B 153 14.93 -11.64 -8.44
N ASP B 154 15.02 -12.65 -7.59
CA ASP B 154 13.85 -13.42 -7.20
C ASP B 154 12.86 -12.57 -6.41
N GLY B 155 13.36 -11.63 -5.62
CA GLY B 155 12.45 -10.81 -4.81
C GLY B 155 11.51 -10.00 -5.68
N CYS B 156 12.06 -9.37 -6.72
CA CYS B 156 11.23 -8.60 -7.65
C CYS B 156 10.15 -9.47 -8.27
N LEU B 157 10.50 -10.72 -8.63
CA LEU B 157 9.54 -11.60 -9.31
C LEU B 157 8.47 -12.13 -8.37
N MET B 158 8.79 -12.27 -7.08
CA MET B 158 7.80 -12.72 -6.12
C MET B 158 6.77 -11.64 -5.83
N GLU B 159 7.19 -10.36 -5.84
CA GLU B 159 6.28 -9.26 -5.57
C GLU B 159 5.16 -9.19 -6.60
N GLY B 160 3.97 -8.83 -6.11
CA GLY B 160 2.82 -8.72 -7.00
C GLY B 160 2.96 -7.66 -8.07
N ILE B 161 3.67 -6.57 -7.78
CA ILE B 161 3.80 -5.51 -8.77
C ILE B 161 4.55 -5.98 -10.02
N SER B 162 5.40 -7.01 -9.92
CA SER B 162 6.00 -7.52 -11.16
C SER B 162 4.94 -8.12 -12.06
N HIS B 163 3.90 -8.72 -11.47
CA HIS B 163 2.81 -9.27 -12.28
C HIS B 163 2.05 -8.16 -12.99
N GLU B 164 1.81 -7.03 -12.31
CA GLU B 164 1.10 -5.93 -12.94
C GLU B 164 1.94 -5.32 -14.06
N ALA B 165 3.23 -5.07 -13.79
CA ALA B 165 4.09 -4.37 -14.74
C ALA B 165 4.29 -5.21 -16.00
N CYS B 166 4.58 -6.48 -15.82
CA CYS B 166 5.00 -7.33 -16.93
C CYS B 166 3.81 -7.86 -17.72
N SER B 167 2.66 -8.06 -17.07
CA SER B 167 1.44 -8.37 -17.81
C SER B 167 1.10 -7.23 -18.77
N LEU B 168 1.16 -5.98 -18.30
CA LEU B 168 0.83 -4.85 -19.16
C LEU B 168 1.91 -4.64 -20.23
N ALA B 169 3.17 -4.86 -19.86
CA ALA B 169 4.24 -4.70 -20.83
C ALA B 169 4.12 -5.68 -21.99
N GLY B 170 3.62 -6.89 -21.71
CA GLY B 170 3.33 -7.82 -22.78
C GLY B 170 2.22 -7.30 -23.70
N THR B 171 1.08 -6.92 -23.11
CA THR B 171 -0.04 -6.41 -23.89
C THR B 171 0.40 -5.28 -24.80
N LEU B 172 1.23 -4.37 -24.30
CA LEU B 172 1.61 -3.19 -25.05
C LEU B 172 2.78 -3.42 -25.99
N GLY B 173 3.33 -4.65 -26.04
CA GLY B 173 4.38 -5.01 -26.98
C GLY B 173 5.70 -4.24 -26.84
N LEU B 174 6.23 -4.16 -25.63
CA LEU B 174 7.43 -3.33 -25.38
C LEU B 174 8.70 -4.09 -25.74
N GLY B 175 8.91 -4.26 -27.06
CA GLY B 175 10.01 -5.07 -27.56
C GLY B 175 11.39 -4.58 -27.21
N LYS B 176 11.56 -3.31 -26.89
CA LYS B 176 12.88 -2.81 -26.50
C LYS B 176 13.13 -2.89 -25.01
N LEU B 177 12.23 -3.50 -24.25
CA LEU B 177 12.46 -3.77 -22.83
C LEU B 177 13.12 -5.13 -22.70
N ILE B 178 14.29 -5.16 -22.08
CA ILE B 178 15.11 -6.35 -21.98
C ILE B 178 15.49 -6.55 -20.52
N ALA B 179 14.97 -7.60 -19.91
CA ALA B 179 15.13 -7.83 -18.49
C ALA B 179 15.97 -9.07 -18.26
N PHE B 180 16.97 -8.95 -17.39
CA PHE B 180 17.80 -10.05 -16.98
C PHE B 180 17.37 -10.49 -15.58
N TRP B 181 16.89 -11.73 -15.45
CA TRP B 181 16.54 -12.28 -14.15
C TRP B 181 17.78 -12.98 -13.56
N ASP B 182 18.23 -12.49 -12.41
CA ASP B 182 19.32 -13.11 -11.65
C ASP B 182 18.78 -14.36 -10.94
N ASP B 183 18.75 -15.45 -11.69
CA ASP B 183 18.23 -16.73 -11.23
C ASP B 183 19.36 -17.42 -10.46
N ASN B 184 19.49 -17.09 -9.18
CA ASN B 184 20.53 -17.68 -8.33
C ASN B 184 19.98 -18.58 -7.23
N GLY B 185 18.66 -18.76 -7.15
CA GLY B 185 18.09 -19.76 -6.26
C GLY B 185 18.07 -19.41 -4.78
N ILE B 186 18.41 -18.18 -4.42
CA ILE B 186 18.61 -17.78 -3.03
C ILE B 186 17.83 -16.50 -2.76
N SER B 187 17.26 -16.41 -1.57
CA SER B 187 16.77 -15.14 -1.05
C SER B 187 17.14 -15.09 0.43
N ILE B 188 16.60 -14.12 1.15
CA ILE B 188 17.09 -13.88 2.51
C ILE B 188 16.80 -15.09 3.41
N ASP B 189 15.65 -15.73 3.23
CA ASP B 189 15.35 -16.90 4.05
C ASP B 189 16.19 -18.13 3.71
N GLY B 190 16.92 -18.10 2.58
CA GLY B 190 17.80 -19.19 2.19
C GLY B 190 17.44 -19.71 0.81
N HIS B 191 17.45 -21.04 0.67
CA HIS B 191 17.09 -21.69 -0.59
C HIS B 191 15.58 -21.51 -0.84
N VAL B 192 15.25 -20.92 -2.00
CA VAL B 192 13.90 -20.40 -2.25
C VAL B 192 12.86 -21.45 -2.56
N GLU B 193 13.27 -22.72 -2.71
CA GLU B 193 12.34 -23.77 -3.12
C GLU B 193 11.10 -23.80 -2.23
N GLY B 194 11.29 -23.59 -0.93
CA GLY B 194 10.19 -23.65 0.02
C GLY B 194 9.13 -22.60 -0.18
N TRP B 195 9.43 -21.51 -0.89
CA TRP B 195 8.46 -20.42 -1.03
C TRP B 195 8.37 -19.82 -2.41
N PHE B 196 9.24 -20.18 -3.34
CA PHE B 196 9.22 -19.62 -4.69
C PHE B 196 9.52 -20.77 -5.65
N SER B 197 8.48 -21.27 -6.32
CA SER B 197 8.64 -22.44 -7.17
C SER B 197 7.94 -22.26 -8.51
N ASP B 198 7.54 -21.04 -8.86
CA ASP B 198 7.01 -20.77 -10.19
C ASP B 198 7.85 -21.42 -11.28
N ASP B 199 7.19 -21.87 -12.34
CA ASP B 199 7.83 -21.94 -13.65
C ASP B 199 7.87 -20.52 -14.18
N THR B 200 8.95 -19.80 -13.82
CA THR B 200 9.06 -18.40 -14.23
C THR B 200 9.10 -18.22 -15.74
N PRO B 201 9.85 -19.00 -16.53
CA PRO B 201 9.72 -18.87 -18.00
C PRO B 201 8.29 -19.03 -18.50
N LYS B 202 7.58 -20.05 -18.04
CA LYS B 202 6.20 -20.26 -18.49
C LYS B 202 5.33 -19.07 -18.12
N ARG B 203 5.53 -18.53 -16.91
CA ARG B 203 4.77 -17.36 -16.47
C ARG B 203 4.92 -16.20 -17.45
N PHE B 204 6.16 -15.90 -17.86
CA PHE B 204 6.38 -14.75 -18.72
C PHE B 204 5.94 -15.02 -20.15
N GLU B 205 5.98 -16.28 -20.59
CA GLU B 205 5.36 -16.60 -21.86
C GLU B 205 3.88 -16.30 -21.83
N ALA B 206 3.23 -16.56 -20.68
CA ALA B 206 1.81 -16.24 -20.54
C ALA B 206 1.56 -14.75 -20.62
N TYR B 207 2.55 -13.94 -20.27
CA TYR B 207 2.42 -12.50 -20.50
C TYR B 207 2.68 -12.10 -21.94
N GLY B 208 3.00 -13.04 -22.83
CA GLY B 208 3.34 -12.66 -24.19
C GLY B 208 4.75 -12.11 -24.34
N TRP B 209 5.65 -12.42 -23.41
CA TRP B 209 7.05 -12.04 -23.50
C TRP B 209 7.82 -13.03 -24.36
N HIS B 210 8.95 -12.57 -24.84
CA HIS B 210 9.99 -13.43 -25.39
C HIS B 210 10.89 -13.84 -24.23
N VAL B 211 10.99 -15.14 -23.96
CA VAL B 211 11.76 -15.63 -22.82
C VAL B 211 12.91 -16.50 -23.33
N ILE B 212 14.12 -16.19 -22.86
CA ILE B 212 15.29 -16.99 -23.18
C ILE B 212 15.67 -17.75 -21.92
N PRO B 213 15.29 -19.02 -21.80
CA PRO B 213 15.55 -19.76 -20.57
C PRO B 213 16.97 -20.29 -20.51
N ALA B 214 17.38 -20.62 -19.28
CA ALA B 214 18.56 -21.42 -19.01
C ALA B 214 19.81 -20.82 -19.65
N VAL B 215 20.01 -19.51 -19.46
CA VAL B 215 21.23 -18.84 -19.90
C VAL B 215 22.28 -18.93 -18.79
N ASP B 216 23.46 -19.46 -19.13
CA ASP B 216 24.59 -19.49 -18.20
C ASP B 216 25.06 -18.06 -17.93
N GLY B 217 24.79 -17.55 -16.73
CA GLY B 217 25.10 -16.18 -16.40
C GLY B 217 26.57 -15.87 -16.24
N HIS B 218 27.43 -16.88 -16.33
CA HIS B 218 28.88 -16.72 -16.26
C HIS B 218 29.56 -17.16 -17.54
N ASN B 219 28.82 -17.29 -18.63
CA ASN B 219 29.38 -17.55 -19.95
C ASN B 219 29.14 -16.32 -20.81
N ALA B 220 30.21 -15.57 -21.10
CA ALA B 220 30.07 -14.32 -21.84
C ALA B 220 29.49 -14.53 -23.23
N GLU B 221 29.66 -15.72 -23.80
CA GLU B 221 29.13 -15.99 -25.14
C GLU B 221 27.63 -16.23 -25.09
N ALA B 222 27.16 -17.00 -24.11
CA ALA B 222 25.73 -17.22 -23.97
C ALA B 222 25.00 -15.92 -23.65
N ILE B 223 25.61 -15.10 -22.80
CA ILE B 223 25.01 -13.81 -22.45
C ILE B 223 24.92 -12.91 -23.67
N ASN B 224 26.01 -12.85 -24.45
CA ASN B 224 25.99 -12.02 -25.65
C ASN B 224 24.92 -12.48 -26.62
N ALA B 225 24.76 -13.80 -26.77
CA ALA B 225 23.80 -14.31 -27.74
C ALA B 225 22.37 -14.02 -27.29
N ALA B 226 22.10 -14.18 -25.99
CA ALA B 226 20.78 -13.84 -25.47
C ALA B 226 20.46 -12.37 -25.70
N ILE B 227 21.43 -11.48 -25.46
CA ILE B 227 21.13 -10.06 -25.65
C ILE B 227 20.84 -9.76 -27.12
N GLU B 228 21.60 -10.39 -28.03
CA GLU B 228 21.34 -10.19 -29.46
C GLU B 228 19.95 -10.67 -29.83
N ALA B 229 19.59 -11.88 -29.40
CA ALA B 229 18.24 -12.38 -29.64
C ALA B 229 17.17 -11.43 -29.10
N ALA B 230 17.38 -10.93 -27.88
CA ALA B 230 16.43 -10.01 -27.25
C ALA B 230 16.21 -8.77 -28.10
N LYS B 231 17.30 -8.13 -28.54
CA LYS B 231 17.16 -6.91 -29.33
C LYS B 231 16.45 -7.16 -30.66
N ALA B 232 16.46 -8.40 -31.16
CA ALA B 232 15.81 -8.72 -32.41
C ALA B 232 14.34 -9.11 -32.23
N ASP B 233 13.93 -9.56 -31.01
CA ASP B 233 12.54 -9.99 -30.88
C ASP B 233 11.64 -8.80 -30.53
N PRO B 234 10.49 -8.65 -31.19
CA PRO B 234 9.64 -7.46 -31.00
C PRO B 234 8.82 -7.45 -29.73
N ARG B 235 8.85 -8.49 -28.94
CA ARG B 235 8.20 -8.58 -27.65
C ARG B 235 9.22 -8.30 -26.55
N PRO B 236 8.78 -7.82 -25.37
CA PRO B 236 9.73 -7.66 -24.27
C PRO B 236 10.41 -8.99 -23.99
N THR B 237 11.69 -8.94 -23.67
CA THR B 237 12.46 -10.17 -23.51
C THR B 237 12.86 -10.37 -22.06
N LEU B 238 12.57 -11.56 -21.53
CA LEU B 238 13.11 -12.03 -20.26
C LEU B 238 14.28 -12.96 -20.53
N ILE B 239 15.46 -12.59 -20.04
CA ILE B 239 16.66 -13.41 -20.16
C ILE B 239 16.91 -14.04 -18.80
N CYS B 240 16.80 -15.37 -18.70
CA CYS B 240 16.90 -16.07 -17.42
C CYS B 240 18.35 -16.50 -17.20
N THR B 241 19.16 -15.59 -16.65
CA THR B 241 20.58 -15.87 -16.43
C THR B 241 20.78 -16.58 -15.09
N LYS B 242 21.09 -17.88 -15.14
CA LYS B 242 21.48 -18.65 -13.95
C LYS B 242 22.86 -18.20 -13.47
N THR B 243 22.95 -17.77 -12.21
CA THR B 243 24.20 -17.30 -11.64
C THR B 243 24.41 -17.90 -10.25
N ILE B 244 25.65 -17.80 -9.78
CA ILE B 244 26.00 -18.15 -8.41
C ILE B 244 26.11 -16.86 -7.63
N ILE B 245 25.26 -16.69 -6.61
CA ILE B 245 25.36 -15.53 -5.75
C ILE B 245 26.71 -15.55 -5.03
N GLY B 246 27.36 -14.40 -4.99
CA GLY B 246 28.67 -14.32 -4.38
C GLY B 246 29.74 -15.05 -5.17
N PHE B 247 29.61 -15.12 -6.50
CA PHE B 247 30.51 -15.87 -7.35
C PHE B 247 31.94 -15.40 -7.12
N GLY B 248 32.80 -16.34 -6.73
CA GLY B 248 34.20 -16.07 -6.46
C GLY B 248 34.58 -16.38 -5.02
N SER B 249 33.63 -16.32 -4.10
CA SER B 249 33.89 -16.63 -2.70
C SER B 249 33.84 -18.14 -2.50
N PRO B 250 34.95 -18.79 -2.12
CA PRO B 250 34.92 -20.25 -1.95
C PRO B 250 33.90 -20.74 -0.92
N ASN B 251 33.75 -20.05 0.21
CA ASN B 251 32.97 -20.58 1.32
C ASN B 251 31.57 -19.99 1.43
N LYS B 252 31.31 -18.84 0.81
CA LYS B 252 30.05 -18.15 1.00
C LYS B 252 29.21 -18.06 -0.28
N SER B 253 29.77 -18.39 -1.44
CA SER B 253 28.98 -18.35 -2.67
C SER B 253 27.91 -19.43 -2.66
N GLY B 254 26.80 -19.16 -3.33
CA GLY B 254 25.66 -20.05 -3.29
C GLY B 254 25.03 -20.18 -1.93
N SER B 255 25.23 -19.19 -1.05
CA SER B 255 24.67 -19.18 0.29
C SER B 255 24.05 -17.82 0.56
N HIS B 256 23.05 -17.80 1.46
CA HIS B 256 22.51 -16.51 1.89
C HIS B 256 23.45 -15.81 2.87
N ASP B 257 24.57 -16.44 3.25
CA ASP B 257 25.55 -15.77 4.08
C ASP B 257 26.17 -14.58 3.36
N CYS B 258 26.30 -14.64 2.03
CA CYS B 258 26.88 -13.51 1.30
C CYS B 258 25.83 -12.53 0.78
N HIS B 259 24.55 -12.73 1.10
CA HIS B 259 23.51 -11.85 0.56
C HIS B 259 23.71 -10.40 1.02
N GLY B 260 23.79 -10.17 2.34
CA GLY B 260 23.71 -8.82 2.88
C GLY B 260 24.59 -8.53 4.08
N ALA B 261 25.74 -9.16 4.15
CA ALA B 261 26.72 -8.92 5.19
C ALA B 261 28.08 -8.86 4.53
N PRO B 262 29.03 -8.11 5.09
CA PRO B 262 30.39 -8.13 4.55
C PRO B 262 30.97 -9.53 4.57
N LEU B 263 31.86 -9.82 3.61
CA LEU B 263 32.44 -11.15 3.53
C LEU B 263 33.42 -11.43 4.66
N GLY B 264 34.07 -10.40 5.19
CA GLY B 264 35.19 -10.57 6.11
C GLY B 264 36.53 -10.59 5.38
N ALA B 265 37.57 -10.14 6.09
CA ALA B 265 38.87 -9.97 5.46
C ALA B 265 39.47 -11.30 5.00
N GLU B 266 39.28 -12.38 5.77
CA GLU B 266 39.80 -13.67 5.36
C GLU B 266 39.14 -14.15 4.08
N GLU B 267 37.79 -14.17 4.06
CA GLU B 267 37.09 -14.64 2.87
C GLU B 267 37.40 -13.78 1.65
N ILE B 268 37.62 -12.48 1.85
CA ILE B 268 37.92 -11.59 0.73
C ILE B 268 39.27 -11.94 0.11
N ALA B 269 40.27 -12.22 0.96
CA ALA B 269 41.58 -12.62 0.44
C ALA B 269 41.45 -13.93 -0.34
N ALA B 270 40.65 -14.86 0.17
CA ALA B 270 40.44 -16.13 -0.52
C ALA B 270 39.71 -15.92 -1.85
N THR B 271 38.83 -14.93 -1.91
CA THR B 271 38.10 -14.67 -3.15
C THR B 271 39.02 -14.07 -4.21
N ARG B 272 39.91 -13.17 -3.80
CA ARG B 272 40.91 -12.65 -4.74
C ARG B 272 41.74 -13.77 -5.33
N LYS B 273 42.17 -14.71 -4.48
CA LYS B 273 42.89 -15.89 -4.95
C LYS B 273 42.06 -16.65 -5.97
N GLU B 274 40.79 -16.94 -5.65
CA GLU B 274 39.97 -17.77 -6.53
C GLU B 274 39.75 -17.13 -7.88
N LEU B 275 39.61 -15.81 -7.92
CA LEU B 275 39.34 -15.11 -9.17
C LEU B 275 40.61 -14.73 -9.92
N GLY B 276 41.77 -14.92 -9.32
CA GLY B 276 42.99 -14.41 -9.94
C GLY B 276 42.98 -12.90 -10.04
N TRP B 277 42.57 -12.22 -8.97
CA TRP B 277 42.59 -10.77 -8.90
C TRP B 277 43.70 -10.39 -7.92
N GLU B 278 44.79 -9.83 -8.45
CA GLU B 278 45.97 -9.53 -7.63
C GLU B 278 46.16 -8.03 -7.44
N HIS B 279 45.12 -7.33 -7.01
CA HIS B 279 45.22 -5.92 -6.69
C HIS B 279 44.46 -5.68 -5.40
N GLY B 280 44.99 -4.79 -4.56
CA GLY B 280 44.43 -4.56 -3.26
C GLY B 280 43.19 -3.69 -3.32
N PRO B 281 42.67 -3.35 -2.13
CA PRO B 281 41.43 -2.56 -2.03
C PRO B 281 41.41 -1.30 -2.90
N PHE B 282 40.44 -1.24 -3.81
CA PHE B 282 40.14 -0.06 -4.63
C PHE B 282 41.22 0.23 -5.66
N GLU B 283 42.18 -0.67 -5.86
CA GLU B 283 43.20 -0.51 -6.88
C GLU B 283 42.71 -1.12 -8.19
N ILE B 284 42.52 -0.28 -9.20
CA ILE B 284 42.19 -0.72 -10.54
C ILE B 284 43.36 -0.40 -11.47
N PRO B 285 43.96 -1.40 -12.13
CA PRO B 285 45.04 -1.10 -13.08
C PRO B 285 44.55 -0.20 -14.21
N GLN B 286 45.47 0.63 -14.71
CA GLN B 286 45.10 1.54 -15.78
C GLN B 286 44.66 0.80 -17.04
N GLU B 287 45.20 -0.39 -17.28
CA GLU B 287 44.73 -1.22 -18.39
C GLU B 287 43.25 -1.52 -18.25
N VAL B 288 42.79 -1.87 -17.05
CA VAL B 288 41.37 -2.13 -16.84
C VAL B 288 40.56 -0.85 -17.10
N TYR B 289 40.96 0.26 -16.50
CA TYR B 289 40.32 1.54 -16.79
C TYR B 289 40.25 1.81 -18.29
N ALA B 290 41.34 1.51 -19.02
CA ALA B 290 41.35 1.69 -20.46
C ALA B 290 40.24 0.86 -21.13
N GLU B 291 40.20 -0.45 -20.81
CA GLU B 291 39.27 -1.34 -21.49
C GLU B 291 37.82 -1.11 -21.06
N TRP B 292 37.62 -0.56 -19.86
CA TRP B 292 36.29 -0.30 -19.34
C TRP B 292 35.75 1.06 -19.77
N SER B 293 36.64 2.01 -20.05
CA SER B 293 36.22 3.38 -20.34
C SER B 293 35.20 3.40 -21.46
N ALA B 294 34.16 4.21 -21.27
CA ALA B 294 33.12 4.39 -22.28
C ALA B 294 33.10 5.81 -22.82
N LYS B 295 34.09 6.64 -22.46
CA LYS B 295 34.00 8.07 -22.72
C LYS B 295 34.11 8.38 -24.21
N GLU B 296 35.00 7.71 -24.93
CA GLU B 296 35.15 8.08 -26.33
C GLU B 296 34.10 7.41 -27.21
N ALA B 297 33.75 6.16 -26.93
CA ALA B 297 32.61 5.55 -27.59
C ALA B 297 31.34 6.38 -27.37
N GLY B 298 31.11 6.78 -26.11
CA GLY B 298 29.89 7.51 -25.80
C GLY B 298 29.88 8.92 -26.35
N ALA B 299 31.05 9.59 -26.35
CA ALA B 299 31.13 10.90 -26.97
C ALA B 299 30.83 10.81 -28.46
N ALA B 300 31.34 9.75 -29.12
CA ALA B 300 31.07 9.57 -30.54
C ALA B 300 29.61 9.25 -30.80
N LYS B 301 29.01 8.41 -29.95
CA LYS B 301 27.60 8.07 -30.13
C LYS B 301 26.73 9.31 -29.96
N GLU B 302 27.02 10.15 -28.96
CA GLU B 302 26.19 11.34 -28.80
C GLU B 302 26.42 12.33 -29.93
N ALA B 303 27.68 12.54 -30.33
CA ALA B 303 27.94 13.42 -31.46
C ALA B 303 27.19 12.95 -32.69
N ALA B 304 27.23 11.65 -32.98
CA ALA B 304 26.45 11.12 -34.10
C ALA B 304 24.98 11.47 -33.93
N TRP B 305 24.43 11.24 -32.72
CA TRP B 305 23.01 11.49 -32.50
C TRP B 305 22.70 12.97 -32.64
N ASN B 306 23.61 13.83 -32.19
CA ASN B 306 23.39 15.27 -32.33
C ASN B 306 23.28 15.64 -33.80
N GLU B 307 24.06 14.98 -34.66
CA GLU B 307 23.95 15.22 -36.10
C GLU B 307 22.63 14.67 -36.62
N LYS B 308 22.28 13.46 -36.19
CA LYS B 308 20.99 12.88 -36.52
C LYS B 308 19.85 13.84 -36.19
N PHE B 309 19.91 14.47 -35.02
CA PHE B 309 18.86 15.40 -34.62
C PHE B 309 18.92 16.69 -35.44
N ALA B 310 20.14 17.18 -35.75
CA ALA B 310 20.25 18.38 -36.57
C ALA B 310 19.62 18.17 -37.96
N ALA B 311 19.83 16.99 -38.55
CA ALA B 311 19.13 16.65 -39.79
C ALA B 311 17.62 16.71 -39.59
N TYR B 312 17.14 16.07 -38.51
CA TYR B 312 15.72 16.07 -38.19
C TYR B 312 15.19 17.49 -38.05
N GLU B 313 15.96 18.35 -37.38
CA GLU B 313 15.54 19.73 -37.14
C GLU B 313 15.45 20.53 -38.44
N ALA B 314 16.35 20.27 -39.38
CA ALA B 314 16.27 20.97 -40.66
C ALA B 314 15.00 20.59 -41.40
N ALA B 315 14.62 19.32 -41.37
CA ALA B 315 13.48 18.83 -42.13
C ALA B 315 12.15 19.05 -41.42
N TYR B 316 12.13 19.01 -40.09
CA TYR B 316 10.91 19.16 -39.29
C TYR B 316 11.16 20.15 -38.17
N PRO B 317 11.21 21.46 -38.49
CA PRO B 317 11.56 22.42 -37.44
C PRO B 317 10.53 22.52 -36.32
N GLU B 318 9.24 22.45 -36.64
CA GLU B 318 8.23 22.55 -35.58
C GLU B 318 8.29 21.36 -34.64
N LEU B 319 8.39 20.15 -35.20
CA LEU B 319 8.51 18.94 -34.38
C LEU B 319 9.78 18.95 -33.54
N ALA B 320 10.91 19.33 -34.15
CA ALA B 320 12.15 19.39 -33.40
C ALA B 320 12.02 20.34 -32.23
N ALA B 321 11.36 21.48 -32.44
CA ALA B 321 11.19 22.43 -31.35
C ALA B 321 10.30 21.84 -30.26
N GLU B 322 9.26 21.10 -30.63
CA GLU B 322 8.41 20.43 -29.65
C GLU B 322 9.22 19.39 -28.87
N PHE B 323 10.02 18.61 -29.56
CA PHE B 323 10.85 17.61 -28.90
C PHE B 323 11.78 18.25 -27.87
N LYS B 324 12.48 19.32 -28.27
CA LYS B 324 13.37 20.02 -27.35
C LYS B 324 12.61 20.51 -26.12
N ARG B 325 11.46 21.15 -26.34
CA ARG B 325 10.69 21.72 -25.25
C ARG B 325 10.24 20.65 -24.26
N ARG B 326 9.78 19.51 -24.77
CA ARG B 326 9.22 18.49 -23.88
C ARG B 326 10.31 17.72 -23.15
N VAL B 327 11.41 17.36 -23.82
CA VAL B 327 12.44 16.62 -23.10
C VAL B 327 13.14 17.51 -22.08
N ASN B 328 13.06 18.83 -22.21
CA ASN B 328 13.59 19.74 -21.20
C ASN B 328 12.57 20.06 -20.11
N GLY B 329 11.38 19.48 -20.17
CA GLY B 329 10.33 19.75 -19.20
C GLY B 329 9.81 21.16 -19.19
N GLU B 330 9.73 21.80 -20.35
CA GLU B 330 9.28 23.19 -20.46
C GLU B 330 7.78 23.23 -20.75
N LEU B 331 7.11 24.24 -20.19
CA LEU B 331 5.69 24.47 -20.43
C LEU B 331 5.45 25.08 -21.81
N PRO B 332 4.23 24.95 -22.34
CA PRO B 332 3.91 25.59 -23.63
C PRO B 332 4.06 27.10 -23.55
N ALA B 333 4.19 27.70 -24.73
CA ALA B 333 4.46 29.12 -24.90
C ALA B 333 3.55 29.99 -24.04
N GLN B 334 2.24 29.93 -24.28
CA GLN B 334 1.37 30.87 -23.58
C GLN B 334 0.72 30.26 -22.35
N TRP B 335 1.39 29.30 -21.70
CA TRP B 335 0.78 28.50 -20.65
C TRP B 335 0.17 29.38 -19.56
N GLU B 336 1.00 30.20 -18.92
CA GLU B 336 0.54 31.01 -17.79
C GLU B 336 -0.65 31.88 -18.18
N GLU B 337 -0.54 32.56 -19.32
CA GLU B 337 -1.63 33.43 -19.78
C GLU B 337 -2.90 32.63 -19.98
N LYS B 338 -2.81 31.56 -20.77
CA LYS B 338 -4.01 30.81 -21.13
C LYS B 338 -4.60 30.10 -19.92
N ALA B 339 -3.76 29.44 -19.12
CA ALA B 339 -4.24 28.71 -17.96
C ALA B 339 -4.94 29.65 -16.97
N ASN B 340 -4.38 30.83 -16.75
CA ASN B 340 -5.01 31.77 -15.82
C ASN B 340 -6.34 32.28 -16.36
N GLN B 341 -6.45 32.45 -17.69
CA GLN B 341 -7.71 32.90 -18.29
C GLN B 341 -8.80 31.84 -18.10
N ILE B 342 -8.45 30.57 -18.33
CA ILE B 342 -9.36 29.45 -18.07
C ILE B 342 -9.87 29.50 -16.63
N ILE B 343 -8.97 29.71 -15.66
CA ILE B 343 -9.36 29.73 -14.26
C ILE B 343 -10.31 30.90 -13.99
N ALA B 344 -10.00 32.09 -14.52
CA ALA B 344 -10.87 33.24 -14.30
C ALA B 344 -12.22 33.07 -14.98
N ASP B 345 -12.25 32.39 -16.14
CA ASP B 345 -13.52 32.06 -16.77
C ASP B 345 -14.37 31.18 -15.86
N LEU B 346 -13.77 30.17 -15.24
CA LEU B 346 -14.50 29.32 -14.31
C LEU B 346 -15.04 30.12 -13.13
N GLN B 347 -14.26 31.05 -12.61
CA GLN B 347 -14.74 31.85 -11.49
C GLN B 347 -15.85 32.79 -11.93
N ALA B 348 -15.81 33.23 -13.19
CA ALA B 348 -16.86 34.07 -13.73
C ALA B 348 -18.16 33.31 -13.99
N ASN B 349 -18.07 31.98 -14.18
CA ASN B 349 -19.18 31.18 -14.71
C ASN B 349 -19.45 30.02 -13.78
N PRO B 350 -20.08 30.27 -12.63
CA PRO B 350 -20.25 29.22 -11.62
C PRO B 350 -21.01 28.01 -12.16
N ALA B 351 -20.46 26.83 -11.88
CA ALA B 351 -21.17 25.57 -12.03
C ALA B 351 -21.09 24.82 -10.70
N ASN B 352 -22.20 24.23 -10.27
CA ASN B 352 -22.19 23.36 -9.10
C ASN B 352 -22.08 21.92 -9.58
N ILE B 353 -20.84 21.43 -9.72
CA ILE B 353 -20.56 20.12 -10.26
C ILE B 353 -19.63 19.36 -9.31
N ALA B 354 -19.55 18.05 -9.52
CA ALA B 354 -18.58 17.24 -8.79
C ALA B 354 -17.17 17.62 -9.20
N SER B 355 -16.25 17.70 -8.23
CA SER B 355 -14.90 18.13 -8.60
C SER B 355 -14.20 17.11 -9.48
N ARG B 356 -14.64 15.84 -9.48
CA ARG B 356 -14.16 14.91 -10.49
C ARG B 356 -14.60 15.34 -11.89
N LYS B 357 -15.77 15.96 -12.03
CA LYS B 357 -16.17 16.51 -13.32
C LYS B 357 -15.36 17.76 -13.66
N ALA B 358 -15.11 18.61 -12.65
CA ALA B 358 -14.23 19.75 -12.82
C ALA B 358 -12.83 19.30 -13.22
N SER B 359 -12.39 18.15 -12.69
CA SER B 359 -11.12 17.59 -13.10
C SER B 359 -11.13 17.26 -14.60
N GLN B 360 -12.18 16.62 -15.07
CA GLN B 360 -12.27 16.31 -16.50
C GLN B 360 -12.32 17.58 -17.35
N ASN B 361 -13.02 18.62 -16.87
CA ASN B 361 -13.07 19.89 -17.57
C ASN B 361 -11.69 20.55 -17.62
N ALA B 362 -10.89 20.40 -16.55
CA ALA B 362 -9.54 20.96 -16.58
C ALA B 362 -8.66 20.18 -17.55
N LEU B 363 -8.83 18.86 -17.61
CA LEU B 363 -8.08 18.06 -18.58
C LEU B 363 -8.41 18.49 -19.99
N GLU B 364 -9.69 18.75 -20.25
CA GLU B 364 -10.10 19.19 -21.58
C GLU B 364 -9.58 20.59 -21.89
N ALA B 365 -9.67 21.52 -20.93
CA ALA B 365 -9.19 22.88 -21.16
C ALA B 365 -7.66 22.92 -21.26
N PHE B 366 -6.95 22.33 -20.30
CA PHE B 366 -5.48 22.39 -20.32
C PHE B 366 -4.87 21.43 -21.35
N GLY B 367 -5.52 20.30 -21.61
CA GLY B 367 -4.89 19.28 -22.44
C GLY B 367 -4.75 19.68 -23.89
N LYS B 368 -5.62 20.56 -24.38
CA LYS B 368 -5.45 21.12 -25.72
C LYS B 368 -4.12 21.84 -25.86
N MET B 369 -3.50 22.23 -24.75
CA MET B 369 -2.22 22.90 -24.76
C MET B 369 -1.05 21.96 -24.49
N LEU B 370 -1.32 20.70 -24.16
CA LEU B 370 -0.30 19.83 -23.59
C LEU B 370 -0.22 18.50 -24.34
N PRO B 371 0.40 18.49 -25.51
CA PRO B 371 0.60 17.22 -26.22
C PRO B 371 1.46 16.25 -25.44
N GLU B 372 2.19 16.73 -24.43
CA GLU B 372 2.98 15.87 -23.57
C GLU B 372 2.15 15.14 -22.51
N PHE B 373 0.83 15.38 -22.43
CA PHE B 373 0.00 14.62 -21.50
C PHE B 373 0.11 13.15 -21.83
N MET B 374 0.29 12.33 -20.80
CA MET B 374 0.18 10.88 -20.91
C MET B 374 -0.67 10.45 -19.72
N GLY B 375 -1.99 10.45 -19.91
CA GLY B 375 -2.92 10.13 -18.85
C GLY B 375 -3.29 8.67 -18.78
N GLY B 376 -4.23 8.38 -17.90
CA GLY B 376 -4.72 7.02 -17.76
C GLY B 376 -5.53 6.84 -16.50
N SER B 377 -6.00 5.61 -16.33
CA SER B 377 -6.78 5.24 -15.15
C SER B 377 -6.61 3.75 -14.95
N ALA B 378 -6.62 3.32 -13.67
CA ALA B 378 -6.60 1.90 -13.35
C ALA B 378 -8.01 1.32 -13.47
N ASP B 379 -8.46 1.21 -14.73
CA ASP B 379 -9.76 0.61 -15.10
C ASP B 379 -10.94 1.43 -14.61
N LEU B 380 -10.79 2.73 -14.40
CA LEU B 380 -11.90 3.51 -13.88
C LEU B 380 -12.14 4.76 -14.69
N ALA B 381 -11.84 4.72 -15.99
CA ALA B 381 -12.04 5.90 -16.83
C ALA B 381 -13.44 6.50 -16.70
N PRO B 382 -14.53 5.74 -16.71
CA PRO B 382 -15.86 6.38 -16.62
C PRO B 382 -16.25 6.85 -15.23
N SER B 383 -15.49 6.55 -14.17
CA SER B 383 -15.78 7.11 -12.85
C SER B 383 -14.81 8.19 -12.43
N ASN B 384 -13.53 8.03 -12.72
CA ASN B 384 -12.56 9.10 -12.50
C ASN B 384 -12.67 10.19 -13.57
N LEU B 385 -13.24 9.89 -14.74
CA LEU B 385 -13.41 10.88 -15.81
C LEU B 385 -12.04 11.41 -16.27
N THR B 386 -11.17 10.48 -16.65
CA THR B 386 -9.83 10.86 -17.03
C THR B 386 -9.65 11.01 -18.53
N MET B 387 -10.69 10.76 -19.33
CA MET B 387 -10.61 10.94 -20.78
C MET B 387 -11.33 12.21 -21.20
N TRP B 388 -10.73 12.93 -22.14
CA TRP B 388 -11.30 14.11 -22.77
C TRP B 388 -11.25 13.90 -24.28
N SER B 389 -11.77 14.86 -25.05
CA SER B 389 -12.00 14.63 -26.48
C SER B 389 -10.72 14.18 -27.19
N GLY B 390 -9.58 14.71 -26.77
CA GLY B 390 -8.27 14.39 -27.34
C GLY B 390 -7.57 13.15 -26.82
N SER B 391 -8.20 12.36 -25.95
CA SER B 391 -7.54 11.18 -25.42
C SER B 391 -7.47 10.09 -26.48
N LYS B 392 -6.30 9.52 -26.66
CA LYS B 392 -6.12 8.42 -27.61
C LYS B 392 -5.33 7.30 -26.94
N SER B 393 -5.93 6.11 -26.89
CA SER B 393 -5.37 5.00 -26.16
C SER B 393 -4.12 4.46 -26.83
N LEU B 394 -3.13 4.14 -26.02
CA LEU B 394 -1.95 3.42 -26.49
C LEU B 394 -2.32 1.97 -26.75
N GLU B 395 -1.79 1.42 -27.83
CA GLU B 395 -1.92 0.00 -28.13
C GLU B 395 -0.62 -0.47 -28.75
N ALA B 396 -0.43 -1.79 -28.76
CA ALA B 396 0.88 -2.34 -29.09
C ALA B 396 1.36 -1.87 -30.46
N SER B 397 0.44 -1.71 -31.40
CA SER B 397 0.78 -1.35 -32.78
C SER B 397 0.64 0.14 -33.06
N ASP B 398 0.36 0.96 -32.04
CA ASP B 398 0.21 2.40 -32.24
C ASP B 398 0.39 3.09 -30.89
N PHE B 399 1.60 3.60 -30.66
CA PHE B 399 1.93 4.28 -29.42
C PHE B 399 1.98 5.79 -29.59
N SER B 400 1.33 6.33 -30.63
CA SER B 400 1.33 7.76 -30.87
C SER B 400 0.37 8.49 -29.95
N GLY B 401 -0.49 7.77 -29.25
CA GLY B 401 -1.50 8.39 -28.42
C GLY B 401 -1.00 9.01 -27.14
N ASN B 402 -1.93 9.18 -26.18
CA ASN B 402 -1.65 9.96 -24.98
C ASN B 402 -2.43 9.45 -23.76
N TYR B 403 -2.98 8.24 -23.83
CA TYR B 403 -3.83 7.71 -22.78
C TYR B 403 -3.53 6.22 -22.62
N ILE B 404 -3.46 5.77 -21.37
CA ILE B 404 -3.11 4.40 -21.06
C ILE B 404 -4.23 3.78 -20.26
N HIS B 405 -4.76 2.67 -20.74
CA HIS B 405 -5.70 1.84 -19.98
C HIS B 405 -4.87 0.91 -19.11
N TYR B 406 -4.68 1.28 -17.84
CA TYR B 406 -3.75 0.50 -17.02
C TYR B 406 -4.34 -0.82 -16.54
N GLY B 407 -5.66 -1.03 -16.65
CA GLY B 407 -6.28 -2.18 -16.03
C GLY B 407 -6.34 -2.00 -14.52
N VAL B 408 -6.73 -3.06 -13.81
CA VAL B 408 -6.83 -2.96 -12.34
C VAL B 408 -5.45 -3.16 -11.75
N ARG B 409 -4.60 -2.14 -11.86
CA ARG B 409 -3.18 -2.28 -11.49
C ARG B 409 -2.68 -0.97 -10.87
N GLU B 410 -3.21 -0.61 -9.70
CA GLU B 410 -2.90 0.72 -9.15
C GLU B 410 -1.41 0.86 -8.85
N PHE B 411 -0.80 -0.18 -8.28
CA PHE B 411 0.61 -0.09 -7.88
C PHE B 411 1.50 -0.04 -9.12
N GLY B 412 1.25 -0.95 -10.08
CA GLY B 412 2.01 -0.92 -11.32
C GLY B 412 1.86 0.37 -12.10
N MET B 413 0.63 0.85 -12.23
CA MET B 413 0.39 2.13 -12.91
C MET B 413 1.18 3.25 -12.27
N THR B 414 1.16 3.34 -10.93
CA THR B 414 1.80 4.47 -10.27
C THR B 414 3.33 4.41 -10.43
N ALA B 415 3.93 3.22 -10.36
CA ALA B 415 5.38 3.12 -10.54
C ALA B 415 5.78 3.12 -12.02
N ILE B 416 4.90 2.67 -12.92
CA ILE B 416 5.13 2.90 -14.35
C ILE B 416 5.23 4.40 -14.61
N MET B 417 4.35 5.17 -13.98
CA MET B 417 4.35 6.62 -14.18
C MET B 417 5.62 7.27 -13.63
N ASN B 418 6.20 6.72 -12.55
CA ASN B 418 7.51 7.20 -12.10
C ASN B 418 8.55 7.00 -13.20
N GLY B 419 8.52 5.84 -13.86
CA GLY B 419 9.45 5.58 -14.95
C GLY B 419 9.22 6.49 -16.13
N ILE B 420 7.96 6.79 -16.45
CA ILE B 420 7.65 7.73 -17.53
C ILE B 420 8.19 9.12 -17.22
N ALA B 421 7.92 9.62 -16.00
CA ALA B 421 8.38 10.95 -15.63
C ALA B 421 9.89 11.03 -15.64
N LEU B 422 10.54 9.98 -15.11
CA LEU B 422 12.00 9.92 -15.10
C LEU B 422 12.56 9.94 -16.52
N HIS B 423 11.87 9.31 -17.47
CA HIS B 423 12.39 9.21 -18.82
C HIS B 423 12.45 10.57 -19.48
N GLY B 424 11.44 11.38 -19.28
CA GLY B 424 11.36 12.69 -19.88
C GLY B 424 10.51 12.72 -21.12
N GLY B 425 9.91 13.88 -21.38
CA GLY B 425 9.13 14.10 -22.58
C GLY B 425 7.64 14.13 -22.35
N PHE B 426 7.16 13.79 -21.15
CA PHE B 426 5.74 13.69 -20.89
C PHE B 426 5.40 14.32 -19.56
N VAL B 427 4.12 14.67 -19.43
CA VAL B 427 3.51 14.95 -18.12
C VAL B 427 2.52 13.82 -17.88
N PRO B 428 2.85 12.82 -17.05
CA PRO B 428 1.96 11.69 -16.82
C PRO B 428 0.96 11.97 -15.72
N TYR B 429 -0.26 11.43 -15.90
CA TYR B 429 -1.24 11.43 -14.83
C TYR B 429 -1.94 10.08 -14.81
N GLY B 430 -2.39 9.70 -13.62
CA GLY B 430 -3.07 8.44 -13.42
C GLY B 430 -4.27 8.65 -12.54
N ALA B 431 -5.00 7.56 -12.28
CA ALA B 431 -6.23 7.74 -11.52
C ALA B 431 -6.73 6.43 -10.96
N THR B 432 -7.40 6.54 -9.80
CA THR B 432 -8.20 5.48 -9.20
C THR B 432 -9.04 6.12 -8.11
N PHE B 433 -9.94 5.34 -7.52
CA PHE B 433 -10.60 5.76 -6.29
C PHE B 433 -9.54 6.08 -5.23
N LEU B 434 -9.78 7.15 -4.47
CA LEU B 434 -8.84 7.52 -3.42
C LEU B 434 -8.54 6.34 -2.49
N MET B 435 -9.52 5.46 -2.24
CA MET B 435 -9.25 4.33 -1.35
C MET B 435 -8.11 3.48 -1.87
N PHE B 436 -8.04 3.28 -3.17
CA PHE B 436 -7.07 2.34 -3.71
C PHE B 436 -5.76 3.02 -4.04
N MET B 437 -5.63 4.29 -3.70
CA MET B 437 -4.31 4.85 -3.46
C MET B 437 -3.49 3.92 -2.59
N GLU B 438 -4.15 3.26 -1.60
CA GLU B 438 -3.41 2.43 -0.65
C GLU B 438 -2.70 1.27 -1.33
N TYR B 439 -3.25 0.74 -2.43
CA TYR B 439 -2.56 -0.33 -3.15
C TYR B 439 -1.26 0.17 -3.78
N ALA B 440 -1.19 1.47 -4.09
CA ALA B 440 -0.04 2.05 -4.78
C ALA B 440 0.80 2.91 -3.86
N ARG B 441 0.57 2.80 -2.55
CA ARG B 441 1.10 3.74 -1.58
C ARG B 441 2.61 3.93 -1.71
N ASN B 442 3.38 2.84 -1.75
CA ASN B 442 4.84 3.02 -1.75
C ASN B 442 5.35 3.62 -3.06
N ALA B 443 4.68 3.38 -4.19
CA ALA B 443 5.11 4.05 -5.42
C ALA B 443 4.92 5.56 -5.34
N MET B 444 3.87 6.03 -4.66
CA MET B 444 3.73 7.47 -4.43
C MET B 444 4.79 8.00 -3.48
N ARG B 445 5.15 7.22 -2.47
CA ARG B 445 6.27 7.61 -1.61
C ARG B 445 7.57 7.69 -2.40
N MET B 446 7.75 6.78 -3.36
CA MET B 446 8.96 6.79 -4.17
C MET B 446 9.01 8.01 -5.08
N ALA B 447 7.86 8.49 -5.57
CA ALA B 447 7.85 9.73 -6.33
C ALA B 447 8.25 10.92 -5.47
N ALA B 448 7.75 10.96 -4.22
CA ALA B 448 8.14 12.03 -3.30
C ALA B 448 9.63 11.97 -3.00
N LEU B 449 10.17 10.76 -2.80
CA LEU B 449 11.58 10.58 -2.49
C LEU B 449 12.47 11.00 -3.65
N MET B 450 12.10 10.60 -4.88
CA MET B 450 12.84 10.92 -6.09
C MET B 450 12.61 12.34 -6.58
N LYS B 451 11.61 13.03 -6.04
CA LYS B 451 11.24 14.38 -6.47
C LYS B 451 10.89 14.39 -7.96
N VAL B 452 10.03 13.46 -8.36
CA VAL B 452 9.54 13.43 -9.73
C VAL B 452 8.04 13.73 -9.75
N GLN B 453 7.62 14.27 -10.89
CA GLN B 453 6.22 14.58 -11.15
C GLN B 453 5.44 13.29 -11.31
N ASN B 454 4.36 13.15 -10.57
CA ASN B 454 3.50 11.97 -10.66
C ASN B 454 2.14 12.48 -10.21
N ILE B 455 1.24 12.72 -11.17
CA ILE B 455 -0.06 13.33 -10.90
C ILE B 455 -1.10 12.23 -10.79
N GLN B 456 -1.76 12.14 -9.64
CA GLN B 456 -2.76 11.12 -9.38
C GLN B 456 -4.12 11.80 -9.20
N VAL B 457 -5.08 11.41 -10.04
CA VAL B 457 -6.47 11.83 -9.93
C VAL B 457 -7.16 10.80 -9.03
N TYR B 458 -7.40 11.17 -7.76
CA TYR B 458 -8.00 10.27 -6.77
C TYR B 458 -9.44 10.75 -6.55
N THR B 459 -10.41 10.05 -7.12
CA THR B 459 -11.78 10.49 -6.99
C THR B 459 -12.49 9.69 -5.90
N HIS B 460 -13.72 10.11 -5.60
CA HIS B 460 -14.56 9.41 -4.63
C HIS B 460 -13.88 9.42 -3.26
N ASP B 461 -13.77 10.62 -2.71
CA ASP B 461 -12.80 10.94 -1.67
C ASP B 461 -13.34 10.80 -0.23
N SER B 462 -14.60 10.43 -0.02
CA SER B 462 -15.15 10.37 1.34
C SER B 462 -16.46 9.59 1.31
N ILE B 463 -17.20 9.67 2.43
CA ILE B 463 -18.53 9.04 2.53
C ILE B 463 -19.48 9.61 1.49
N GLY B 464 -19.15 10.77 0.93
CA GLY B 464 -19.89 11.32 -0.18
C GLY B 464 -20.11 10.37 -1.34
N LEU B 465 -19.28 9.33 -1.48
CA LEU B 465 -19.54 8.35 -2.53
C LEU B 465 -20.73 7.45 -2.24
N GLY B 466 -21.12 7.31 -0.98
CA GLY B 466 -22.37 6.62 -0.65
C GLY B 466 -22.35 5.10 -0.59
N GLU B 467 -23.18 4.47 -1.42
CA GLU B 467 -23.63 3.10 -1.14
C GLU B 467 -22.51 2.05 -1.20
N ASP B 468 -21.43 2.28 -1.94
CA ASP B 468 -20.38 1.26 -2.02
C ASP B 468 -19.78 0.91 -0.65
N GLY B 469 -19.90 1.76 0.37
CA GLY B 469 -19.63 1.35 1.74
C GLY B 469 -18.20 1.50 2.22
N PRO B 470 -17.92 0.99 3.44
CA PRO B 470 -16.67 1.34 4.13
C PRO B 470 -15.40 0.76 3.51
N THR B 471 -15.47 -0.32 2.72
CA THR B 471 -14.28 -0.74 1.98
C THR B 471 -13.87 0.26 0.91
N HIS B 472 -14.76 1.19 0.51
CA HIS B 472 -14.46 2.17 -0.52
C HIS B 472 -14.35 3.60 0.00
N GLN B 473 -15.00 3.92 1.12
CA GLN B 473 -15.09 5.28 1.64
C GLN B 473 -13.80 5.68 2.35
N PRO B 474 -13.01 6.62 1.80
CA PRO B 474 -11.79 7.04 2.49
C PRO B 474 -12.13 7.72 3.80
N VAL B 475 -11.22 7.57 4.75
CA VAL B 475 -11.33 8.24 6.03
C VAL B 475 -9.96 8.80 6.38
N GLU B 476 -8.97 7.90 6.49
CA GLU B 476 -7.60 8.26 6.88
C GLU B 476 -6.66 8.46 5.70
N GLN B 477 -7.11 8.24 4.46
CA GLN B 477 -6.18 8.29 3.33
C GLN B 477 -5.63 9.70 3.10
N ILE B 478 -6.47 10.73 3.18
CA ILE B 478 -5.99 12.08 2.91
C ILE B 478 -4.91 12.47 3.89
N ALA B 479 -5.12 12.17 5.19
CA ALA B 479 -4.12 12.51 6.20
C ALA B 479 -2.82 11.76 5.97
N SER B 480 -2.90 10.51 5.53
CA SER B 480 -1.65 9.77 5.34
C SER B 480 -0.84 10.35 4.17
N LEU B 481 -1.51 10.93 3.18
CA LEU B 481 -0.81 11.68 2.14
C LEU B 481 -0.25 13.01 2.68
N ARG B 482 -1.01 13.71 3.52
CA ARG B 482 -0.53 14.98 4.08
C ARG B 482 0.68 14.79 4.98
N LEU B 483 0.80 13.65 5.64
CA LEU B 483 1.94 13.39 6.52
C LEU B 483 3.18 12.87 5.78
N THR B 484 3.15 12.75 4.47
CA THR B 484 4.28 12.24 3.70
C THR B 484 5.18 13.38 3.24
N PRO B 485 6.48 13.33 3.52
CA PRO B 485 7.39 14.38 3.03
C PRO B 485 7.32 14.53 1.50
N ASN B 486 7.26 15.79 1.04
CA ASN B 486 7.28 16.15 -0.38
C ASN B 486 6.09 15.58 -1.15
N MET B 487 4.98 15.34 -0.46
CA MET B 487 3.71 15.05 -1.10
C MET B 487 2.91 16.35 -1.16
N SER B 488 2.34 16.67 -2.31
CA SER B 488 1.42 17.79 -2.44
C SER B 488 0.01 17.24 -2.62
N THR B 489 -0.88 17.55 -1.69
CA THR B 489 -2.19 16.92 -1.60
C THR B 489 -3.23 18.02 -1.69
N TRP B 490 -4.04 17.99 -2.74
CA TRP B 490 -5.01 19.06 -3.00
C TRP B 490 -6.42 18.50 -2.93
N ARG B 491 -7.28 19.11 -2.10
CA ARG B 491 -8.69 18.70 -1.99
C ARG B 491 -9.55 19.90 -2.38
N PRO B 492 -9.75 20.14 -3.67
CA PRO B 492 -10.44 21.36 -4.10
C PRO B 492 -11.90 21.35 -3.68
N CYS B 493 -12.40 22.54 -3.35
CA CYS B 493 -13.79 22.68 -2.91
C CYS B 493 -14.76 23.00 -4.04
N ASP B 494 -14.29 23.38 -5.23
CA ASP B 494 -15.20 23.62 -6.35
C ASP B 494 -14.41 23.50 -7.65
N GLN B 495 -15.06 23.84 -8.78
CA GLN B 495 -14.38 23.74 -10.07
C GLN B 495 -13.23 24.74 -10.19
N VAL B 496 -13.30 25.86 -9.47
CA VAL B 496 -12.22 26.84 -9.56
C VAL B 496 -10.97 26.34 -8.86
N GLU B 497 -11.11 25.96 -7.58
CA GLU B 497 -9.99 25.31 -6.90
C GLU B 497 -9.53 24.09 -7.67
N SER B 498 -10.44 23.37 -8.33
CA SER B 498 -10.04 22.17 -9.06
C SER B 498 -9.08 22.52 -10.19
N ALA B 499 -9.42 23.54 -10.99
CA ALA B 499 -8.56 23.93 -12.11
C ALA B 499 -7.23 24.51 -11.63
N VAL B 500 -7.23 25.20 -10.47
CA VAL B 500 -5.97 25.70 -9.92
C VAL B 500 -5.09 24.53 -9.50
N ALA B 501 -5.68 23.58 -8.77
CA ALA B 501 -4.95 22.37 -8.37
C ALA B 501 -4.35 21.67 -9.57
N TRP B 502 -5.11 21.56 -10.67
CA TRP B 502 -4.55 20.92 -11.87
C TRP B 502 -3.43 21.77 -12.47
N LYS B 503 -3.58 23.08 -12.50
CA LYS B 503 -2.53 23.91 -13.10
C LYS B 503 -1.24 23.78 -12.32
N LEU B 504 -1.33 23.87 -10.98
CA LEU B 504 -0.17 23.70 -10.14
C LEU B 504 0.44 22.31 -10.28
N ALA B 505 -0.40 21.28 -10.41
CA ALA B 505 0.11 19.92 -10.54
C ALA B 505 0.92 19.77 -11.83
N ILE B 506 0.40 20.33 -12.92
CA ILE B 506 1.11 20.25 -14.20
C ILE B 506 2.47 20.94 -14.09
N GLU B 507 2.53 22.04 -13.35
CA GLU B 507 3.77 22.75 -13.13
C GLU B 507 4.67 22.11 -12.09
N ARG B 508 4.14 21.19 -11.27
CA ARG B 508 4.88 20.65 -10.13
C ARG B 508 5.75 19.50 -10.63
N LYS B 509 7.03 19.78 -10.88
CA LYS B 509 7.87 18.79 -11.54
C LYS B 509 8.87 18.17 -10.57
N ASP B 510 8.94 18.66 -9.34
CA ASP B 510 9.87 18.16 -8.34
C ASP B 510 9.16 17.34 -7.26
N GLY B 511 8.04 16.71 -7.59
CA GLY B 511 7.33 15.90 -6.64
C GLY B 511 5.92 15.54 -7.06
N PRO B 512 5.34 14.53 -6.41
CA PRO B 512 4.01 14.05 -6.81
C PRO B 512 2.90 14.99 -6.40
N SER B 513 1.74 14.78 -7.01
CA SER B 513 0.55 15.59 -6.80
C SER B 513 -0.62 14.64 -6.61
N ALA B 514 -1.24 14.69 -5.43
CA ALA B 514 -2.43 13.89 -5.14
C ALA B 514 -3.62 14.83 -5.23
N LEU B 515 -4.42 14.69 -6.28
CA LEU B 515 -5.57 15.55 -6.55
C LEU B 515 -6.83 14.83 -6.10
N ILE B 516 -7.50 15.35 -5.06
CA ILE B 516 -8.55 14.63 -4.36
C ILE B 516 -9.91 15.21 -4.78
N PHE B 517 -10.72 14.41 -5.44
CA PHE B 517 -11.95 14.86 -6.08
C PHE B 517 -13.16 14.13 -5.55
N SER B 518 -14.28 14.83 -5.51
CA SER B 518 -15.52 14.34 -4.95
C SER B 518 -16.32 13.57 -5.99
N ARG B 519 -17.10 12.60 -5.52
CA ARG B 519 -18.09 11.98 -6.39
C ARG B 519 -19.30 12.89 -6.57
N GLN B 520 -19.74 13.53 -5.49
CA GLN B 520 -20.97 14.31 -5.48
C GLN B 520 -20.68 15.76 -5.88
N ASN B 521 -21.77 16.48 -6.20
CA ASN B 521 -21.67 17.86 -6.69
C ASN B 521 -21.29 18.81 -5.57
N LEU B 522 -20.53 19.85 -5.95
CA LEU B 522 -19.98 20.83 -5.02
C LEU B 522 -20.34 22.23 -5.46
N ALA B 523 -20.79 23.04 -4.51
CA ALA B 523 -21.21 24.41 -4.79
C ALA B 523 -20.02 25.32 -5.02
N GLN B 524 -20.11 26.16 -6.06
CA GLN B 524 -19.04 27.10 -6.34
C GLN B 524 -19.12 28.26 -5.37
N GLN B 525 -17.96 28.74 -4.94
CA GLN B 525 -17.87 29.87 -4.03
C GLN B 525 -17.43 31.12 -4.77
N GLU B 526 -17.89 32.26 -4.28
CA GLU B 526 -17.49 33.55 -4.84
C GLU B 526 -16.09 33.91 -4.37
N ARG B 527 -15.32 34.48 -5.29
CA ARG B 527 -13.94 34.84 -4.99
C ARG B 527 -13.58 36.12 -5.74
N THR B 528 -12.94 37.05 -5.05
CA THR B 528 -12.27 38.13 -5.73
C THR B 528 -11.08 37.58 -6.52
N ALA B 529 -10.48 38.41 -7.36
CA ALA B 529 -9.32 37.95 -8.09
C ALA B 529 -8.13 37.71 -7.16
N GLU B 530 -8.02 38.48 -6.07
CA GLU B 530 -6.98 38.17 -5.09
C GLU B 530 -7.21 36.80 -4.45
N GLN B 531 -8.46 36.48 -4.13
CA GLN B 531 -8.75 35.19 -3.53
C GLN B 531 -8.46 34.05 -4.48
N VAL B 532 -8.77 34.24 -5.78
CA VAL B 532 -8.44 33.21 -6.76
C VAL B 532 -6.93 32.95 -6.75
N ALA B 533 -6.15 34.03 -6.72
CA ALA B 533 -4.70 33.88 -6.74
C ALA B 533 -4.19 33.24 -5.46
N ASP B 534 -4.92 33.37 -4.37
CA ASP B 534 -4.49 32.84 -3.08
C ASP B 534 -4.85 31.36 -2.94
N ILE B 535 -5.66 30.81 -3.83
CA ILE B 535 -5.90 29.37 -3.80
C ILE B 535 -4.58 28.63 -3.85
N ALA B 536 -3.66 29.08 -4.71
CA ALA B 536 -2.36 28.46 -4.87
C ALA B 536 -1.54 28.47 -3.59
N LYS B 537 -1.86 29.34 -2.63
CA LYS B 537 -1.20 29.34 -1.34
C LYS B 537 -1.70 28.24 -0.40
N GLY B 538 -2.69 27.45 -0.81
CA GLY B 538 -3.10 26.27 -0.08
C GLY B 538 -4.08 26.51 1.06
N GLY B 539 -4.04 27.68 1.67
CA GLY B 539 -5.04 28.06 2.64
C GLY B 539 -5.24 29.57 2.56
N TYR B 540 -6.48 30.01 2.48
CA TYR B 540 -6.77 31.43 2.28
C TYR B 540 -8.12 31.74 2.90
N ILE B 541 -8.36 33.03 3.15
CA ILE B 541 -9.62 33.48 3.71
C ILE B 541 -10.67 33.49 2.60
N LEU B 542 -11.68 32.65 2.74
CA LEU B 542 -12.75 32.59 1.75
C LEU B 542 -13.89 33.54 2.10
N LYS B 543 -14.27 33.59 3.38
CA LYS B 543 -15.28 34.51 3.90
C LYS B 543 -14.72 35.13 5.17
N ASP B 544 -14.82 36.45 5.29
CA ASP B 544 -14.29 37.13 6.44
C ASP B 544 -15.39 37.89 7.18
N SER B 545 -15.16 38.14 8.46
CA SER B 545 -16.07 38.97 9.22
C SER B 545 -15.65 40.44 9.05
N ASP B 546 -16.52 41.35 9.49
CA ASP B 546 -16.10 42.74 9.63
C ASP B 546 -15.52 42.92 11.03
N GLY B 547 -14.24 43.28 11.08
CA GLY B 547 -13.48 43.22 12.31
C GLY B 547 -12.94 41.82 12.55
N LYS B 548 -12.11 41.71 13.59
CA LYS B 548 -11.45 40.45 13.88
C LYS B 548 -12.48 39.35 14.09
N PRO B 549 -12.27 38.16 13.53
CA PRO B 549 -13.20 37.05 13.79
C PRO B 549 -13.09 36.55 15.22
N GLU B 550 -14.22 36.19 15.81
CA GLU B 550 -14.21 35.47 17.06
C GLU B 550 -14.25 33.96 16.86
N LEU B 551 -14.45 33.49 15.64
CA LEU B 551 -14.51 32.08 15.33
C LEU B 551 -14.01 31.89 13.91
N ILE B 552 -13.20 30.86 13.70
CA ILE B 552 -12.65 30.53 12.38
C ILE B 552 -13.07 29.12 12.05
N LEU B 553 -13.76 28.96 10.93
CA LEU B 553 -14.08 27.64 10.39
C LEU B 553 -13.05 27.33 9.31
N ILE B 554 -12.31 26.24 9.48
CA ILE B 554 -11.35 25.76 8.49
C ILE B 554 -11.96 24.53 7.83
N ALA B 555 -12.09 24.55 6.51
CA ALA B 555 -12.72 23.43 5.82
C ALA B 555 -12.02 23.16 4.50
N THR B 556 -12.22 21.94 4.00
CA THR B 556 -11.58 21.45 2.80
C THR B 556 -12.63 20.82 1.89
N GLY B 557 -12.31 20.80 0.60
CA GLY B 557 -13.11 20.07 -0.37
C GLY B 557 -14.62 20.22 -0.20
N SER B 558 -15.32 19.09 -0.10
CA SER B 558 -16.79 19.11 -0.10
C SER B 558 -17.38 19.75 1.16
N GLU B 559 -16.60 19.90 2.22
CA GLU B 559 -17.16 20.44 3.47
C GLU B 559 -17.14 21.95 3.53
N VAL B 560 -16.57 22.62 2.52
CA VAL B 560 -16.49 24.08 2.54
C VAL B 560 -17.88 24.70 2.48
N GLU B 561 -18.77 24.18 1.63
CA GLU B 561 -20.14 24.70 1.58
C GLU B 561 -20.83 24.56 2.93
N LEU B 562 -20.57 23.45 3.63
CA LEU B 562 -21.10 23.29 4.98
C LEU B 562 -20.58 24.38 5.90
N ALA B 563 -19.28 24.70 5.83
CA ALA B 563 -18.74 25.79 6.64
C ALA B 563 -19.38 27.12 6.25
N VAL B 564 -19.49 27.40 4.95
CA VAL B 564 -20.06 28.67 4.51
C VAL B 564 -21.50 28.83 5.01
N LYS B 565 -22.29 27.75 4.93
CA LYS B 565 -23.69 27.86 5.35
C LYS B 565 -23.80 28.02 6.86
N ALA B 566 -22.98 27.29 7.63
CA ALA B 566 -23.00 27.47 9.07
C ALA B 566 -22.50 28.86 9.45
N ALA B 567 -21.52 29.39 8.71
CA ALA B 567 -21.07 30.74 9.03
C ALA B 567 -22.15 31.76 8.75
N GLU B 568 -22.99 31.52 7.74
CA GLU B 568 -24.09 32.42 7.45
C GLU B 568 -25.09 32.46 8.61
N GLN B 569 -25.50 31.29 9.11
CA GLN B 569 -26.44 31.28 10.23
C GLN B 569 -25.84 31.91 11.49
N LEU B 570 -24.55 31.67 11.75
CA LEU B 570 -23.95 32.27 12.95
C LEU B 570 -23.80 33.77 12.80
N THR B 571 -23.46 34.23 11.59
CA THR B 571 -23.35 35.67 11.36
C THR B 571 -24.69 36.35 11.60
N ALA B 572 -25.79 35.76 11.11
CA ALA B 572 -27.12 36.29 11.38
C ALA B 572 -27.50 36.23 12.85
N GLU B 573 -26.80 35.45 13.67
CA GLU B 573 -27.04 35.43 15.10
C GLU B 573 -26.08 36.32 15.87
N GLY B 574 -25.34 37.18 15.16
CA GLY B 574 -24.47 38.16 15.78
C GLY B 574 -23.00 37.82 15.81
N LYS B 575 -22.61 36.64 15.34
CA LYS B 575 -21.23 36.20 15.51
C LYS B 575 -20.35 36.72 14.38
N LYS B 576 -19.08 36.95 14.70
CA LYS B 576 -18.06 37.29 13.72
C LYS B 576 -17.30 36.00 13.37
N VAL B 577 -17.53 35.48 12.16
CA VAL B 577 -17.06 34.17 11.75
C VAL B 577 -16.26 34.30 10.46
N ARG B 578 -15.04 33.77 10.46
CA ARG B 578 -14.26 33.68 9.25
C ARG B 578 -14.26 32.25 8.75
N VAL B 579 -14.31 32.07 7.44
CA VAL B 579 -14.21 30.75 6.82
C VAL B 579 -12.90 30.71 6.05
N VAL B 580 -12.06 29.72 6.37
CA VAL B 580 -10.78 29.51 5.69
C VAL B 580 -10.94 28.26 4.84
N SER B 581 -10.70 28.38 3.54
CA SER B 581 -10.61 27.22 2.67
C SER B 581 -9.16 26.75 2.68
N MET B 582 -8.96 25.46 2.91
CA MET B 582 -7.62 24.87 3.03
C MET B 582 -7.48 23.74 2.01
N PRO B 583 -7.44 24.06 0.71
CA PRO B 583 -7.29 23.00 -0.30
C PRO B 583 -6.01 22.18 -0.15
N ALA B 584 -4.89 22.78 0.27
CA ALA B 584 -3.62 22.04 0.38
C ALA B 584 -2.85 22.50 1.61
N THR B 585 -2.89 21.69 2.67
CA THR B 585 -2.17 22.05 3.89
C THR B 585 -0.67 22.15 3.64
N ASP B 586 -0.12 21.32 2.73
CA ASP B 586 1.32 21.36 2.49
C ASP B 586 1.75 22.66 1.83
N ALA B 587 0.90 23.23 0.95
CA ALA B 587 1.20 24.53 0.38
C ALA B 587 0.98 25.64 1.41
N PHE B 588 -0.02 25.49 2.28
CA PHE B 588 -0.22 26.48 3.33
C PHE B 588 0.95 26.52 4.29
N ASP B 589 1.50 25.36 4.63
CA ASP B 589 2.61 25.28 5.59
C ASP B 589 3.84 26.03 5.10
N LYS B 590 4.06 26.09 3.77
CA LYS B 590 5.23 26.72 3.20
C LYS B 590 5.10 28.22 3.01
N GLN B 591 3.91 28.79 3.22
CA GLN B 591 3.77 30.23 3.19
C GLN B 591 4.47 30.87 4.38
N ASP B 592 4.94 32.10 4.19
CA ASP B 592 5.69 32.80 5.22
C ASP B 592 4.82 33.02 6.47
N ALA B 593 5.50 33.27 7.59
CA ALA B 593 4.80 33.46 8.86
C ALA B 593 3.75 34.56 8.76
N ALA B 594 4.07 35.64 8.04
CA ALA B 594 3.15 36.76 7.94
C ALA B 594 1.86 36.36 7.25
N TYR B 595 1.95 35.61 6.16
CA TYR B 595 0.73 35.16 5.47
C TYR B 595 -0.08 34.22 6.35
N ARG B 596 0.58 33.23 6.95
CA ARG B 596 -0.14 32.24 7.74
C ARG B 596 -0.86 32.89 8.92
N GLU B 597 -0.18 33.81 9.63
CA GLU B 597 -0.82 34.56 10.70
C GLU B 597 -1.99 35.41 10.20
N SER B 598 -1.88 35.94 8.98
CA SER B 598 -3.00 36.69 8.41
C SER B 598 -4.23 35.81 8.22
N VAL B 599 -4.04 34.53 7.91
CA VAL B 599 -5.15 33.60 7.66
C VAL B 599 -5.66 32.99 8.94
N LEU B 600 -4.76 32.49 9.79
CA LEU B 600 -5.10 31.86 11.07
C LEU B 600 -4.35 32.62 12.17
N PRO B 601 -4.87 33.77 12.61
CA PRO B 601 -4.17 34.52 13.66
C PRO B 601 -4.08 33.72 14.95
N SER B 602 -2.90 33.74 15.55
CA SER B 602 -2.66 32.92 16.73
C SER B 602 -3.54 33.33 17.91
N ASP B 603 -4.02 34.57 17.94
CA ASP B 603 -4.83 35.01 19.07
C ASP B 603 -6.29 34.62 18.93
N VAL B 604 -6.71 34.05 17.82
CA VAL B 604 -8.06 33.53 17.66
C VAL B 604 -7.97 32.01 17.79
N THR B 605 -8.23 31.51 19.00
CA THR B 605 -8.15 30.10 19.33
C THR B 605 -9.46 29.35 19.14
N ALA B 606 -10.57 30.04 18.81
CA ALA B 606 -11.85 29.38 18.60
C ALA B 606 -11.94 28.98 17.12
N ARG B 607 -11.36 27.83 16.80
CA ARG B 607 -11.32 27.32 15.44
C ARG B 607 -12.00 25.97 15.37
N ILE B 608 -12.68 25.70 14.25
CA ILE B 608 -13.29 24.40 14.00
C ILE B 608 -12.82 23.94 12.63
N ALA B 609 -12.19 22.76 12.56
CA ALA B 609 -11.83 22.13 11.31
C ALA B 609 -12.94 21.18 10.90
N ILE B 610 -13.37 21.25 9.65
CA ILE B 610 -14.50 20.49 9.16
C ILE B 610 -14.05 19.71 7.93
N GLU B 611 -14.06 18.39 8.02
CA GLU B 611 -13.57 17.55 6.92
C GLU B 611 -14.10 16.14 7.09
N ALA B 612 -14.62 15.55 6.01
CA ALA B 612 -15.09 14.17 6.03
C ALA B 612 -13.90 13.21 5.97
N GLY B 613 -13.05 13.32 6.99
CA GLY B 613 -11.84 12.53 7.10
C GLY B 613 -11.44 12.41 8.56
N ILE B 614 -10.34 11.70 8.79
CA ILE B 614 -9.93 11.36 10.14
C ILE B 614 -9.66 12.64 10.93
N THR B 615 -10.23 12.73 12.13
CA THR B 615 -10.21 14.02 12.84
C THR B 615 -8.84 14.33 13.39
N ASP B 616 -8.10 13.30 13.86
CA ASP B 616 -6.88 13.53 14.63
C ASP B 616 -5.82 14.31 13.85
N PHE B 617 -5.85 14.27 12.52
CA PHE B 617 -4.92 15.09 11.74
C PHE B 617 -5.01 16.56 12.14
N TRP B 618 -6.22 17.06 12.42
CA TRP B 618 -6.47 18.50 12.47
C TRP B 618 -6.04 19.19 13.75
N TYR B 619 -5.49 18.46 14.74
CA TYR B 619 -4.93 19.15 15.89
C TYR B 619 -3.83 20.12 15.51
N LYS B 620 -3.17 19.87 14.36
CA LYS B 620 -2.14 20.79 13.90
C LYS B 620 -2.67 22.21 13.71
N TYR B 621 -3.93 22.36 13.28
CA TYR B 621 -4.47 23.68 12.97
C TYR B 621 -5.44 24.22 14.01
N VAL B 622 -5.96 23.39 14.91
CA VAL B 622 -6.87 23.86 15.95
C VAL B 622 -6.35 23.65 17.35
N GLY B 623 -5.31 22.83 17.55
CA GLY B 623 -4.75 22.68 18.88
C GLY B 623 -5.75 22.17 19.90
N PHE B 624 -5.49 22.51 21.17
CA PHE B 624 -6.35 22.07 22.28
C PHE B 624 -7.60 22.90 22.45
N ASP B 625 -7.61 24.15 21.99
CA ASP B 625 -8.74 25.02 22.25
C ASP B 625 -9.77 25.04 21.12
N GLY B 626 -9.49 24.37 20.01
CA GLY B 626 -10.42 24.28 18.91
C GLY B 626 -11.22 22.99 18.96
N ARG B 627 -11.98 22.78 17.90
CA ARG B 627 -12.80 21.58 17.77
C ARG B 627 -12.64 21.05 16.36
N ILE B 628 -12.91 19.76 16.19
CA ILE B 628 -12.83 19.13 14.88
C ILE B 628 -14.14 18.43 14.62
N ILE B 629 -14.75 18.73 13.47
CA ILE B 629 -15.89 17.95 13.02
C ILE B 629 -15.42 17.06 11.88
N GLY B 630 -15.04 15.82 12.21
CA GLY B 630 -14.59 14.88 11.20
C GLY B 630 -15.03 13.45 11.46
N MET B 631 -14.35 12.49 10.84
CA MET B 631 -14.65 11.08 11.01
C MET B 631 -13.73 10.49 12.06
N THR B 632 -14.26 9.58 12.88
CA THR B 632 -13.44 8.80 13.80
C THR B 632 -13.60 7.30 13.58
N THR B 633 -14.36 6.88 12.58
CA THR B 633 -14.64 5.47 12.35
C THR B 633 -14.64 5.23 10.86
N PHE B 634 -14.72 3.96 10.47
CA PHE B 634 -15.04 3.60 9.11
C PHE B 634 -16.45 4.08 8.78
N GLY B 635 -16.76 4.17 7.48
CA GLY B 635 -18.06 4.56 7.01
C GLY B 635 -19.09 3.45 7.07
N GLU B 636 -20.11 3.56 6.21
CA GLU B 636 -21.22 2.62 6.18
C GLU B 636 -21.80 2.65 4.77
N SER B 637 -22.37 1.53 4.35
CA SER B 637 -23.07 1.46 3.08
C SER B 637 -24.47 2.08 3.24
N ALA B 638 -24.68 3.24 2.64
CA ALA B 638 -25.97 3.94 2.60
C ALA B 638 -25.86 5.09 1.62
N PRO B 639 -27.00 5.65 1.19
CA PRO B 639 -26.95 6.90 0.41
C PRO B 639 -26.21 8.01 1.14
N ALA B 640 -25.53 8.85 0.36
CA ALA B 640 -24.55 9.76 0.94
C ALA B 640 -25.19 10.78 1.86
N ASP B 641 -26.38 11.30 1.50
CA ASP B 641 -26.95 12.33 2.36
C ASP B 641 -27.26 11.77 3.75
N GLN B 642 -27.64 10.50 3.84
CA GLN B 642 -27.84 9.87 5.15
C GLN B 642 -26.52 9.71 5.90
N LEU B 643 -25.42 9.41 5.19
CA LEU B 643 -24.11 9.28 5.84
C LEU B 643 -23.65 10.62 6.41
N PHE B 644 -23.77 11.68 5.62
CA PHE B 644 -23.36 12.99 6.10
C PHE B 644 -24.14 13.41 7.32
N GLU B 645 -25.45 13.13 7.35
CA GLU B 645 -26.26 13.44 8.53
C GLU B 645 -25.86 12.59 9.72
N MET B 646 -25.76 11.27 9.52
CA MET B 646 -25.38 10.36 10.61
C MET B 646 -24.03 10.74 11.21
N PHE B 647 -23.06 11.16 10.39
CA PHE B 647 -21.73 11.41 10.93
C PHE B 647 -21.52 12.86 11.32
N GLY B 648 -22.59 13.66 11.36
CA GLY B 648 -22.52 15.00 11.92
C GLY B 648 -22.13 16.10 10.96
N PHE B 649 -22.05 15.83 9.66
CA PHE B 649 -21.73 16.89 8.71
C PHE B 649 -23.02 17.60 8.30
N THR B 650 -23.55 18.34 9.28
CA THR B 650 -24.80 19.08 9.14
C THR B 650 -24.57 20.51 9.64
N VAL B 651 -25.34 21.44 9.08
CA VAL B 651 -25.24 22.84 9.51
C VAL B 651 -25.57 22.95 11.01
N GLU B 652 -26.58 22.21 11.47
CA GLU B 652 -26.95 22.30 12.88
C GLU B 652 -25.81 21.86 13.79
N ASN B 653 -25.18 20.72 13.45
CA ASN B 653 -24.05 20.26 14.26
C ASN B 653 -22.88 21.24 14.24
N VAL B 654 -22.61 21.89 13.10
CA VAL B 654 -21.54 22.87 13.08
C VAL B 654 -21.90 24.08 13.93
N VAL B 655 -23.15 24.55 13.81
CA VAL B 655 -23.62 25.71 14.58
C VAL B 655 -23.59 25.41 16.08
N ASN B 656 -24.10 24.25 16.49
CA ASN B 656 -24.10 23.90 17.91
C ASN B 656 -22.69 23.78 18.46
N THR B 657 -21.82 23.06 17.75
CA THR B 657 -20.41 22.98 18.17
C THR B 657 -19.81 24.36 18.33
N ALA B 658 -20.11 25.27 17.40
CA ALA B 658 -19.58 26.64 17.47
C ALA B 658 -20.06 27.36 18.71
N LYS B 659 -21.37 27.27 19.01
CA LYS B 659 -21.89 27.97 20.18
C LYS B 659 -21.32 27.39 21.47
N GLU B 660 -21.21 26.05 21.55
CA GLU B 660 -20.57 25.44 22.70
C GLU B 660 -19.12 25.90 22.84
N LEU B 661 -18.40 25.95 21.71
CA LEU B 661 -17.00 26.38 21.72
C LEU B 661 -16.88 27.84 22.15
N LEU B 662 -17.77 28.70 21.64
CA LEU B 662 -17.73 30.11 22.01
C LEU B 662 -18.04 30.30 23.50
N ALA B 663 -18.95 29.48 24.05
CA ALA B 663 -19.21 29.54 25.48
C ALA B 663 -17.97 29.19 26.30
N GLU B 664 -17.06 28.36 25.77
CA GLU B 664 -15.87 28.05 26.55
C GLU B 664 -14.88 29.21 26.55
N ASN B 665 -15.10 30.21 25.71
CA ASN B 665 -14.31 31.44 25.68
C ASN B 665 -14.77 32.47 26.71
N LEU B 666 -15.82 32.19 27.49
CA LEU B 666 -16.25 33.11 28.53
C LEU B 666 -15.26 33.09 29.70
N TYR B 667 -15.43 34.07 30.60
CA TYR B 667 -14.60 34.20 31.80
C TYR B 667 -13.13 34.40 31.44
N PHE B 668 -12.88 35.01 30.28
CA PHE B 668 -11.55 35.26 29.73
C PHE B 668 -10.75 33.98 29.48
N GLN B 669 -11.41 32.82 29.43
CA GLN B 669 -10.69 31.56 29.28
C GLN B 669 -10.03 31.43 27.91
N GLY B 670 -10.49 32.17 26.91
CA GLY B 670 -9.82 32.17 25.61
C GLY B 670 -8.73 33.23 25.50
N LEU B 671 -9.00 34.44 26.03
CA LEU B 671 -8.02 35.52 25.96
C LEU B 671 -6.75 35.20 26.75
N GLU B 672 -6.86 34.36 27.78
CA GLU B 672 -5.69 33.94 28.53
C GLU B 672 -4.72 33.14 27.66
N HIS B 673 -5.19 32.62 26.51
CA HIS B 673 -4.32 31.82 25.66
C HIS B 673 -3.22 32.68 25.05
N HIS B 674 -1.99 32.17 25.11
CA HIS B 674 -0.83 32.82 24.49
C HIS B 674 0.23 31.77 24.15
N1' TPP C . -9.23 -1.43 -7.45
C2' TPP C . -9.49 -2.24 -6.41
CM2 TPP C . -8.31 -2.78 -5.67
N3' TPP C . -10.70 -2.61 -6.01
C4' TPP C . -11.77 -2.12 -6.67
N4' TPP C . -12.98 -2.51 -6.25
C5' TPP C . -11.60 -1.22 -7.76
C6' TPP C . -10.30 -0.94 -8.09
C7' TPP C . -12.75 -0.66 -8.52
N3 TPP C . -13.55 -1.72 -9.19
C2 TPP C . -14.54 -2.37 -8.61
S1 TPP C . -15.22 -3.53 -9.63
C5 TPP C . -14.07 -3.13 -10.87
C4 TPP C . -13.24 -2.15 -10.47
CM4 TPP C . -12.13 -1.51 -11.25
C6 TPP C . -14.11 -3.83 -12.20
C7 TPP C . -13.33 -5.11 -12.22
O7 TPP C . -13.90 -5.94 -13.25
PA TPP C . -14.19 -7.47 -13.07
O1A TPP C . -13.52 -7.97 -11.85
O2A TPP C . -13.85 -8.02 -14.45
O3A TPP C . -15.75 -7.47 -12.90
PB TPP C . -17.05 -7.67 -13.78
O1B TPP C . -16.75 -8.59 -14.92
O2B TPP C . -18.09 -8.15 -12.80
O3B TPP C . -17.42 -6.24 -14.25
C1 EDO D . -21.10 -21.42 3.30
O1 EDO D . -20.40 -22.65 3.52
C2 EDO D . -20.15 -20.26 2.99
O2 EDO D . -21.04 -19.17 2.67
C1 EDO E . -8.55 -11.93 -20.82
O1 EDO E . -9.88 -11.98 -21.39
C2 EDO E . -7.94 -13.32 -20.61
O2 EDO E . -6.84 -13.27 -19.68
C1 EDO F . -12.93 -1.37 -25.44
O1 EDO F . -14.35 -1.56 -25.25
C2 EDO F . -12.55 -0.07 -24.76
O2 EDO F . -13.62 0.87 -24.90
C1 EDO G . 18.55 8.86 19.98
O1 EDO G . 19.31 7.89 20.71
C2 EDO G . 17.18 8.29 19.67
O2 EDO G . 17.06 6.94 20.16
C1 EDO H . -17.17 -0.62 -8.81
O1 EDO H . -16.63 0.35 -9.71
C2 EDO H . -17.53 0.06 -7.49
O2 EDO H . -18.59 0.99 -7.77
C1 EDO I . 5.12 16.05 6.34
O1 EDO I . 4.31 16.72 7.33
C2 EDO I . 5.62 17.04 5.28
O2 EDO I . 7.02 17.30 5.46
MG MG J . -14.80 -9.15 -16.00
NI NI K . -5.72 37.95 31.29
C1 EDO L . -7.82 7.07 14.60
O1 EDO L . -8.92 6.16 14.57
C2 EDO L . -7.83 7.75 15.95
O2 EDO L . -6.74 8.68 15.96
N1' TPP M . 10.26 -6.08 0.50
C2' TPP M . 10.51 -5.14 -0.42
CM2 TPP M . 9.35 -4.59 -1.16
N3' TPP M . 11.71 -4.62 -0.68
C4' TPP M . 12.77 -5.08 0.02
N4' TPP M . 13.96 -4.56 -0.26
C5' TPP M . 12.59 -6.09 1.01
C6' TPP M . 11.31 -6.55 1.17
C7' TPP M . 13.73 -6.67 1.80
N3 TPP M . 14.70 -7.38 0.95
C2 TPP M . 15.73 -6.81 0.34
S1 TPP M . 16.62 -7.91 -0.57
C5 TPP M . 15.54 -9.20 -0.15
C4 TPP M . 14.56 -8.75 0.66
CM4 TPP M . 13.43 -9.52 1.25
C6 TPP M . 15.76 -10.60 -0.64
C7 TPP M . 15.34 -10.84 -2.06
O7 TPP M . 16.34 -11.68 -2.68
PA TPP M . 16.72 -11.59 -4.20
O1A TPP M . 15.89 -10.54 -4.81
O2A TPP M . 16.66 -13.04 -4.74
O3A TPP M . 18.22 -11.18 -4.15
PB TPP M . 19.62 -11.84 -3.84
O1B TPP M . 19.74 -12.19 -2.39
O2B TPP M . 19.64 -13.11 -4.73
O3B TPP M . 20.63 -10.82 -4.32
C1 EDO N . 22.16 4.09 -17.61
O1 EDO N . 23.37 4.50 -16.91
C2 EDO N . 22.60 3.73 -19.03
O2 EDO N . 22.85 4.91 -19.81
C1 EDO O . 13.10 -20.23 -8.43
O1 EDO O . 14.51 -20.49 -8.27
C2 EDO O . 12.67 -20.50 -9.88
O2 EDO O . 11.48 -19.73 -10.17
C1 EDO P . 17.17 -22.82 4.10
O1 EDO P . 17.70 -23.08 2.80
C2 EDO P . 15.65 -22.82 4.00
O2 EDO P . 15.09 -22.66 5.31
C1 EDO Q . -20.59 17.72 3.86
O1 EDO Q . -20.16 17.71 2.50
C2 EDO Q . -22.11 17.83 3.86
O2 EDO Q . -22.46 19.19 3.65
C1 EDO R . 17.41 -6.40 3.55
O1 EDO R . 18.53 -7.24 3.23
C2 EDO R . 17.72 -4.97 3.08
O2 EDO R . 18.99 -4.61 3.66
MG MG S . 17.88 -14.39 -5.45
#